data_3PO8
# 
_entry.id   3PO8 
# 
_audit_conform.dict_name       mmcif_pdbx.dic 
_audit_conform.dict_version    5.388 
_audit_conform.dict_location   http://mmcif.pdb.org/dictionaries/ascii/mmcif_pdbx.dic 
# 
loop_
_database_2.database_id 
_database_2.database_code 
_database_2.pdbx_database_accession 
_database_2.pdbx_DOI 
PDB   3PO8         pdb_00003po8 10.2210/pdb3po8/pdb 
RCSB  RCSB062615   ?            ?                   
WWPDB D_1000062615 ?            ?                   
# 
loop_
_pdbx_audit_revision_history.ordinal 
_pdbx_audit_revision_history.data_content_type 
_pdbx_audit_revision_history.major_revision 
_pdbx_audit_revision_history.minor_revision 
_pdbx_audit_revision_history.revision_date 
1 'Structure model' 1 0 2011-01-26 
2 'Structure model' 1 1 2011-07-13 
3 'Structure model' 1 2 2024-03-20 
# 
_pdbx_audit_revision_details.ordinal             1 
_pdbx_audit_revision_details.revision_ordinal    1 
_pdbx_audit_revision_details.data_content_type   'Structure model' 
_pdbx_audit_revision_details.provider            repository 
_pdbx_audit_revision_details.type                'Initial release' 
_pdbx_audit_revision_details.description         ? 
_pdbx_audit_revision_details.details             ? 
# 
loop_
_pdbx_audit_revision_group.ordinal 
_pdbx_audit_revision_group.revision_ordinal 
_pdbx_audit_revision_group.data_content_type 
_pdbx_audit_revision_group.group 
1 2 'Structure model' 'Version format compliance' 
2 3 'Structure model' 'Data collection'           
3 3 'Structure model' 'Database references'       
4 3 'Structure model' 'Derived calculations'      
# 
loop_
_pdbx_audit_revision_category.ordinal 
_pdbx_audit_revision_category.revision_ordinal 
_pdbx_audit_revision_category.data_content_type 
_pdbx_audit_revision_category.category 
1 3 'Structure model' chem_comp_atom               
2 3 'Structure model' chem_comp_bond               
3 3 'Structure model' database_2                   
4 3 'Structure model' pdbx_struct_special_symmetry 
5 3 'Structure model' struct_ref_seq_dif           
6 3 'Structure model' struct_site                  
# 
loop_
_pdbx_audit_revision_item.ordinal 
_pdbx_audit_revision_item.revision_ordinal 
_pdbx_audit_revision_item.data_content_type 
_pdbx_audit_revision_item.item 
1 3 'Structure model' '_database_2.pdbx_DOI'                
2 3 'Structure model' '_database_2.pdbx_database_accession' 
3 3 'Structure model' '_struct_ref_seq_dif.details'         
4 3 'Structure model' '_struct_site.pdbx_auth_asym_id'      
5 3 'Structure model' '_struct_site.pdbx_auth_comp_id'      
6 3 'Structure model' '_struct_site.pdbx_auth_seq_id'       
# 
_pdbx_database_status.status_code                     REL 
_pdbx_database_status.entry_id                        3PO8 
_pdbx_database_status.recvd_initial_deposition_date   2010-11-22 
_pdbx_database_status.deposit_site                    RCSB 
_pdbx_database_status.process_site                    PDBJ 
_pdbx_database_status.status_code_sf                  REL 
_pdbx_database_status.status_code_mr                  ? 
_pdbx_database_status.SG_entry                        ? 
_pdbx_database_status.status_code_cs                  ? 
_pdbx_database_status.pdb_format_compatible           Y 
_pdbx_database_status.status_code_nmr_data            ? 
_pdbx_database_status.methods_development_category    ? 
# 
_pdbx_database_related.db_name        PDB 
_pdbx_database_related.db_id          3POA 
_pdbx_database_related.details        . 
_pdbx_database_related.content_type   unspecified 
# 
loop_
_audit_author.name 
_audit_author.pdbx_ordinal 
'Pennell, S.'   1 
'Smerdon, S.J.' 2 
# 
_citation.id                        primary 
_citation.title                     'Structural and functional analysis of phosphothreonine-dependent FHA domain interactions' 
_citation.journal_abbrev            Structure 
_citation.journal_volume            18 
_citation.page_first                1587 
_citation.page_last                 1595 
_citation.year                      2010 
_citation.journal_id_ASTM           STRUE6 
_citation.country                   UK 
_citation.journal_id_ISSN           0969-2126 
_citation.journal_id_CSD            2005 
_citation.book_publisher            ? 
_citation.pdbx_database_id_PubMed   21134638 
_citation.pdbx_database_id_DOI      10.1016/j.str.2010.09.014 
# 
loop_
_citation_author.citation_id 
_citation_author.name 
_citation_author.ordinal 
_citation_author.identifier_ORCID 
primary 'Pennell, S.'         1  ? 
primary 'Westcott, S.'        2  ? 
primary 'Ortiz-Lombardia, M.' 3  ? 
primary 'Patel, D.'           4  ? 
primary 'Li, J.'              5  ? 
primary 'Nott, T.J.'          6  ? 
primary 'Mohammed, D.'        7  ? 
primary 'Buxton, R.S.'        8  ? 
primary 'Yaffe, M.B.'         9  ? 
primary 'Verma, C.'           10 ? 
primary 'Smerdon, S.J.'       11 ? 
# 
loop_
_entity.id 
_entity.type 
_entity.src_method 
_entity.pdbx_description 
_entity.formula_weight 
_entity.pdbx_number_of_molecules 
_entity.pdbx_ec 
_entity.pdbx_mutation 
_entity.pdbx_fragment 
_entity.details 
1 polymer     man 'Putative uncharacterized protein TB39.8' 10947.088 1   ? ? 'FHA domain' ? 
2 non-polymer syn 'PHOSPHATE ION'                           94.971    1   ? ? ?            ? 
3 water       nat water                                     18.015    258 ? ? ?            ? 
# 
_entity_name_com.entity_id   1 
_entity_name_com.name        'Rv0020c protein' 
# 
_entity_poly.entity_id                      1 
_entity_poly.type                           'polypeptide(L)' 
_entity_poly.nstd_linkage                   no 
_entity_poly.nstd_monomer                   no 
_entity_poly.pdbx_seq_one_letter_code       
;SAGTSVTLQLDDGSGRTYQLREGSNIIGRGQDAQFRLPDTGVSRRHLEIRWDGQVALLADLNSTNGTTVNNAPVQEWQLA
DGDVIRLGHSEIIVRMHPLT
;
_entity_poly.pdbx_seq_one_letter_code_can   
;SAGTSVTLQLDDGSGRTYQLREGSNIIGRGQDAQFRLPDTGVSRRHLEIRWDGQVALLADLNSTNGTTVNNAPVQEWQLA
DGDVIRLGHSEIIVRMHPLT
;
_entity_poly.pdbx_strand_id                 A 
_entity_poly.pdbx_target_identifier         ? 
# 
loop_
_pdbx_entity_nonpoly.entity_id 
_pdbx_entity_nonpoly.name 
_pdbx_entity_nonpoly.comp_id 
2 'PHOSPHATE ION' PO4 
3 water           HOH 
# 
loop_
_entity_poly_seq.entity_id 
_entity_poly_seq.num 
_entity_poly_seq.mon_id 
_entity_poly_seq.hetero 
1 1   SER n 
1 2   ALA n 
1 3   GLY n 
1 4   THR n 
1 5   SER n 
1 6   VAL n 
1 7   THR n 
1 8   LEU n 
1 9   GLN n 
1 10  LEU n 
1 11  ASP n 
1 12  ASP n 
1 13  GLY n 
1 14  SER n 
1 15  GLY n 
1 16  ARG n 
1 17  THR n 
1 18  TYR n 
1 19  GLN n 
1 20  LEU n 
1 21  ARG n 
1 22  GLU n 
1 23  GLY n 
1 24  SER n 
1 25  ASN n 
1 26  ILE n 
1 27  ILE n 
1 28  GLY n 
1 29  ARG n 
1 30  GLY n 
1 31  GLN n 
1 32  ASP n 
1 33  ALA n 
1 34  GLN n 
1 35  PHE n 
1 36  ARG n 
1 37  LEU n 
1 38  PRO n 
1 39  ASP n 
1 40  THR n 
1 41  GLY n 
1 42  VAL n 
1 43  SER n 
1 44  ARG n 
1 45  ARG n 
1 46  HIS n 
1 47  LEU n 
1 48  GLU n 
1 49  ILE n 
1 50  ARG n 
1 51  TRP n 
1 52  ASP n 
1 53  GLY n 
1 54  GLN n 
1 55  VAL n 
1 56  ALA n 
1 57  LEU n 
1 58  LEU n 
1 59  ALA n 
1 60  ASP n 
1 61  LEU n 
1 62  ASN n 
1 63  SER n 
1 64  THR n 
1 65  ASN n 
1 66  GLY n 
1 67  THR n 
1 68  THR n 
1 69  VAL n 
1 70  ASN n 
1 71  ASN n 
1 72  ALA n 
1 73  PRO n 
1 74  VAL n 
1 75  GLN n 
1 76  GLU n 
1 77  TRP n 
1 78  GLN n 
1 79  LEU n 
1 80  ALA n 
1 81  ASP n 
1 82  GLY n 
1 83  ASP n 
1 84  VAL n 
1 85  ILE n 
1 86  ARG n 
1 87  LEU n 
1 88  GLY n 
1 89  HIS n 
1 90  SER n 
1 91  GLU n 
1 92  ILE n 
1 93  ILE n 
1 94  VAL n 
1 95  ARG n 
1 96  MET n 
1 97  HIS n 
1 98  PRO n 
1 99  LEU n 
1 100 THR n 
# 
_entity_src_gen.entity_id                          1 
_entity_src_gen.pdbx_src_id                        1 
_entity_src_gen.pdbx_alt_source_flag               sample 
_entity_src_gen.pdbx_seq_type                      ? 
_entity_src_gen.pdbx_beg_seq_num                   ? 
_entity_src_gen.pdbx_end_seq_num                   ? 
_entity_src_gen.gene_src_common_name               ? 
_entity_src_gen.gene_src_genus                     ? 
_entity_src_gen.pdbx_gene_src_gene                 Rv0020c 
_entity_src_gen.gene_src_species                   ? 
_entity_src_gen.gene_src_strain                    H37RV 
_entity_src_gen.gene_src_tissue                    ? 
_entity_src_gen.gene_src_tissue_fraction           ? 
_entity_src_gen.gene_src_details                   ? 
_entity_src_gen.pdbx_gene_src_fragment             ? 
_entity_src_gen.pdbx_gene_src_scientific_name      'Mycobacterium tuberculosis' 
_entity_src_gen.pdbx_gene_src_ncbi_taxonomy_id     1773 
_entity_src_gen.pdbx_gene_src_variant              ? 
_entity_src_gen.pdbx_gene_src_cell_line            ? 
_entity_src_gen.pdbx_gene_src_atcc                 ? 
_entity_src_gen.pdbx_gene_src_organ                ? 
_entity_src_gen.pdbx_gene_src_organelle            ? 
_entity_src_gen.pdbx_gene_src_cell                 ? 
_entity_src_gen.pdbx_gene_src_cellular_location    ? 
_entity_src_gen.host_org_common_name               ? 
_entity_src_gen.pdbx_host_org_scientific_name      'Escherichia coli' 
_entity_src_gen.pdbx_host_org_ncbi_taxonomy_id     562 
_entity_src_gen.host_org_genus                     ? 
_entity_src_gen.pdbx_host_org_gene                 ? 
_entity_src_gen.pdbx_host_org_organ                ? 
_entity_src_gen.host_org_species                   ? 
_entity_src_gen.pdbx_host_org_tissue               ? 
_entity_src_gen.pdbx_host_org_tissue_fraction      ? 
_entity_src_gen.pdbx_host_org_strain               'BL21(DE3)' 
_entity_src_gen.pdbx_host_org_variant              ? 
_entity_src_gen.pdbx_host_org_cell_line            ? 
_entity_src_gen.pdbx_host_org_atcc                 ? 
_entity_src_gen.pdbx_host_org_culture_collection   ? 
_entity_src_gen.pdbx_host_org_cell                 ? 
_entity_src_gen.pdbx_host_org_organelle            ? 
_entity_src_gen.pdbx_host_org_cellular_location    ? 
_entity_src_gen.pdbx_host_org_vector_type          plasmid 
_entity_src_gen.pdbx_host_org_vector               ? 
_entity_src_gen.host_org_details                   ? 
_entity_src_gen.expression_system_id               ? 
_entity_src_gen.plasmid_name                       pGEX-6P1 
_entity_src_gen.plasmid_details                    ? 
_entity_src_gen.pdbx_description                   ? 
# 
loop_
_chem_comp.id 
_chem_comp.type 
_chem_comp.mon_nstd_flag 
_chem_comp.name 
_chem_comp.pdbx_synonyms 
_chem_comp.formula 
_chem_comp.formula_weight 
ALA 'L-peptide linking' y ALANINE         ? 'C3 H7 N O2'     89.093  
ARG 'L-peptide linking' y ARGININE        ? 'C6 H15 N4 O2 1' 175.209 
ASN 'L-peptide linking' y ASPARAGINE      ? 'C4 H8 N2 O3'    132.118 
ASP 'L-peptide linking' y 'ASPARTIC ACID' ? 'C4 H7 N O4'     133.103 
GLN 'L-peptide linking' y GLUTAMINE       ? 'C5 H10 N2 O3'   146.144 
GLU 'L-peptide linking' y 'GLUTAMIC ACID' ? 'C5 H9 N O4'     147.129 
GLY 'peptide linking'   y GLYCINE         ? 'C2 H5 N O2'     75.067  
HIS 'L-peptide linking' y HISTIDINE       ? 'C6 H10 N3 O2 1' 156.162 
HOH non-polymer         . WATER           ? 'H2 O'           18.015  
ILE 'L-peptide linking' y ISOLEUCINE      ? 'C6 H13 N O2'    131.173 
LEU 'L-peptide linking' y LEUCINE         ? 'C6 H13 N O2'    131.173 
MET 'L-peptide linking' y METHIONINE      ? 'C5 H11 N O2 S'  149.211 
PHE 'L-peptide linking' y PHENYLALANINE   ? 'C9 H11 N O2'    165.189 
PO4 non-polymer         . 'PHOSPHATE ION' ? 'O4 P -3'        94.971  
PRO 'L-peptide linking' y PROLINE         ? 'C5 H9 N O2'     115.130 
SER 'L-peptide linking' y SERINE          ? 'C3 H7 N O3'     105.093 
THR 'L-peptide linking' y THREONINE       ? 'C4 H9 N O3'     119.119 
TRP 'L-peptide linking' y TRYPTOPHAN      ? 'C11 H12 N2 O2'  204.225 
TYR 'L-peptide linking' y TYROSINE        ? 'C9 H11 N O3'    181.189 
VAL 'L-peptide linking' y VALINE          ? 'C5 H11 N O2'    117.146 
# 
loop_
_pdbx_poly_seq_scheme.asym_id 
_pdbx_poly_seq_scheme.entity_id 
_pdbx_poly_seq_scheme.seq_id 
_pdbx_poly_seq_scheme.mon_id 
_pdbx_poly_seq_scheme.ndb_seq_num 
_pdbx_poly_seq_scheme.pdb_seq_num 
_pdbx_poly_seq_scheme.auth_seq_num 
_pdbx_poly_seq_scheme.pdb_mon_id 
_pdbx_poly_seq_scheme.auth_mon_id 
_pdbx_poly_seq_scheme.pdb_strand_id 
_pdbx_poly_seq_scheme.pdb_ins_code 
_pdbx_poly_seq_scheme.hetero 
A 1 1   SER 1   1   ?   ?   ?   A . n 
A 1 2   ALA 2   2   ?   ?   ?   A . n 
A 1 3   GLY 3   3   3   GLY ALA A . n 
A 1 4   THR 4   4   4   THR THR A . n 
A 1 5   SER 5   5   5   SER SER A . n 
A 1 6   VAL 6   6   6   VAL VAL A . n 
A 1 7   THR 7   7   7   THR THR A . n 
A 1 8   LEU 8   8   8   LEU LEU A . n 
A 1 9   GLN 9   9   9   GLN GLN A . n 
A 1 10  LEU 10  10  10  LEU LEU A . n 
A 1 11  ASP 11  11  11  ASP ASP A . n 
A 1 12  ASP 12  12  12  ASP ASP A . n 
A 1 13  GLY 13  13  13  GLY GLY A . n 
A 1 14  SER 14  14  14  SER SER A . n 
A 1 15  GLY 15  15  15  GLY GLY A . n 
A 1 16  ARG 16  16  16  ARG ARG A . n 
A 1 17  THR 17  17  17  THR THR A . n 
A 1 18  TYR 18  18  18  TYR TYR A . n 
A 1 19  GLN 19  19  19  GLN GLN A . n 
A 1 20  LEU 20  20  20  LEU LEU A . n 
A 1 21  ARG 21  21  21  ARG ARG A . n 
A 1 22  GLU 22  22  22  GLU GLU A . n 
A 1 23  GLY 23  23  23  GLY GLY A . n 
A 1 24  SER 24  24  24  SER SER A . n 
A 1 25  ASN 25  25  25  ASN ASN A . n 
A 1 26  ILE 26  26  26  ILE ILE A . n 
A 1 27  ILE 27  27  27  ILE ILE A . n 
A 1 28  GLY 28  28  28  GLY GLY A . n 
A 1 29  ARG 29  29  29  ARG ARG A . n 
A 1 30  GLY 30  30  30  GLY GLY A . n 
A 1 31  GLN 31  31  31  GLN GLN A . n 
A 1 32  ASP 32  32  32  ASP ASP A . n 
A 1 33  ALA 33  33  33  ALA ALA A . n 
A 1 34  GLN 34  34  34  GLN GLN A . n 
A 1 35  PHE 35  35  35  PHE PHE A . n 
A 1 36  ARG 36  36  36  ARG ARG A . n 
A 1 37  LEU 37  37  37  LEU LEU A . n 
A 1 38  PRO 38  38  38  PRO PRO A . n 
A 1 39  ASP 39  39  39  ASP ASP A . n 
A 1 40  THR 40  40  40  THR THR A . n 
A 1 41  GLY 41  41  41  GLY GLY A . n 
A 1 42  VAL 42  42  42  VAL VAL A . n 
A 1 43  SER 43  43  43  SER SER A . n 
A 1 44  ARG 44  44  44  ARG ARG A . n 
A 1 45  ARG 45  45  45  ARG ARG A . n 
A 1 46  HIS 46  46  46  HIS HIS A . n 
A 1 47  LEU 47  47  47  LEU LEU A . n 
A 1 48  GLU 48  48  48  GLU GLU A . n 
A 1 49  ILE 49  49  49  ILE ILE A . n 
A 1 50  ARG 50  50  50  ARG ARG A . n 
A 1 51  TRP 51  51  51  TRP TRP A . n 
A 1 52  ASP 52  52  52  ASP ASP A . n 
A 1 53  GLY 53  53  53  GLY GLY A . n 
A 1 54  GLN 54  54  54  GLN GLN A . n 
A 1 55  VAL 55  55  55  VAL VAL A . n 
A 1 56  ALA 56  56  56  ALA ALA A . n 
A 1 57  LEU 57  57  57  LEU LEU A . n 
A 1 58  LEU 58  58  58  LEU LEU A . n 
A 1 59  ALA 59  59  59  ALA ALA A . n 
A 1 60  ASP 60  60  60  ASP ASP A . n 
A 1 61  LEU 61  61  61  LEU LEU A . n 
A 1 62  ASN 62  62  62  ASN ASN A . n 
A 1 63  SER 63  63  63  SER SER A . n 
A 1 64  THR 64  64  64  THR THR A . n 
A 1 65  ASN 65  65  65  ASN ASN A . n 
A 1 66  GLY 66  66  66  GLY GLY A . n 
A 1 67  THR 67  67  67  THR THR A . n 
A 1 68  THR 68  68  68  THR THR A . n 
A 1 69  VAL 69  69  69  VAL VAL A . n 
A 1 70  ASN 70  70  70  ASN ASN A . n 
A 1 71  ASN 71  71  71  ASN ASN A . n 
A 1 72  ALA 72  72  72  ALA ALA A . n 
A 1 73  PRO 73  73  73  PRO PRO A . n 
A 1 74  VAL 74  74  74  VAL VAL A . n 
A 1 75  GLN 75  75  75  GLN GLN A . n 
A 1 76  GLU 76  76  76  GLU GLU A . n 
A 1 77  TRP 77  77  77  TRP TRP A . n 
A 1 78  GLN 78  78  78  GLN GLN A . n 
A 1 79  LEU 79  79  79  LEU LEU A . n 
A 1 80  ALA 80  80  80  ALA ALA A . n 
A 1 81  ASP 81  81  81  ASP ASP A . n 
A 1 82  GLY 82  82  82  GLY GLY A . n 
A 1 83  ASP 83  83  83  ASP ASP A . n 
A 1 84  VAL 84  84  84  VAL VAL A . n 
A 1 85  ILE 85  85  85  ILE ILE A . n 
A 1 86  ARG 86  86  86  ARG ARG A . n 
A 1 87  LEU 87  87  87  LEU LEU A . n 
A 1 88  GLY 88  88  88  GLY GLY A . n 
A 1 89  HIS 89  89  89  HIS HIS A . n 
A 1 90  SER 90  90  90  SER SER A . n 
A 1 91  GLU 91  91  91  GLU GLU A . n 
A 1 92  ILE 92  92  92  ILE ILE A . n 
A 1 93  ILE 93  93  93  ILE ILE A . n 
A 1 94  VAL 94  94  94  VAL VAL A . n 
A 1 95  ARG 95  95  95  ARG ARG A . n 
A 1 96  MET 96  96  96  MET MET A . n 
A 1 97  HIS 97  97  97  HIS HIS A . n 
A 1 98  PRO 98  98  98  PRO PRO A . n 
A 1 99  LEU 99  99  99  LEU LEU A . n 
A 1 100 THR 100 100 100 THR THR A . n 
# 
loop_
_pdbx_nonpoly_scheme.asym_id 
_pdbx_nonpoly_scheme.entity_id 
_pdbx_nonpoly_scheme.mon_id 
_pdbx_nonpoly_scheme.ndb_seq_num 
_pdbx_nonpoly_scheme.pdb_seq_num 
_pdbx_nonpoly_scheme.auth_seq_num 
_pdbx_nonpoly_scheme.pdb_mon_id 
_pdbx_nonpoly_scheme.auth_mon_id 
_pdbx_nonpoly_scheme.pdb_strand_id 
_pdbx_nonpoly_scheme.pdb_ins_code 
B 2 PO4 1   101 1   PO4 PO4 A . 
C 3 HOH 1   102 102 HOH HOH A . 
C 3 HOH 2   103 103 HOH HOH A . 
C 3 HOH 3   104 104 HOH HOH A . 
C 3 HOH 4   105 105 HOH HOH A . 
C 3 HOH 5   106 106 HOH HOH A . 
C 3 HOH 6   107 107 HOH HOH A . 
C 3 HOH 7   108 108 HOH HOH A . 
C 3 HOH 8   109 109 HOH HOH A . 
C 3 HOH 9   110 110 HOH HOH A . 
C 3 HOH 10  111 111 HOH HOH A . 
C 3 HOH 11  112 112 HOH HOH A . 
C 3 HOH 12  113 113 HOH HOH A . 
C 3 HOH 13  114 114 HOH HOH A . 
C 3 HOH 14  115 115 HOH HOH A . 
C 3 HOH 15  116 116 HOH HOH A . 
C 3 HOH 16  117 117 HOH HOH A . 
C 3 HOH 17  118 118 HOH HOH A . 
C 3 HOH 18  119 119 HOH HOH A . 
C 3 HOH 19  120 120 HOH HOH A . 
C 3 HOH 20  121 121 HOH HOH A . 
C 3 HOH 21  122 122 HOH HOH A . 
C 3 HOH 22  123 123 HOH HOH A . 
C 3 HOH 23  124 124 HOH HOH A . 
C 3 HOH 24  125 125 HOH HOH A . 
C 3 HOH 25  126 126 HOH HOH A . 
C 3 HOH 26  127 127 HOH HOH A . 
C 3 HOH 27  128 128 HOH HOH A . 
C 3 HOH 28  129 129 HOH HOH A . 
C 3 HOH 29  130 130 HOH HOH A . 
C 3 HOH 30  131 131 HOH HOH A . 
C 3 HOH 31  132 132 HOH HOH A . 
C 3 HOH 32  133 133 HOH HOH A . 
C 3 HOH 33  134 134 HOH HOH A . 
C 3 HOH 34  135 135 HOH HOH A . 
C 3 HOH 35  136 136 HOH HOH A . 
C 3 HOH 36  137 137 HOH HOH A . 
C 3 HOH 37  138 138 HOH HOH A . 
C 3 HOH 38  139 139 HOH HOH A . 
C 3 HOH 39  140 140 HOH HOH A . 
C 3 HOH 40  141 141 HOH HOH A . 
C 3 HOH 41  142 142 HOH HOH A . 
C 3 HOH 42  143 143 HOH HOH A . 
C 3 HOH 43  144 144 HOH HOH A . 
C 3 HOH 44  145 145 HOH HOH A . 
C 3 HOH 45  146 146 HOH HOH A . 
C 3 HOH 46  147 147 HOH HOH A . 
C 3 HOH 47  148 148 HOH HOH A . 
C 3 HOH 48  149 149 HOH HOH A . 
C 3 HOH 49  150 150 HOH HOH A . 
C 3 HOH 50  151 151 HOH HOH A . 
C 3 HOH 51  152 152 HOH HOH A . 
C 3 HOH 52  153 153 HOH HOH A . 
C 3 HOH 53  154 154 HOH HOH A . 
C 3 HOH 54  155 155 HOH HOH A . 
C 3 HOH 55  156 156 HOH HOH A . 
C 3 HOH 56  157 157 HOH HOH A . 
C 3 HOH 57  158 158 HOH HOH A . 
C 3 HOH 58  159 159 HOH HOH A . 
C 3 HOH 59  160 160 HOH HOH A . 
C 3 HOH 60  161 161 HOH HOH A . 
C 3 HOH 61  162 162 HOH HOH A . 
C 3 HOH 62  163 163 HOH HOH A . 
C 3 HOH 63  164 164 HOH HOH A . 
C 3 HOH 64  165 165 HOH HOH A . 
C 3 HOH 65  166 166 HOH HOH A . 
C 3 HOH 66  167 167 HOH HOH A . 
C 3 HOH 67  168 168 HOH HOH A . 
C 3 HOH 68  169 169 HOH HOH A . 
C 3 HOH 69  170 170 HOH HOH A . 
C 3 HOH 70  171 171 HOH HOH A . 
C 3 HOH 71  172 172 HOH HOH A . 
C 3 HOH 72  173 173 HOH HOH A . 
C 3 HOH 73  174 174 HOH HOH A . 
C 3 HOH 74  175 175 HOH HOH A . 
C 3 HOH 75  176 176 HOH HOH A . 
C 3 HOH 76  177 177 HOH HOH A . 
C 3 HOH 77  178 178 HOH HOH A . 
C 3 HOH 78  179 179 HOH HOH A . 
C 3 HOH 79  180 180 HOH HOH A . 
C 3 HOH 80  181 181 HOH HOH A . 
C 3 HOH 81  182 182 HOH HOH A . 
C 3 HOH 82  183 183 HOH HOH A . 
C 3 HOH 83  184 184 HOH HOH A . 
C 3 HOH 84  185 185 HOH HOH A . 
C 3 HOH 85  186 186 HOH HOH A . 
C 3 HOH 86  187 187 HOH HOH A . 
C 3 HOH 87  188 188 HOH HOH A . 
C 3 HOH 88  189 189 HOH HOH A . 
C 3 HOH 89  190 190 HOH HOH A . 
C 3 HOH 90  191 191 HOH HOH A . 
C 3 HOH 91  192 192 HOH HOH A . 
C 3 HOH 92  193 193 HOH HOH A . 
C 3 HOH 93  194 194 HOH HOH A . 
C 3 HOH 94  195 195 HOH HOH A . 
C 3 HOH 95  196 196 HOH HOH A . 
C 3 HOH 96  197 197 HOH HOH A . 
C 3 HOH 97  198 198 HOH HOH A . 
C 3 HOH 98  199 199 HOH HOH A . 
C 3 HOH 99  200 200 HOH HOH A . 
C 3 HOH 100 201 201 HOH HOH A . 
C 3 HOH 101 202 202 HOH HOH A . 
C 3 HOH 102 203 203 HOH HOH A . 
C 3 HOH 103 204 204 HOH HOH A . 
C 3 HOH 104 205 205 HOH HOH A . 
C 3 HOH 105 206 206 HOH HOH A . 
C 3 HOH 106 207 207 HOH HOH A . 
C 3 HOH 107 208 208 HOH HOH A . 
C 3 HOH 108 209 209 HOH HOH A . 
C 3 HOH 109 210 210 HOH HOH A . 
C 3 HOH 110 211 211 HOH HOH A . 
C 3 HOH 111 212 212 HOH HOH A . 
C 3 HOH 112 213 213 HOH HOH A . 
C 3 HOH 113 214 214 HOH HOH A . 
C 3 HOH 114 215 215 HOH HOH A . 
C 3 HOH 115 216 216 HOH HOH A . 
C 3 HOH 116 217 217 HOH HOH A . 
C 3 HOH 117 218 218 HOH HOH A . 
C 3 HOH 118 219 219 HOH HOH A . 
C 3 HOH 119 220 220 HOH HOH A . 
C 3 HOH 120 221 221 HOH HOH A . 
C 3 HOH 121 222 222 HOH HOH A . 
C 3 HOH 122 223 223 HOH HOH A . 
C 3 HOH 123 224 224 HOH HOH A . 
C 3 HOH 124 225 225 HOH HOH A . 
C 3 HOH 125 226 226 HOH HOH A . 
C 3 HOH 126 227 227 HOH HOH A . 
C 3 HOH 127 228 228 HOH HOH A . 
C 3 HOH 128 229 229 HOH HOH A . 
C 3 HOH 129 230 230 HOH HOH A . 
C 3 HOH 130 231 231 HOH HOH A . 
C 3 HOH 131 232 232 HOH HOH A . 
C 3 HOH 132 233 233 HOH HOH A . 
C 3 HOH 133 234 234 HOH HOH A . 
C 3 HOH 134 235 235 HOH HOH A . 
C 3 HOH 135 236 236 HOH HOH A . 
C 3 HOH 136 237 237 HOH HOH A . 
C 3 HOH 137 238 238 HOH HOH A . 
C 3 HOH 138 239 239 HOH HOH A . 
C 3 HOH 139 240 240 HOH HOH A . 
C 3 HOH 140 241 241 HOH HOH A . 
C 3 HOH 141 242 242 HOH HOH A . 
C 3 HOH 142 243 243 HOH HOH A . 
C 3 HOH 143 244 244 HOH HOH A . 
C 3 HOH 144 245 245 HOH HOH A . 
C 3 HOH 145 246 246 HOH HOH A . 
C 3 HOH 146 247 247 HOH HOH A . 
C 3 HOH 147 248 248 HOH HOH A . 
C 3 HOH 148 249 249 HOH HOH A . 
C 3 HOH 149 250 250 HOH HOH A . 
C 3 HOH 150 251 251 HOH HOH A . 
C 3 HOH 151 252 252 HOH HOH A . 
C 3 HOH 152 253 253 HOH HOH A . 
C 3 HOH 153 254 254 HOH HOH A . 
C 3 HOH 154 255 255 HOH HOH A . 
C 3 HOH 155 256 256 HOH HOH A . 
C 3 HOH 156 257 257 HOH HOH A . 
C 3 HOH 157 258 258 HOH HOH A . 
C 3 HOH 158 259 1   HOH HOH A . 
C 3 HOH 159 260 2   HOH HOH A . 
C 3 HOH 160 261 3   HOH HOH A . 
C 3 HOH 161 262 4   HOH HOH A . 
C 3 HOH 162 263 5   HOH HOH A . 
C 3 HOH 163 264 6   HOH HOH A . 
C 3 HOH 164 265 7   HOH HOH A . 
C 3 HOH 165 266 8   HOH HOH A . 
C 3 HOH 166 267 9   HOH HOH A . 
C 3 HOH 167 268 10  HOH HOH A . 
C 3 HOH 168 269 11  HOH HOH A . 
C 3 HOH 169 270 12  HOH HOH A . 
C 3 HOH 170 271 13  HOH HOH A . 
C 3 HOH 171 272 14  HOH HOH A . 
C 3 HOH 172 273 15  HOH HOH A . 
C 3 HOH 173 274 16  HOH HOH A . 
C 3 HOH 174 275 17  HOH HOH A . 
C 3 HOH 175 276 18  HOH HOH A . 
C 3 HOH 176 277 19  HOH HOH A . 
C 3 HOH 177 278 20  HOH HOH A . 
C 3 HOH 178 279 21  HOH HOH A . 
C 3 HOH 179 280 22  HOH HOH A . 
C 3 HOH 180 281 23  HOH HOH A . 
C 3 HOH 181 282 24  HOH HOH A . 
C 3 HOH 182 283 25  HOH HOH A . 
C 3 HOH 183 284 26  HOH HOH A . 
C 3 HOH 184 285 27  HOH HOH A . 
C 3 HOH 185 286 28  HOH HOH A . 
C 3 HOH 186 287 29  HOH HOH A . 
C 3 HOH 187 288 30  HOH HOH A . 
C 3 HOH 188 289 31  HOH HOH A . 
C 3 HOH 189 290 32  HOH HOH A . 
C 3 HOH 190 291 33  HOH HOH A . 
C 3 HOH 191 292 34  HOH HOH A . 
C 3 HOH 192 293 35  HOH HOH A . 
C 3 HOH 193 294 36  HOH HOH A . 
C 3 HOH 194 295 37  HOH HOH A . 
C 3 HOH 195 296 38  HOH HOH A . 
C 3 HOH 196 297 39  HOH HOH A . 
C 3 HOH 197 298 40  HOH HOH A . 
C 3 HOH 198 299 41  HOH HOH A . 
C 3 HOH 199 300 42  HOH HOH A . 
C 3 HOH 200 301 43  HOH HOH A . 
C 3 HOH 201 302 44  HOH HOH A . 
C 3 HOH 202 303 45  HOH HOH A . 
C 3 HOH 203 304 46  HOH HOH A . 
C 3 HOH 204 305 47  HOH HOH A . 
C 3 HOH 205 306 48  HOH HOH A . 
C 3 HOH 206 307 49  HOH HOH A . 
C 3 HOH 207 308 50  HOH HOH A . 
C 3 HOH 208 309 51  HOH HOH A . 
C 3 HOH 209 310 52  HOH HOH A . 
C 3 HOH 210 311 53  HOH HOH A . 
C 3 HOH 211 312 54  HOH HOH A . 
C 3 HOH 212 313 55  HOH HOH A . 
C 3 HOH 213 314 56  HOH HOH A . 
C 3 HOH 214 315 57  HOH HOH A . 
C 3 HOH 215 316 58  HOH HOH A . 
C 3 HOH 216 317 59  HOH HOH A . 
C 3 HOH 217 318 60  HOH HOH A . 
C 3 HOH 218 319 61  HOH HOH A . 
C 3 HOH 219 320 62  HOH HOH A . 
C 3 HOH 220 321 63  HOH HOH A . 
C 3 HOH 221 322 64  HOH HOH A . 
C 3 HOH 222 323 65  HOH HOH A . 
C 3 HOH 223 324 66  HOH HOH A . 
C 3 HOH 224 325 67  HOH HOH A . 
C 3 HOH 225 326 68  HOH HOH A . 
C 3 HOH 226 327 69  HOH HOH A . 
C 3 HOH 227 328 70  HOH HOH A . 
C 3 HOH 228 329 71  HOH HOH A . 
C 3 HOH 229 330 72  HOH HOH A . 
C 3 HOH 230 331 73  HOH HOH A . 
C 3 HOH 231 332 74  HOH HOH A . 
C 3 HOH 232 333 75  HOH HOH A . 
C 3 HOH 233 334 76  HOH HOH A . 
C 3 HOH 234 335 77  HOH HOH A . 
C 3 HOH 235 336 78  HOH HOH A . 
C 3 HOH 236 337 79  HOH HOH A . 
C 3 HOH 237 338 80  HOH HOH A . 
C 3 HOH 238 339 81  HOH HOH A . 
C 3 HOH 239 340 82  HOH HOH A . 
C 3 HOH 240 341 83  HOH HOH A . 
C 3 HOH 241 342 84  HOH HOH A . 
C 3 HOH 242 343 85  HOH HOH A . 
C 3 HOH 243 344 86  HOH HOH A . 
C 3 HOH 244 345 87  HOH HOH A . 
C 3 HOH 245 346 88  HOH HOH A . 
C 3 HOH 246 347 89  HOH HOH A . 
C 3 HOH 247 348 90  HOH HOH A . 
C 3 HOH 248 349 91  HOH HOH A . 
C 3 HOH 249 350 92  HOH HOH A . 
C 3 HOH 250 351 93  HOH HOH A . 
C 3 HOH 251 352 94  HOH HOH A . 
C 3 HOH 252 353 95  HOH HOH A . 
C 3 HOH 253 354 96  HOH HOH A . 
C 3 HOH 254 355 97  HOH HOH A . 
C 3 HOH 255 356 98  HOH HOH A . 
C 3 HOH 256 357 99  HOH HOH A . 
C 3 HOH 257 358 100 HOH HOH A . 
C 3 HOH 258 359 101 HOH HOH A . 
# 
_software.name             REFMAC 
_software.classification   refinement 
_software.version          5.5.0109 
_software.citation_id      ? 
_software.pdbx_ordinal     1 
# 
_cell.entry_id           3PO8 
_cell.length_a           56.799 
_cell.length_b           68.901 
_cell.length_c           48.876 
_cell.angle_alpha        90.00 
_cell.angle_beta         90.00 
_cell.angle_gamma        90.00 
_cell.Z_PDB              8 
_cell.pdbx_unique_axis   ? 
_cell.length_a_esd       ? 
_cell.length_b_esd       ? 
_cell.length_c_esd       ? 
_cell.angle_alpha_esd    ? 
_cell.angle_beta_esd     ? 
_cell.angle_gamma_esd    ? 
# 
_symmetry.entry_id                         3PO8 
_symmetry.space_group_name_H-M             'C 2 2 21' 
_symmetry.pdbx_full_space_group_name_H-M   ? 
_symmetry.cell_setting                     ? 
_symmetry.Int_Tables_number                20 
_symmetry.space_group_name_Hall            ? 
# 
_exptl.entry_id          3PO8 
_exptl.method            'X-RAY DIFFRACTION' 
_exptl.crystals_number   1 
# 
_exptl_crystal.id                    1 
_exptl_crystal.density_meas          ? 
_exptl_crystal.density_Matthews      2.18 
_exptl_crystal.density_percent_sol   43.68 
_exptl_crystal.description           ? 
_exptl_crystal.F_000                 ? 
_exptl_crystal.preparation           ? 
# 
_diffrn.id                     1 
_diffrn.ambient_temp           100 
_diffrn.ambient_temp_details   ? 
_diffrn.crystal_id             1 
# 
_diffrn_radiation.diffrn_id                        1 
_diffrn_radiation.wavelength_id                    1 
_diffrn_radiation.pdbx_monochromatic_or_laue_m_l   M 
_diffrn_radiation.monochromator                    ? 
_diffrn_radiation.pdbx_diffrn_protocol             MAD 
_diffrn_radiation.pdbx_scattering_type             x-ray 
# 
_diffrn_radiation_wavelength.id           1 
_diffrn_radiation_wavelength.wavelength   0.98 
_diffrn_radiation_wavelength.wt           1.0 
# 
_diffrn_source.diffrn_id                   1 
_diffrn_source.source                      SYNCHROTRON 
_diffrn_source.type                        'SRS BEAMLINE PX14.2' 
_diffrn_source.pdbx_synchrotron_site       SRS 
_diffrn_source.pdbx_synchrotron_beamline   PX14.2 
_diffrn_source.pdbx_wavelength             ? 
_diffrn_source.pdbx_wavelength_list        0.98 
# 
_reflns.entry_id                     3PO8 
_reflns.observed_criterion_sigma_I   ? 
_reflns.observed_criterion_sigma_F   ? 
_reflns.d_resolution_low             15.0 
_reflns.d_resolution_high            1.5 
_reflns.number_obs                   15858 
_reflns.number_all                   ? 
_reflns.percent_possible_obs         ? 
_reflns.pdbx_Rmerge_I_obs            ? 
_reflns.pdbx_Rsym_value              ? 
_reflns.pdbx_netI_over_sigmaI        ? 
_reflns.B_iso_Wilson_estimate        ? 
_reflns.pdbx_redundancy              ? 
_reflns.R_free_details               ? 
_reflns.limit_h_max                  ? 
_reflns.limit_h_min                  ? 
_reflns.limit_k_max                  ? 
_reflns.limit_k_min                  ? 
_reflns.limit_l_max                  ? 
_reflns.limit_l_min                  ? 
_reflns.observed_criterion_F_max     ? 
_reflns.observed_criterion_F_min     ? 
_reflns.pdbx_chi_squared             ? 
_reflns.pdbx_scaling_rejects         ? 
_reflns.pdbx_diffrn_id               1 
_reflns.pdbx_ordinal                 1 
# 
_refine.entry_id                                 3PO8 
_refine.ls_number_reflns_obs                     14860 
_refine.ls_number_reflns_all                     ? 
_refine.pdbx_ls_sigma_I                          ? 
_refine.pdbx_ls_sigma_F                          ? 
_refine.pdbx_data_cutoff_high_absF               ? 
_refine.pdbx_data_cutoff_low_absF                ? 
_refine.pdbx_data_cutoff_high_rms_absF           ? 
_refine.ls_d_res_low                             14.73 
_refine.ls_d_res_high                            1.50 
_refine.ls_percent_reflns_obs                    99.54 
_refine.ls_R_factor_obs                          0.19102 
_refine.ls_R_factor_all                          ? 
_refine.ls_R_factor_R_work                       0.18845 
_refine.ls_R_factor_R_free                       0.23927 
_refine.ls_R_factor_R_free_error                 ? 
_refine.ls_R_factor_R_free_error_details         ? 
_refine.ls_percent_reflns_R_free                 5.0 
_refine.ls_number_reflns_R_free                  781 
_refine.ls_number_parameters                     ? 
_refine.ls_number_restraints                     ? 
_refine.occupancy_min                            ? 
_refine.occupancy_max                            ? 
_refine.correlation_coeff_Fo_to_Fc               0.958 
_refine.correlation_coeff_Fo_to_Fc_free          0.936 
_refine.B_iso_mean                               21.027 
_refine.aniso_B[1][1]                            -0.28 
_refine.aniso_B[2][2]                            0.93 
_refine.aniso_B[3][3]                            -0.65 
_refine.aniso_B[1][2]                            0.00 
_refine.aniso_B[1][3]                            0.00 
_refine.aniso_B[2][3]                            0.00 
_refine.solvent_model_details                    'BABINET MODEL WITH MASK' 
_refine.solvent_model_param_ksol                 ? 
_refine.solvent_model_param_bsol                 ? 
_refine.pdbx_solvent_vdw_probe_radii             1.40 
_refine.pdbx_solvent_ion_probe_radii             0.80 
_refine.pdbx_solvent_shrinkage_radii             0.80 
_refine.pdbx_ls_cross_valid_method               THROUGHOUT 
_refine.details                                  'HYDROGENS HAVE BEEN ADDED IN THE RIDING POSITIONS' 
_refine.pdbx_starting_model                      ? 
_refine.pdbx_method_to_determine_struct          MAD 
_refine.pdbx_isotropic_thermal_model             ? 
_refine.pdbx_stereochemistry_target_values       'MAXIMUM LIKELIHOOD' 
_refine.pdbx_stereochem_target_val_spec_case     ? 
_refine.pdbx_R_Free_selection_details            RANDOM 
_refine.pdbx_overall_ESU_R_Free                  0.096 
_refine.overall_SU_ML                            0.059 
_refine.overall_SU_B                             3.288 
_refine.overall_SU_R_Cruickshank_DPI             ? 
_refine.ls_redundancy_reflns_obs                 ? 
_refine.B_iso_min                                ? 
_refine.B_iso_max                                ? 
_refine.overall_SU_R_free                        ? 
_refine.ls_wR_factor_R_free                      ? 
_refine.ls_wR_factor_R_work                      ? 
_refine.overall_FOM_free_R_set                   ? 
_refine.overall_FOM_work_R_set                   ? 
_refine.pdbx_refine_id                           'X-RAY DIFFRACTION' 
_refine.pdbx_overall_phase_error                 ? 
_refine.pdbx_overall_ESU_R                       ? 
_refine.pdbx_diffrn_id                           1 
_refine.pdbx_TLS_residual_ADP_flag               ? 
_refine.pdbx_overall_SU_R_free_Cruickshank_DPI   ? 
_refine.pdbx_overall_SU_R_Blow_DPI               ? 
_refine.pdbx_overall_SU_R_free_Blow_DPI          ? 
# 
_refine_hist.pdbx_refine_id                   'X-RAY DIFFRACTION' 
_refine_hist.cycle_id                         LAST 
_refine_hist.pdbx_number_atoms_protein        758 
_refine_hist.pdbx_number_atoms_nucleic_acid   0 
_refine_hist.pdbx_number_atoms_ligand         5 
_refine_hist.number_atoms_solvent             258 
_refine_hist.number_atoms_total               1021 
_refine_hist.d_res_high                       1.50 
_refine_hist.d_res_low                        14.73 
# 
loop_
_refine_ls_restr.type 
_refine_ls_restr.dev_ideal 
_refine_ls_restr.dev_ideal_target 
_refine_ls_restr.weight 
_refine_ls_restr.number 
_refine_ls_restr.pdbx_refine_id 
_refine_ls_restr.pdbx_restraint_function 
r_bond_refined_d       0.011  0.021  ? 774  'X-RAY DIFFRACTION' ? 
r_bond_other_d         0.006  0.020  ? 512  'X-RAY DIFFRACTION' ? 
r_angle_refined_deg    1.362  1.945  ? 1052 'X-RAY DIFFRACTION' ? 
r_angle_other_deg      0.844  3.000  ? 1239 'X-RAY DIFFRACTION' ? 
r_dihedral_angle_1_deg 6.501  5.000  ? 97   'X-RAY DIFFRACTION' ? 
r_dihedral_angle_2_deg 34.978 23.750 ? 40   'X-RAY DIFFRACTION' ? 
r_dihedral_angle_3_deg 12.254 15.000 ? 127  'X-RAY DIFFRACTION' ? 
r_dihedral_angle_4_deg 8.739  15.000 ? 9    'X-RAY DIFFRACTION' ? 
r_chiral_restr         0.085  0.200  ? 120  'X-RAY DIFFRACTION' ? 
r_gen_planes_refined   0.005  0.020  ? 876  'X-RAY DIFFRACTION' ? 
r_gen_planes_other     0.001  0.020  ? 155  'X-RAY DIFFRACTION' ? 
r_mcbond_it            0.887  1.500  ? 482  'X-RAY DIFFRACTION' ? 
r_mcbond_other         0.218  1.500  ? 202  'X-RAY DIFFRACTION' ? 
r_mcangle_it           1.628  2.000  ? 775  'X-RAY DIFFRACTION' ? 
r_scbond_it            2.590  3.000  ? 292  'X-RAY DIFFRACTION' ? 
r_scangle_it           4.207  4.500  ? 277  'X-RAY DIFFRACTION' ? 
# 
_refine_ls_shell.pdbx_refine_id                   'X-RAY DIFFRACTION' 
_refine_ls_shell.pdbx_total_number_of_bins_used   20 
_refine_ls_shell.d_res_high                       1.500 
_refine_ls_shell.d_res_low                        1.539 
_refine_ls_shell.number_reflns_R_work             1090 
_refine_ls_shell.R_factor_R_work                  0.189 
_refine_ls_shell.percent_reflns_obs               100.00 
_refine_ls_shell.R_factor_R_free                  0.231 
_refine_ls_shell.R_factor_R_free_error            ? 
_refine_ls_shell.percent_reflns_R_free            ? 
_refine_ls_shell.number_reflns_R_free             65 
_refine_ls_shell.number_reflns_all                ? 
_refine_ls_shell.R_factor_all                     ? 
_refine_ls_shell.number_reflns_obs                ? 
_refine_ls_shell.redundancy_reflns_obs            ? 
# 
_struct.entry_id                  3PO8 
_struct.title                     'Structural and functional analysis of phosphothreonine-dependent FHA domain interactions' 
_struct.pdbx_model_details        ? 
_struct.pdbx_CASP_flag            ? 
_struct.pdbx_model_type_details   ? 
# 
_struct_keywords.entry_id        3PO8 
_struct_keywords.pdbx_keywords   'PEPTIDE BINDING PROTEIN' 
_struct_keywords.text            'FHA domain, synthetic peptide, PEPTIDE BINDING PROTEIN' 
# 
loop_
_struct_asym.id 
_struct_asym.pdbx_blank_PDB_chainid_flag 
_struct_asym.pdbx_modified 
_struct_asym.entity_id 
_struct_asym.details 
A N N 1 ? 
B N N 2 ? 
C N N 3 ? 
# 
_struct_ref.id                         1 
_struct_ref.db_name                    UNP 
_struct_ref.db_code                    P71590_MYCTU 
_struct_ref.pdbx_db_accession          P71590 
_struct_ref.entity_id                  1 
_struct_ref.pdbx_seq_one_letter_code   
;SAGTSVTLQLDDGSGRTYQLREGSNIIGRGQDAQFRLPDTGVSRRHLEIRWDGQVALLADLNSTNGTTVNNAPVQEWQLA
DGDVIRLGHSEIIVRMH
;
_struct_ref.pdbx_align_begin           431 
_struct_ref.pdbx_db_isoform            ? 
# 
_struct_ref_seq.align_id                      1 
_struct_ref_seq.ref_id                        1 
_struct_ref_seq.pdbx_PDB_id_code              3PO8 
_struct_ref_seq.pdbx_strand_id                A 
_struct_ref_seq.seq_align_beg                 1 
_struct_ref_seq.pdbx_seq_align_beg_ins_code   ? 
_struct_ref_seq.seq_align_end                 97 
_struct_ref_seq.pdbx_seq_align_end_ins_code   ? 
_struct_ref_seq.pdbx_db_accession             P71590 
_struct_ref_seq.db_align_beg                  431 
_struct_ref_seq.pdbx_db_align_beg_ins_code    ? 
_struct_ref_seq.db_align_end                  527 
_struct_ref_seq.pdbx_db_align_end_ins_code    ? 
_struct_ref_seq.pdbx_auth_seq_align_beg       1 
_struct_ref_seq.pdbx_auth_seq_align_end       97 
# 
loop_
_struct_ref_seq_dif.align_id 
_struct_ref_seq_dif.pdbx_pdb_id_code 
_struct_ref_seq_dif.mon_id 
_struct_ref_seq_dif.pdbx_pdb_strand_id 
_struct_ref_seq_dif.seq_num 
_struct_ref_seq_dif.pdbx_pdb_ins_code 
_struct_ref_seq_dif.pdbx_seq_db_name 
_struct_ref_seq_dif.pdbx_seq_db_accession_code 
_struct_ref_seq_dif.db_mon_id 
_struct_ref_seq_dif.pdbx_seq_db_seq_num 
_struct_ref_seq_dif.details 
_struct_ref_seq_dif.pdbx_auth_seq_num 
_struct_ref_seq_dif.pdbx_ordinal 
1 3PO8 PRO A 98  ? UNP P71590 ? ? 'expression tag' 98  1 
1 3PO8 LEU A 99  ? UNP P71590 ? ? 'expression tag' 99  2 
1 3PO8 THR A 100 ? UNP P71590 ? ? 'expression tag' 100 3 
# 
_pdbx_struct_assembly.id                   1 
_pdbx_struct_assembly.details              author_and_software_defined_assembly 
_pdbx_struct_assembly.method_details       PISA 
_pdbx_struct_assembly.oligomeric_details   monomeric 
_pdbx_struct_assembly.oligomeric_count     1 
# 
_pdbx_struct_assembly_gen.assembly_id       1 
_pdbx_struct_assembly_gen.oper_expression   1 
_pdbx_struct_assembly_gen.asym_id_list      A,B,C 
# 
_pdbx_struct_oper_list.id                   1 
_pdbx_struct_oper_list.type                 'identity operation' 
_pdbx_struct_oper_list.name                 1_555 
_pdbx_struct_oper_list.symmetry_operation   x,y,z 
_pdbx_struct_oper_list.matrix[1][1]         1.0000000000 
_pdbx_struct_oper_list.matrix[1][2]         0.0000000000 
_pdbx_struct_oper_list.matrix[1][3]         0.0000000000 
_pdbx_struct_oper_list.vector[1]            0.0000000000 
_pdbx_struct_oper_list.matrix[2][1]         0.0000000000 
_pdbx_struct_oper_list.matrix[2][2]         1.0000000000 
_pdbx_struct_oper_list.matrix[2][3]         0.0000000000 
_pdbx_struct_oper_list.vector[2]            0.0000000000 
_pdbx_struct_oper_list.matrix[3][1]         0.0000000000 
_pdbx_struct_oper_list.matrix[3][2]         0.0000000000 
_pdbx_struct_oper_list.matrix[3][3]         1.0000000000 
_pdbx_struct_oper_list.vector[3]            0.0000000000 
# 
_struct_biol.id        1 
_struct_biol.details   ? 
# 
loop_
_struct_sheet.id 
_struct_sheet.type 
_struct_sheet.number_strands 
_struct_sheet.details 
A ? 6 ? 
B ? 5 ? 
# 
loop_
_struct_sheet_order.sheet_id 
_struct_sheet_order.range_id_1 
_struct_sheet_order.range_id_2 
_struct_sheet_order.offset 
_struct_sheet_order.sense 
A 1 2 ? anti-parallel 
A 2 3 ? anti-parallel 
A 3 4 ? anti-parallel 
A 4 5 ? anti-parallel 
A 5 6 ? anti-parallel 
B 1 2 ? parallel      
B 2 3 ? anti-parallel 
B 3 4 ? anti-parallel 
B 4 5 ? anti-parallel 
# 
loop_
_struct_sheet_range.sheet_id 
_struct_sheet_range.id 
_struct_sheet_range.beg_label_comp_id 
_struct_sheet_range.beg_label_asym_id 
_struct_sheet_range.beg_label_seq_id 
_struct_sheet_range.pdbx_beg_PDB_ins_code 
_struct_sheet_range.end_label_comp_id 
_struct_sheet_range.end_label_asym_id 
_struct_sheet_range.end_label_seq_id 
_struct_sheet_range.pdbx_end_PDB_ins_code 
_struct_sheet_range.beg_auth_comp_id 
_struct_sheet_range.beg_auth_asym_id 
_struct_sheet_range.beg_auth_seq_id 
_struct_sheet_range.end_auth_comp_id 
_struct_sheet_range.end_auth_asym_id 
_struct_sheet_range.end_auth_seq_id 
A 1 THR A 17 ? GLN A 19 ? THR A 17 GLN A 19 
A 2 THR A 4  ? LEU A 10 ? THR A 4  LEU A 10 
A 3 SER A 90 ? PRO A 98 ? SER A 90 PRO A 98 
A 4 VAL A 84 ? LEU A 87 ? VAL A 84 LEU A 87 
A 5 THR A 68 ? VAL A 69 ? THR A 68 VAL A 69 
A 6 ALA A 72 ? PRO A 73 ? ALA A 72 PRO A 73 
B 1 PHE A 35 ? ARG A 36 ? PHE A 35 ARG A 36 
B 2 GLY A 23 ? GLY A 28 ? GLY A 23 GLY A 28 
B 3 LEU A 47 ? TRP A 51 ? LEU A 47 TRP A 51 
B 4 ALA A 56 ? ASP A 60 ? ALA A 56 ASP A 60 
B 5 GLU A 76 ? GLN A 78 ? GLU A 76 GLN A 78 
# 
loop_
_pdbx_struct_sheet_hbond.sheet_id 
_pdbx_struct_sheet_hbond.range_id_1 
_pdbx_struct_sheet_hbond.range_id_2 
_pdbx_struct_sheet_hbond.range_1_label_atom_id 
_pdbx_struct_sheet_hbond.range_1_label_comp_id 
_pdbx_struct_sheet_hbond.range_1_label_asym_id 
_pdbx_struct_sheet_hbond.range_1_label_seq_id 
_pdbx_struct_sheet_hbond.range_1_PDB_ins_code 
_pdbx_struct_sheet_hbond.range_1_auth_atom_id 
_pdbx_struct_sheet_hbond.range_1_auth_comp_id 
_pdbx_struct_sheet_hbond.range_1_auth_asym_id 
_pdbx_struct_sheet_hbond.range_1_auth_seq_id 
_pdbx_struct_sheet_hbond.range_2_label_atom_id 
_pdbx_struct_sheet_hbond.range_2_label_comp_id 
_pdbx_struct_sheet_hbond.range_2_label_asym_id 
_pdbx_struct_sheet_hbond.range_2_label_seq_id 
_pdbx_struct_sheet_hbond.range_2_PDB_ins_code 
_pdbx_struct_sheet_hbond.range_2_auth_atom_id 
_pdbx_struct_sheet_hbond.range_2_auth_comp_id 
_pdbx_struct_sheet_hbond.range_2_auth_asym_id 
_pdbx_struct_sheet_hbond.range_2_auth_seq_id 
A 1 2 O TYR A 18 ? O TYR A 18 N LEU A 8  ? N LEU A 8  
A 2 3 N GLN A 9  ? N GLN A 9  O ILE A 93 ? O ILE A 93 
A 3 4 O ILE A 92 ? O ILE A 92 N ILE A 85 ? N ILE A 85 
A 4 5 O ARG A 86 ? O ARG A 86 N THR A 68 ? N THR A 68 
A 5 6 N VAL A 69 ? N VAL A 69 O ALA A 72 ? O ALA A 72 
B 1 2 O PHE A 35 ? O PHE A 35 N ILE A 26 ? N ILE A 26 
B 2 3 N ILE A 27 ? N ILE A 27 O LEU A 47 ? O LEU A 47 
B 3 4 N ARG A 50 ? N ARG A 50 O LEU A 57 ? O LEU A 57 
B 4 5 N LEU A 58 ? N LEU A 58 O TRP A 77 ? O TRP A 77 
# 
_struct_site.id                   AC1 
_struct_site.pdbx_evidence_code   Software 
_struct_site.pdbx_auth_asym_id    A 
_struct_site.pdbx_auth_comp_id    PO4 
_struct_site.pdbx_auth_seq_id     101 
_struct_site.pdbx_auth_ins_code   ? 
_struct_site.pdbx_num_residues    5 
_struct_site.details              'BINDING SITE FOR RESIDUE PO4 A 101' 
# 
loop_
_struct_site_gen.id 
_struct_site_gen.site_id 
_struct_site_gen.pdbx_num_res 
_struct_site_gen.label_comp_id 
_struct_site_gen.label_asym_id 
_struct_site_gen.label_seq_id 
_struct_site_gen.pdbx_auth_ins_code 
_struct_site_gen.auth_comp_id 
_struct_site_gen.auth_asym_id 
_struct_site_gen.auth_seq_id 
_struct_site_gen.label_atom_id 
_struct_site_gen.label_alt_id 
_struct_site_gen.symmetry 
_struct_site_gen.details 
1 AC1 5 SER A 43 ? SER A 43  . ? 1_555 ? 
2 AC1 5 ARG A 44 ? ARG A 44  . ? 1_555 ? 
3 AC1 5 THR A 64 ? THR A 64  . ? 1_555 ? 
4 AC1 5 HOH C .  ? HOH A 192 . ? 1_555 ? 
5 AC1 5 HOH C .  ? HOH A 340 . ? 1_555 ? 
# 
loop_
_pdbx_validate_close_contact.id 
_pdbx_validate_close_contact.PDB_model_num 
_pdbx_validate_close_contact.auth_atom_id_1 
_pdbx_validate_close_contact.auth_asym_id_1 
_pdbx_validate_close_contact.auth_comp_id_1 
_pdbx_validate_close_contact.auth_seq_id_1 
_pdbx_validate_close_contact.PDB_ins_code_1 
_pdbx_validate_close_contact.label_alt_id_1 
_pdbx_validate_close_contact.auth_atom_id_2 
_pdbx_validate_close_contact.auth_asym_id_2 
_pdbx_validate_close_contact.auth_comp_id_2 
_pdbx_validate_close_contact.auth_seq_id_2 
_pdbx_validate_close_contact.PDB_ins_code_2 
_pdbx_validate_close_contact.label_alt_id_2 
_pdbx_validate_close_contact.dist 
1 1 O A HOH 195 ? ? O A HOH 309 ? ? 2.16 
2 1 O A HOH 302 ? ? O A HOH 323 ? ? 2.17 
3 1 O A HOH 258 ? ? O A HOH 261 ? ? 2.18 
# 
loop_
_pdbx_validate_torsion.id 
_pdbx_validate_torsion.PDB_model_num 
_pdbx_validate_torsion.auth_comp_id 
_pdbx_validate_torsion.auth_asym_id 
_pdbx_validate_torsion.auth_seq_id 
_pdbx_validate_torsion.PDB_ins_code 
_pdbx_validate_torsion.label_alt_id 
_pdbx_validate_torsion.phi 
_pdbx_validate_torsion.psi 
1 1 ASP A 11 ? ? -105.23 48.03  
2 1 GLN A 54 ? ? -133.02 -49.40 
3 1 LEU A 61 ? ? -99.08  55.89  
4 1 GLN A 75 ? ? -99.75  -82.91 
# 
loop_
_pdbx_struct_special_symmetry.id 
_pdbx_struct_special_symmetry.PDB_model_num 
_pdbx_struct_special_symmetry.auth_asym_id 
_pdbx_struct_special_symmetry.auth_comp_id 
_pdbx_struct_special_symmetry.auth_seq_id 
_pdbx_struct_special_symmetry.PDB_ins_code 
_pdbx_struct_special_symmetry.label_asym_id 
_pdbx_struct_special_symmetry.label_comp_id 
_pdbx_struct_special_symmetry.label_seq_id 
1 1 A HOH 144 ? C HOH . 
2 1 A HOH 187 ? C HOH . 
3 1 A HOH 227 ? C HOH . 
4 1 A HOH 240 ? C HOH . 
5 1 A HOH 259 ? C HOH . 
6 1 A HOH 260 ? C HOH . 
7 1 A HOH 310 ? C HOH . 
8 1 A HOH 358 ? C HOH . 
# 
_pdbx_refine_tls.pdbx_refine_id   'X-RAY DIFFRACTION' 
_pdbx_refine_tls.id               1 
_pdbx_refine_tls.details          ? 
_pdbx_refine_tls.method           refined 
_pdbx_refine_tls.origin_x         -0.0836 
_pdbx_refine_tls.origin_y         0.4245 
_pdbx_refine_tls.origin_z         -0.0038 
_pdbx_refine_tls.T[1][1]          0.0140 
_pdbx_refine_tls.T[2][2]          0.0192 
_pdbx_refine_tls.T[3][3]          0.0188 
_pdbx_refine_tls.T[1][2]          -0.0014 
_pdbx_refine_tls.T[1][3]          -0.0083 
_pdbx_refine_tls.T[2][3]          -0.0137 
_pdbx_refine_tls.L[1][1]          0.4511 
_pdbx_refine_tls.L[2][2]          0.4811 
_pdbx_refine_tls.L[3][3]          0.5319 
_pdbx_refine_tls.L[1][2]          -0.0583 
_pdbx_refine_tls.L[1][3]          -0.0797 
_pdbx_refine_tls.L[2][3]          0.0524 
_pdbx_refine_tls.S[1][1]          -0.0205 
_pdbx_refine_tls.S[1][2]          -0.0218 
_pdbx_refine_tls.S[1][3]          0.0131 
_pdbx_refine_tls.S[2][1]          -0.0143 
_pdbx_refine_tls.S[2][2]          0.0258 
_pdbx_refine_tls.S[2][3]          0.0144 
_pdbx_refine_tls.S[3][1]          0.0074 
_pdbx_refine_tls.S[3][2]          -0.0179 
_pdbx_refine_tls.S[3][3]          -0.0053 
# 
_pdbx_refine_tls_group.pdbx_refine_id      'X-RAY DIFFRACTION' 
_pdbx_refine_tls_group.id                  1 
_pdbx_refine_tls_group.refine_tls_id       1 
_pdbx_refine_tls_group.beg_auth_asym_id    A 
_pdbx_refine_tls_group.beg_auth_seq_id     3 
_pdbx_refine_tls_group.beg_label_asym_id   ? 
_pdbx_refine_tls_group.beg_label_seq_id    ? 
_pdbx_refine_tls_group.end_auth_asym_id    A 
_pdbx_refine_tls_group.end_auth_seq_id     100 
_pdbx_refine_tls_group.end_label_asym_id   ? 
_pdbx_refine_tls_group.end_label_seq_id    ? 
_pdbx_refine_tls_group.selection           ? 
_pdbx_refine_tls_group.selection_details   ? 
# 
loop_
_pdbx_unobs_or_zero_occ_residues.id 
_pdbx_unobs_or_zero_occ_residues.PDB_model_num 
_pdbx_unobs_or_zero_occ_residues.polymer_flag 
_pdbx_unobs_or_zero_occ_residues.occupancy_flag 
_pdbx_unobs_or_zero_occ_residues.auth_asym_id 
_pdbx_unobs_or_zero_occ_residues.auth_comp_id 
_pdbx_unobs_or_zero_occ_residues.auth_seq_id 
_pdbx_unobs_or_zero_occ_residues.PDB_ins_code 
_pdbx_unobs_or_zero_occ_residues.label_asym_id 
_pdbx_unobs_or_zero_occ_residues.label_comp_id 
_pdbx_unobs_or_zero_occ_residues.label_seq_id 
1 1 Y 1 A SER 1 ? A SER 1 
2 1 Y 1 A ALA 2 ? A ALA 2 
# 
loop_
_chem_comp_atom.comp_id 
_chem_comp_atom.atom_id 
_chem_comp_atom.type_symbol 
_chem_comp_atom.pdbx_aromatic_flag 
_chem_comp_atom.pdbx_stereo_config 
_chem_comp_atom.pdbx_ordinal 
ALA N    N N N 1   
ALA CA   C N S 2   
ALA C    C N N 3   
ALA O    O N N 4   
ALA CB   C N N 5   
ALA OXT  O N N 6   
ALA H    H N N 7   
ALA H2   H N N 8   
ALA HA   H N N 9   
ALA HB1  H N N 10  
ALA HB2  H N N 11  
ALA HB3  H N N 12  
ALA HXT  H N N 13  
ARG N    N N N 14  
ARG CA   C N S 15  
ARG C    C N N 16  
ARG O    O N N 17  
ARG CB   C N N 18  
ARG CG   C N N 19  
ARG CD   C N N 20  
ARG NE   N N N 21  
ARG CZ   C N N 22  
ARG NH1  N N N 23  
ARG NH2  N N N 24  
ARG OXT  O N N 25  
ARG H    H N N 26  
ARG H2   H N N 27  
ARG HA   H N N 28  
ARG HB2  H N N 29  
ARG HB3  H N N 30  
ARG HG2  H N N 31  
ARG HG3  H N N 32  
ARG HD2  H N N 33  
ARG HD3  H N N 34  
ARG HE   H N N 35  
ARG HH11 H N N 36  
ARG HH12 H N N 37  
ARG HH21 H N N 38  
ARG HH22 H N N 39  
ARG HXT  H N N 40  
ASN N    N N N 41  
ASN CA   C N S 42  
ASN C    C N N 43  
ASN O    O N N 44  
ASN CB   C N N 45  
ASN CG   C N N 46  
ASN OD1  O N N 47  
ASN ND2  N N N 48  
ASN OXT  O N N 49  
ASN H    H N N 50  
ASN H2   H N N 51  
ASN HA   H N N 52  
ASN HB2  H N N 53  
ASN HB3  H N N 54  
ASN HD21 H N N 55  
ASN HD22 H N N 56  
ASN HXT  H N N 57  
ASP N    N N N 58  
ASP CA   C N S 59  
ASP C    C N N 60  
ASP O    O N N 61  
ASP CB   C N N 62  
ASP CG   C N N 63  
ASP OD1  O N N 64  
ASP OD2  O N N 65  
ASP OXT  O N N 66  
ASP H    H N N 67  
ASP H2   H N N 68  
ASP HA   H N N 69  
ASP HB2  H N N 70  
ASP HB3  H N N 71  
ASP HD2  H N N 72  
ASP HXT  H N N 73  
GLN N    N N N 74  
GLN CA   C N S 75  
GLN C    C N N 76  
GLN O    O N N 77  
GLN CB   C N N 78  
GLN CG   C N N 79  
GLN CD   C N N 80  
GLN OE1  O N N 81  
GLN NE2  N N N 82  
GLN OXT  O N N 83  
GLN H    H N N 84  
GLN H2   H N N 85  
GLN HA   H N N 86  
GLN HB2  H N N 87  
GLN HB3  H N N 88  
GLN HG2  H N N 89  
GLN HG3  H N N 90  
GLN HE21 H N N 91  
GLN HE22 H N N 92  
GLN HXT  H N N 93  
GLU N    N N N 94  
GLU CA   C N S 95  
GLU C    C N N 96  
GLU O    O N N 97  
GLU CB   C N N 98  
GLU CG   C N N 99  
GLU CD   C N N 100 
GLU OE1  O N N 101 
GLU OE2  O N N 102 
GLU OXT  O N N 103 
GLU H    H N N 104 
GLU H2   H N N 105 
GLU HA   H N N 106 
GLU HB2  H N N 107 
GLU HB3  H N N 108 
GLU HG2  H N N 109 
GLU HG3  H N N 110 
GLU HE2  H N N 111 
GLU HXT  H N N 112 
GLY N    N N N 113 
GLY CA   C N N 114 
GLY C    C N N 115 
GLY O    O N N 116 
GLY OXT  O N N 117 
GLY H    H N N 118 
GLY H2   H N N 119 
GLY HA2  H N N 120 
GLY HA3  H N N 121 
GLY HXT  H N N 122 
HIS N    N N N 123 
HIS CA   C N S 124 
HIS C    C N N 125 
HIS O    O N N 126 
HIS CB   C N N 127 
HIS CG   C Y N 128 
HIS ND1  N Y N 129 
HIS CD2  C Y N 130 
HIS CE1  C Y N 131 
HIS NE2  N Y N 132 
HIS OXT  O N N 133 
HIS H    H N N 134 
HIS H2   H N N 135 
HIS HA   H N N 136 
HIS HB2  H N N 137 
HIS HB3  H N N 138 
HIS HD1  H N N 139 
HIS HD2  H N N 140 
HIS HE1  H N N 141 
HIS HE2  H N N 142 
HIS HXT  H N N 143 
HOH O    O N N 144 
HOH H1   H N N 145 
HOH H2   H N N 146 
ILE N    N N N 147 
ILE CA   C N S 148 
ILE C    C N N 149 
ILE O    O N N 150 
ILE CB   C N S 151 
ILE CG1  C N N 152 
ILE CG2  C N N 153 
ILE CD1  C N N 154 
ILE OXT  O N N 155 
ILE H    H N N 156 
ILE H2   H N N 157 
ILE HA   H N N 158 
ILE HB   H N N 159 
ILE HG12 H N N 160 
ILE HG13 H N N 161 
ILE HG21 H N N 162 
ILE HG22 H N N 163 
ILE HG23 H N N 164 
ILE HD11 H N N 165 
ILE HD12 H N N 166 
ILE HD13 H N N 167 
ILE HXT  H N N 168 
LEU N    N N N 169 
LEU CA   C N S 170 
LEU C    C N N 171 
LEU O    O N N 172 
LEU CB   C N N 173 
LEU CG   C N N 174 
LEU CD1  C N N 175 
LEU CD2  C N N 176 
LEU OXT  O N N 177 
LEU H    H N N 178 
LEU H2   H N N 179 
LEU HA   H N N 180 
LEU HB2  H N N 181 
LEU HB3  H N N 182 
LEU HG   H N N 183 
LEU HD11 H N N 184 
LEU HD12 H N N 185 
LEU HD13 H N N 186 
LEU HD21 H N N 187 
LEU HD22 H N N 188 
LEU HD23 H N N 189 
LEU HXT  H N N 190 
MET N    N N N 191 
MET CA   C N S 192 
MET C    C N N 193 
MET O    O N N 194 
MET CB   C N N 195 
MET CG   C N N 196 
MET SD   S N N 197 
MET CE   C N N 198 
MET OXT  O N N 199 
MET H    H N N 200 
MET H2   H N N 201 
MET HA   H N N 202 
MET HB2  H N N 203 
MET HB3  H N N 204 
MET HG2  H N N 205 
MET HG3  H N N 206 
MET HE1  H N N 207 
MET HE2  H N N 208 
MET HE3  H N N 209 
MET HXT  H N N 210 
PHE N    N N N 211 
PHE CA   C N S 212 
PHE C    C N N 213 
PHE O    O N N 214 
PHE CB   C N N 215 
PHE CG   C Y N 216 
PHE CD1  C Y N 217 
PHE CD2  C Y N 218 
PHE CE1  C Y N 219 
PHE CE2  C Y N 220 
PHE CZ   C Y N 221 
PHE OXT  O N N 222 
PHE H    H N N 223 
PHE H2   H N N 224 
PHE HA   H N N 225 
PHE HB2  H N N 226 
PHE HB3  H N N 227 
PHE HD1  H N N 228 
PHE HD2  H N N 229 
PHE HE1  H N N 230 
PHE HE2  H N N 231 
PHE HZ   H N N 232 
PHE HXT  H N N 233 
PO4 P    P N N 234 
PO4 O1   O N N 235 
PO4 O2   O N N 236 
PO4 O3   O N N 237 
PO4 O4   O N N 238 
PRO N    N N N 239 
PRO CA   C N S 240 
PRO C    C N N 241 
PRO O    O N N 242 
PRO CB   C N N 243 
PRO CG   C N N 244 
PRO CD   C N N 245 
PRO OXT  O N N 246 
PRO H    H N N 247 
PRO HA   H N N 248 
PRO HB2  H N N 249 
PRO HB3  H N N 250 
PRO HG2  H N N 251 
PRO HG3  H N N 252 
PRO HD2  H N N 253 
PRO HD3  H N N 254 
PRO HXT  H N N 255 
SER N    N N N 256 
SER CA   C N S 257 
SER C    C N N 258 
SER O    O N N 259 
SER CB   C N N 260 
SER OG   O N N 261 
SER OXT  O N N 262 
SER H    H N N 263 
SER H2   H N N 264 
SER HA   H N N 265 
SER HB2  H N N 266 
SER HB3  H N N 267 
SER HG   H N N 268 
SER HXT  H N N 269 
THR N    N N N 270 
THR CA   C N S 271 
THR C    C N N 272 
THR O    O N N 273 
THR CB   C N R 274 
THR OG1  O N N 275 
THR CG2  C N N 276 
THR OXT  O N N 277 
THR H    H N N 278 
THR H2   H N N 279 
THR HA   H N N 280 
THR HB   H N N 281 
THR HG1  H N N 282 
THR HG21 H N N 283 
THR HG22 H N N 284 
THR HG23 H N N 285 
THR HXT  H N N 286 
TRP N    N N N 287 
TRP CA   C N S 288 
TRP C    C N N 289 
TRP O    O N N 290 
TRP CB   C N N 291 
TRP CG   C Y N 292 
TRP CD1  C Y N 293 
TRP CD2  C Y N 294 
TRP NE1  N Y N 295 
TRP CE2  C Y N 296 
TRP CE3  C Y N 297 
TRP CZ2  C Y N 298 
TRP CZ3  C Y N 299 
TRP CH2  C Y N 300 
TRP OXT  O N N 301 
TRP H    H N N 302 
TRP H2   H N N 303 
TRP HA   H N N 304 
TRP HB2  H N N 305 
TRP HB3  H N N 306 
TRP HD1  H N N 307 
TRP HE1  H N N 308 
TRP HE3  H N N 309 
TRP HZ2  H N N 310 
TRP HZ3  H N N 311 
TRP HH2  H N N 312 
TRP HXT  H N N 313 
TYR N    N N N 314 
TYR CA   C N S 315 
TYR C    C N N 316 
TYR O    O N N 317 
TYR CB   C N N 318 
TYR CG   C Y N 319 
TYR CD1  C Y N 320 
TYR CD2  C Y N 321 
TYR CE1  C Y N 322 
TYR CE2  C Y N 323 
TYR CZ   C Y N 324 
TYR OH   O N N 325 
TYR OXT  O N N 326 
TYR H    H N N 327 
TYR H2   H N N 328 
TYR HA   H N N 329 
TYR HB2  H N N 330 
TYR HB3  H N N 331 
TYR HD1  H N N 332 
TYR HD2  H N N 333 
TYR HE1  H N N 334 
TYR HE2  H N N 335 
TYR HH   H N N 336 
TYR HXT  H N N 337 
VAL N    N N N 338 
VAL CA   C N S 339 
VAL C    C N N 340 
VAL O    O N N 341 
VAL CB   C N N 342 
VAL CG1  C N N 343 
VAL CG2  C N N 344 
VAL OXT  O N N 345 
VAL H    H N N 346 
VAL H2   H N N 347 
VAL HA   H N N 348 
VAL HB   H N N 349 
VAL HG11 H N N 350 
VAL HG12 H N N 351 
VAL HG13 H N N 352 
VAL HG21 H N N 353 
VAL HG22 H N N 354 
VAL HG23 H N N 355 
VAL HXT  H N N 356 
# 
loop_
_chem_comp_bond.comp_id 
_chem_comp_bond.atom_id_1 
_chem_comp_bond.atom_id_2 
_chem_comp_bond.value_order 
_chem_comp_bond.pdbx_aromatic_flag 
_chem_comp_bond.pdbx_stereo_config 
_chem_comp_bond.pdbx_ordinal 
ALA N   CA   sing N N 1   
ALA N   H    sing N N 2   
ALA N   H2   sing N N 3   
ALA CA  C    sing N N 4   
ALA CA  CB   sing N N 5   
ALA CA  HA   sing N N 6   
ALA C   O    doub N N 7   
ALA C   OXT  sing N N 8   
ALA CB  HB1  sing N N 9   
ALA CB  HB2  sing N N 10  
ALA CB  HB3  sing N N 11  
ALA OXT HXT  sing N N 12  
ARG N   CA   sing N N 13  
ARG N   H    sing N N 14  
ARG N   H2   sing N N 15  
ARG CA  C    sing N N 16  
ARG CA  CB   sing N N 17  
ARG CA  HA   sing N N 18  
ARG C   O    doub N N 19  
ARG C   OXT  sing N N 20  
ARG CB  CG   sing N N 21  
ARG CB  HB2  sing N N 22  
ARG CB  HB3  sing N N 23  
ARG CG  CD   sing N N 24  
ARG CG  HG2  sing N N 25  
ARG CG  HG3  sing N N 26  
ARG CD  NE   sing N N 27  
ARG CD  HD2  sing N N 28  
ARG CD  HD3  sing N N 29  
ARG NE  CZ   sing N N 30  
ARG NE  HE   sing N N 31  
ARG CZ  NH1  sing N N 32  
ARG CZ  NH2  doub N N 33  
ARG NH1 HH11 sing N N 34  
ARG NH1 HH12 sing N N 35  
ARG NH2 HH21 sing N N 36  
ARG NH2 HH22 sing N N 37  
ARG OXT HXT  sing N N 38  
ASN N   CA   sing N N 39  
ASN N   H    sing N N 40  
ASN N   H2   sing N N 41  
ASN CA  C    sing N N 42  
ASN CA  CB   sing N N 43  
ASN CA  HA   sing N N 44  
ASN C   O    doub N N 45  
ASN C   OXT  sing N N 46  
ASN CB  CG   sing N N 47  
ASN CB  HB2  sing N N 48  
ASN CB  HB3  sing N N 49  
ASN CG  OD1  doub N N 50  
ASN CG  ND2  sing N N 51  
ASN ND2 HD21 sing N N 52  
ASN ND2 HD22 sing N N 53  
ASN OXT HXT  sing N N 54  
ASP N   CA   sing N N 55  
ASP N   H    sing N N 56  
ASP N   H2   sing N N 57  
ASP CA  C    sing N N 58  
ASP CA  CB   sing N N 59  
ASP CA  HA   sing N N 60  
ASP C   O    doub N N 61  
ASP C   OXT  sing N N 62  
ASP CB  CG   sing N N 63  
ASP CB  HB2  sing N N 64  
ASP CB  HB3  sing N N 65  
ASP CG  OD1  doub N N 66  
ASP CG  OD2  sing N N 67  
ASP OD2 HD2  sing N N 68  
ASP OXT HXT  sing N N 69  
GLN N   CA   sing N N 70  
GLN N   H    sing N N 71  
GLN N   H2   sing N N 72  
GLN CA  C    sing N N 73  
GLN CA  CB   sing N N 74  
GLN CA  HA   sing N N 75  
GLN C   O    doub N N 76  
GLN C   OXT  sing N N 77  
GLN CB  CG   sing N N 78  
GLN CB  HB2  sing N N 79  
GLN CB  HB3  sing N N 80  
GLN CG  CD   sing N N 81  
GLN CG  HG2  sing N N 82  
GLN CG  HG3  sing N N 83  
GLN CD  OE1  doub N N 84  
GLN CD  NE2  sing N N 85  
GLN NE2 HE21 sing N N 86  
GLN NE2 HE22 sing N N 87  
GLN OXT HXT  sing N N 88  
GLU N   CA   sing N N 89  
GLU N   H    sing N N 90  
GLU N   H2   sing N N 91  
GLU CA  C    sing N N 92  
GLU CA  CB   sing N N 93  
GLU CA  HA   sing N N 94  
GLU C   O    doub N N 95  
GLU C   OXT  sing N N 96  
GLU CB  CG   sing N N 97  
GLU CB  HB2  sing N N 98  
GLU CB  HB3  sing N N 99  
GLU CG  CD   sing N N 100 
GLU CG  HG2  sing N N 101 
GLU CG  HG3  sing N N 102 
GLU CD  OE1  doub N N 103 
GLU CD  OE2  sing N N 104 
GLU OE2 HE2  sing N N 105 
GLU OXT HXT  sing N N 106 
GLY N   CA   sing N N 107 
GLY N   H    sing N N 108 
GLY N   H2   sing N N 109 
GLY CA  C    sing N N 110 
GLY CA  HA2  sing N N 111 
GLY CA  HA3  sing N N 112 
GLY C   O    doub N N 113 
GLY C   OXT  sing N N 114 
GLY OXT HXT  sing N N 115 
HIS N   CA   sing N N 116 
HIS N   H    sing N N 117 
HIS N   H2   sing N N 118 
HIS CA  C    sing N N 119 
HIS CA  CB   sing N N 120 
HIS CA  HA   sing N N 121 
HIS C   O    doub N N 122 
HIS C   OXT  sing N N 123 
HIS CB  CG   sing N N 124 
HIS CB  HB2  sing N N 125 
HIS CB  HB3  sing N N 126 
HIS CG  ND1  sing Y N 127 
HIS CG  CD2  doub Y N 128 
HIS ND1 CE1  doub Y N 129 
HIS ND1 HD1  sing N N 130 
HIS CD2 NE2  sing Y N 131 
HIS CD2 HD2  sing N N 132 
HIS CE1 NE2  sing Y N 133 
HIS CE1 HE1  sing N N 134 
HIS NE2 HE2  sing N N 135 
HIS OXT HXT  sing N N 136 
HOH O   H1   sing N N 137 
HOH O   H2   sing N N 138 
ILE N   CA   sing N N 139 
ILE N   H    sing N N 140 
ILE N   H2   sing N N 141 
ILE CA  C    sing N N 142 
ILE CA  CB   sing N N 143 
ILE CA  HA   sing N N 144 
ILE C   O    doub N N 145 
ILE C   OXT  sing N N 146 
ILE CB  CG1  sing N N 147 
ILE CB  CG2  sing N N 148 
ILE CB  HB   sing N N 149 
ILE CG1 CD1  sing N N 150 
ILE CG1 HG12 sing N N 151 
ILE CG1 HG13 sing N N 152 
ILE CG2 HG21 sing N N 153 
ILE CG2 HG22 sing N N 154 
ILE CG2 HG23 sing N N 155 
ILE CD1 HD11 sing N N 156 
ILE CD1 HD12 sing N N 157 
ILE CD1 HD13 sing N N 158 
ILE OXT HXT  sing N N 159 
LEU N   CA   sing N N 160 
LEU N   H    sing N N 161 
LEU N   H2   sing N N 162 
LEU CA  C    sing N N 163 
LEU CA  CB   sing N N 164 
LEU CA  HA   sing N N 165 
LEU C   O    doub N N 166 
LEU C   OXT  sing N N 167 
LEU CB  CG   sing N N 168 
LEU CB  HB2  sing N N 169 
LEU CB  HB3  sing N N 170 
LEU CG  CD1  sing N N 171 
LEU CG  CD2  sing N N 172 
LEU CG  HG   sing N N 173 
LEU CD1 HD11 sing N N 174 
LEU CD1 HD12 sing N N 175 
LEU CD1 HD13 sing N N 176 
LEU CD2 HD21 sing N N 177 
LEU CD2 HD22 sing N N 178 
LEU CD2 HD23 sing N N 179 
LEU OXT HXT  sing N N 180 
MET N   CA   sing N N 181 
MET N   H    sing N N 182 
MET N   H2   sing N N 183 
MET CA  C    sing N N 184 
MET CA  CB   sing N N 185 
MET CA  HA   sing N N 186 
MET C   O    doub N N 187 
MET C   OXT  sing N N 188 
MET CB  CG   sing N N 189 
MET CB  HB2  sing N N 190 
MET CB  HB3  sing N N 191 
MET CG  SD   sing N N 192 
MET CG  HG2  sing N N 193 
MET CG  HG3  sing N N 194 
MET SD  CE   sing N N 195 
MET CE  HE1  sing N N 196 
MET CE  HE2  sing N N 197 
MET CE  HE3  sing N N 198 
MET OXT HXT  sing N N 199 
PHE N   CA   sing N N 200 
PHE N   H    sing N N 201 
PHE N   H2   sing N N 202 
PHE CA  C    sing N N 203 
PHE CA  CB   sing N N 204 
PHE CA  HA   sing N N 205 
PHE C   O    doub N N 206 
PHE C   OXT  sing N N 207 
PHE CB  CG   sing N N 208 
PHE CB  HB2  sing N N 209 
PHE CB  HB3  sing N N 210 
PHE CG  CD1  doub Y N 211 
PHE CG  CD2  sing Y N 212 
PHE CD1 CE1  sing Y N 213 
PHE CD1 HD1  sing N N 214 
PHE CD2 CE2  doub Y N 215 
PHE CD2 HD2  sing N N 216 
PHE CE1 CZ   doub Y N 217 
PHE CE1 HE1  sing N N 218 
PHE CE2 CZ   sing Y N 219 
PHE CE2 HE2  sing N N 220 
PHE CZ  HZ   sing N N 221 
PHE OXT HXT  sing N N 222 
PO4 P   O1   doub N N 223 
PO4 P   O2   sing N N 224 
PO4 P   O3   sing N N 225 
PO4 P   O4   sing N N 226 
PRO N   CA   sing N N 227 
PRO N   CD   sing N N 228 
PRO N   H    sing N N 229 
PRO CA  C    sing N N 230 
PRO CA  CB   sing N N 231 
PRO CA  HA   sing N N 232 
PRO C   O    doub N N 233 
PRO C   OXT  sing N N 234 
PRO CB  CG   sing N N 235 
PRO CB  HB2  sing N N 236 
PRO CB  HB3  sing N N 237 
PRO CG  CD   sing N N 238 
PRO CG  HG2  sing N N 239 
PRO CG  HG3  sing N N 240 
PRO CD  HD2  sing N N 241 
PRO CD  HD3  sing N N 242 
PRO OXT HXT  sing N N 243 
SER N   CA   sing N N 244 
SER N   H    sing N N 245 
SER N   H2   sing N N 246 
SER CA  C    sing N N 247 
SER CA  CB   sing N N 248 
SER CA  HA   sing N N 249 
SER C   O    doub N N 250 
SER C   OXT  sing N N 251 
SER CB  OG   sing N N 252 
SER CB  HB2  sing N N 253 
SER CB  HB3  sing N N 254 
SER OG  HG   sing N N 255 
SER OXT HXT  sing N N 256 
THR N   CA   sing N N 257 
THR N   H    sing N N 258 
THR N   H2   sing N N 259 
THR CA  C    sing N N 260 
THR CA  CB   sing N N 261 
THR CA  HA   sing N N 262 
THR C   O    doub N N 263 
THR C   OXT  sing N N 264 
THR CB  OG1  sing N N 265 
THR CB  CG2  sing N N 266 
THR CB  HB   sing N N 267 
THR OG1 HG1  sing N N 268 
THR CG2 HG21 sing N N 269 
THR CG2 HG22 sing N N 270 
THR CG2 HG23 sing N N 271 
THR OXT HXT  sing N N 272 
TRP N   CA   sing N N 273 
TRP N   H    sing N N 274 
TRP N   H2   sing N N 275 
TRP CA  C    sing N N 276 
TRP CA  CB   sing N N 277 
TRP CA  HA   sing N N 278 
TRP C   O    doub N N 279 
TRP C   OXT  sing N N 280 
TRP CB  CG   sing N N 281 
TRP CB  HB2  sing N N 282 
TRP CB  HB3  sing N N 283 
TRP CG  CD1  doub Y N 284 
TRP CG  CD2  sing Y N 285 
TRP CD1 NE1  sing Y N 286 
TRP CD1 HD1  sing N N 287 
TRP CD2 CE2  doub Y N 288 
TRP CD2 CE3  sing Y N 289 
TRP NE1 CE2  sing Y N 290 
TRP NE1 HE1  sing N N 291 
TRP CE2 CZ2  sing Y N 292 
TRP CE3 CZ3  doub Y N 293 
TRP CE3 HE3  sing N N 294 
TRP CZ2 CH2  doub Y N 295 
TRP CZ2 HZ2  sing N N 296 
TRP CZ3 CH2  sing Y N 297 
TRP CZ3 HZ3  sing N N 298 
TRP CH2 HH2  sing N N 299 
TRP OXT HXT  sing N N 300 
TYR N   CA   sing N N 301 
TYR N   H    sing N N 302 
TYR N   H2   sing N N 303 
TYR CA  C    sing N N 304 
TYR CA  CB   sing N N 305 
TYR CA  HA   sing N N 306 
TYR C   O    doub N N 307 
TYR C   OXT  sing N N 308 
TYR CB  CG   sing N N 309 
TYR CB  HB2  sing N N 310 
TYR CB  HB3  sing N N 311 
TYR CG  CD1  doub Y N 312 
TYR CG  CD2  sing Y N 313 
TYR CD1 CE1  sing Y N 314 
TYR CD1 HD1  sing N N 315 
TYR CD2 CE2  doub Y N 316 
TYR CD2 HD2  sing N N 317 
TYR CE1 CZ   doub Y N 318 
TYR CE1 HE1  sing N N 319 
TYR CE2 CZ   sing Y N 320 
TYR CE2 HE2  sing N N 321 
TYR CZ  OH   sing N N 322 
TYR OH  HH   sing N N 323 
TYR OXT HXT  sing N N 324 
VAL N   CA   sing N N 325 
VAL N   H    sing N N 326 
VAL N   H2   sing N N 327 
VAL CA  C    sing N N 328 
VAL CA  CB   sing N N 329 
VAL CA  HA   sing N N 330 
VAL C   O    doub N N 331 
VAL C   OXT  sing N N 332 
VAL CB  CG1  sing N N 333 
VAL CB  CG2  sing N N 334 
VAL CB  HB   sing N N 335 
VAL CG1 HG11 sing N N 336 
VAL CG1 HG12 sing N N 337 
VAL CG1 HG13 sing N N 338 
VAL CG2 HG21 sing N N 339 
VAL CG2 HG22 sing N N 340 
VAL CG2 HG23 sing N N 341 
VAL OXT HXT  sing N N 342 
# 
_atom_sites.entry_id                    3PO8 
_atom_sites.fract_transf_matrix[1][1]   0.00864311 
_atom_sites.fract_transf_matrix[1][2]   -0.01370547 
_atom_sites.fract_transf_matrix[1][3]   0.00688679 
_atom_sites.fract_transf_matrix[2][1]   0.00694878 
_atom_sites.fract_transf_matrix[2][2]   0.00894315 
_atom_sites.fract_transf_matrix[2][3]   0.00907694 
_atom_sites.fract_transf_matrix[3][1]   -0.01489207 
_atom_sites.fract_transf_matrix[3][2]   -0.00244993 
_atom_sites.fract_transf_matrix[3][3]   0.01381433 
_atom_sites.fract_transf_vector[1]      0.343030 
_atom_sites.fract_transf_vector[2]      0.219953 
_atom_sites.fract_transf_vector[3]      -0.051712 
# 
loop_
_atom_type.symbol 
C 
N 
O 
P 
S 
# 
loop_
_atom_site.group_PDB 
_atom_site.id 
_atom_site.type_symbol 
_atom_site.label_atom_id 
_atom_site.label_alt_id 
_atom_site.label_comp_id 
_atom_site.label_asym_id 
_atom_site.label_entity_id 
_atom_site.label_seq_id 
_atom_site.pdbx_PDB_ins_code 
_atom_site.Cartn_x 
_atom_site.Cartn_y 
_atom_site.Cartn_z 
_atom_site.occupancy 
_atom_site.B_iso_or_equiv 
_atom_site.pdbx_formal_charge 
_atom_site.auth_seq_id 
_atom_site.auth_comp_id 
_atom_site.auth_asym_id 
_atom_site.auth_atom_id 
_atom_site.pdbx_PDB_model_num 
ATOM   1    N N   . GLY A 1 3   ? -5.449  -6.378  -19.346 1.00 26.54  ? 3   GLY A N   1 
ATOM   2    C CA  . GLY A 1 3   ? -5.117  -5.370  -18.300 1.00 24.98  ? 3   GLY A CA  1 
ATOM   3    C C   . GLY A 1 3   ? -5.327  -5.961  -16.919 1.00 23.80  ? 3   GLY A C   1 
ATOM   4    O O   . GLY A 1 3   ? -6.002  -6.982  -16.752 1.00 23.68  ? 3   GLY A O   1 
ATOM   5    N N   . THR A 1 4   ? -4.726  -5.307  -15.931 1.00 21.42  ? 4   THR A N   1 
ATOM   6    C CA  . THR A 1 4   ? -4.741  -5.766  -14.551 1.00 20.70  ? 4   THR A CA  1 
ATOM   7    C C   . THR A 1 4   ? -5.148  -4.613  -13.676 1.00 18.70  ? 4   THR A C   1 
ATOM   8    O O   . THR A 1 4   ? -4.946  -3.451  -14.017 1.00 16.84  ? 4   THR A O   1 
ATOM   9    C CB  . THR A 1 4   ? -3.322  -6.219  -14.102 1.00 20.76  ? 4   THR A CB  1 
ATOM   10   O OG1 . THR A 1 4   ? -2.848  -7.228  -15.000 1.00 24.35  ? 4   THR A OG1 1 
ATOM   11   C CG2 . THR A 1 4   ? -3.319  -6.735  -12.645 1.00 23.03  ? 4   THR A CG2 1 
ATOM   12   N N   . SER A 1 5   ? -5.720  -4.948  -12.530 1.00 17.34  ? 5   SER A N   1 
ATOM   13   C CA  . SER A 1 5   ? -5.953  -3.978  -11.502 1.00 17.58  ? 5   SER A CA  1 
ATOM   14   C C   . SER A 1 5   ? -5.460  -4.537  -10.188 1.00 15.78  ? 5   SER A C   1 
ATOM   15   O O   . SER A 1 5   ? -5.368  -5.731  -9.986  1.00 15.09  ? 5   SER A O   1 
ATOM   16   C CB  . SER A 1 5   ? -7.431  -3.649  -11.422 1.00 18.88  ? 5   SER A CB  1 
ATOM   17   O OG  . SER A 1 5   ? -7.685  -2.787  -10.333 1.00 22.74  ? 5   SER A OG  1 
ATOM   18   N N   . VAL A 1 6   ? -5.133  -3.634  -9.282  1.00 13.50  ? 6   VAL A N   1 
ATOM   19   C CA  . VAL A 1 6   ? -4.618  -4.017  -7.981  1.00 13.46  ? 6   VAL A CA  1 
ATOM   20   C C   . VAL A 1 6   ? -5.470  -3.379  -6.907  1.00 12.48  ? 6   VAL A C   1 
ATOM   21   O O   . VAL A 1 6   ? -5.769  -2.176  -6.968  1.00 12.84  ? 6   VAL A O   1 
ATOM   22   C CB  . VAL A 1 6   ? -3.154  -3.548  -7.762  1.00 12.19  ? 6   VAL A CB  1 
ATOM   23   C CG1 . VAL A 1 6   ? -2.691  -3.896  -6.322  1.00 13.11  ? 6   VAL A CG1 1 
ATOM   24   C CG2 . VAL A 1 6   ? -2.217  -4.162  -8.798  1.00 14.30  ? 6   VAL A CG2 1 
ATOM   25   N N   . THR A 1 7   ? -5.865  -4.188  -5.935  1.00 12.37  ? 7   THR A N   1 
ATOM   26   C CA  . THR A 1 7   ? -6.556  -3.700  -4.752  1.00 12.93  ? 7   THR A CA  1 
ATOM   27   C C   . THR A 1 7   ? -5.739  -3.890  -3.506  1.00 12.30  ? 7   THR A C   1 
ATOM   28   O O   . THR A 1 7   ? -4.960  -4.847  -3.357  1.00 13.38  ? 7   THR A O   1 
ATOM   29   C CB  . THR A 1 7   ? -7.929  -4.352  -4.544  1.00 13.44  ? 7   THR A CB  1 
ATOM   30   O OG1 . THR A 1 7   ? -7.780  -5.775  -4.481  1.00 15.09  ? 7   THR A OG1 1 
ATOM   31   C CG2 . THR A 1 7   ? -8.844  -3.967  -5.656  1.00 16.14  ? 7   THR A CG2 1 
ATOM   32   N N   . LEU A 1 8   ? -5.938  -2.945  -2.604  1.00 11.75  ? 8   LEU A N   1 
ATOM   33   C CA  . LEU A 1 8   ? -5.316  -2.942  -1.286  1.00 11.25  ? 8   LEU A CA  1 
ATOM   34   C C   . LEU A 1 8   ? -6.466  -3.050  -0.306  1.00 11.51  ? 8   LEU A C   1 
ATOM   35   O O   . LEU A 1 8   ? -7.371  -2.207  -0.350  1.00 14.03  ? 8   LEU A O   1 
ATOM   36   C CB  . LEU A 1 8   ? -4.610  -1.613  -1.043  1.00 11.36  ? 8   LEU A CB  1 
ATOM   37   C CG  . LEU A 1 8   ? -3.570  -1.135  -2.066  1.00 13.18  ? 8   LEU A CG  1 
ATOM   38   C CD1 . LEU A 1 8   ? -2.945  0.183   -1.622  1.00 15.61  ? 8   LEU A CD1 1 
ATOM   39   C CD2 . LEU A 1 8   ? -2.540  -2.210  -2.247  1.00 16.94  ? 8   LEU A CD2 1 
ATOM   40   N N   . GLN A 1 9   ? -6.475  -4.052  0.552   1.00 11.09  ? 9   GLN A N   1 
ATOM   41   C CA  . GLN A 1 9   ? -7.552  -4.202  1.537   1.00 11.66  ? 9   GLN A CA  1 
ATOM   42   C C   . GLN A 1 9   ? -6.994  -4.217  2.950   1.00 13.29  ? 9   GLN A C   1 
ATOM   43   O O   . GLN A 1 9   ? -6.099  -5.019  3.263   1.00 11.90  ? 9   GLN A O   1 
ATOM   44   C CB  . GLN A 1 9   ? -8.343  -5.492  1.300   1.00 12.16  ? 9   GLN A CB  1 
ATOM   45   C CG  . GLN A 1 9   ? -9.453  -5.695  2.301   1.00 13.89  ? 9   GLN A CG  1 
ATOM   46   C CD  . GLN A 1 9   ? -10.423 -6.752  1.886   1.00 17.51  ? 9   GLN A CD  1 
ATOM   47   O OE1 . GLN A 1 9   ? -10.029 -7.838  1.476   1.00 21.16  ? 9   GLN A OE1 1 
ATOM   48   N NE2 . GLN A 1 9   ? -11.713 -6.456  2.016   1.00 20.78  ? 9   GLN A NE2 1 
ATOM   49   N N   . LEU A 1 10  ? -7.485  -3.312  3.802   1.00 15.04  ? 10  LEU A N   1 
ATOM   50   C CA  . LEU A 1 10  ? -7.068  -3.274  5.197   1.00 17.82  ? 10  LEU A CA  1 
ATOM   51   C C   . LEU A 1 10  ? -7.582  -4.512  5.892   1.00 19.43  ? 10  LEU A C   1 
ATOM   52   O O   . LEU A 1 10  ? -8.749  -4.897  5.722   1.00 20.35  ? 10  LEU A O   1 
ATOM   53   C CB  . LEU A 1 10  ? -7.615  -2.033  5.895   1.00 18.47  ? 10  LEU A CB  1 
ATOM   54   C CG  . LEU A 1 10  ? -6.763  -0.788  5.921   1.00 21.26  ? 10  LEU A CG  1 
ATOM   55   C CD1 . LEU A 1 10  ? -7.566  0.352   6.525   1.00 21.48  ? 10  LEU A CD1 1 
ATOM   56   C CD2 . LEU A 1 10  ? -5.502  -1.029  6.722   1.00 20.79  ? 10  LEU A CD2 1 
ATOM   57   N N   . ASP A 1 11  ? -6.729  -5.133  6.692   1.00 21.68  ? 11  ASP A N   1 
ATOM   58   C CA  . ASP A 1 11  ? -7.094  -6.362  7.382   1.00 23.88  ? 11  ASP A CA  1 
ATOM   59   C C   . ASP A 1 11  ? -7.353  -6.086  8.873   1.00 25.34  ? 11  ASP A C   1 
ATOM   60   O O   . ASP A 1 11  ? -6.863  -6.817  9.752   1.00 26.43  ? 11  ASP A O   1 
ATOM   61   C CB  . ASP A 1 11  ? -6.006  -7.423  7.190   1.00 24.76  ? 11  ASP A CB  1 
ATOM   62   C CG  . ASP A 1 11  ? -6.479  -8.813  7.569   1.00 27.26  ? 11  ASP A CG  1 
ATOM   63   O OD1 . ASP A 1 11  ? -7.708  -9.014  7.660   1.00 32.06  ? 11  ASP A OD1 1 
ATOM   64   O OD2 . ASP A 1 11  ? -5.627  -9.698  7.803   1.00 31.53  ? 11  ASP A OD2 1 
ATOM   65   N N   . ASP A 1 12  ? -8.150  -5.045  9.130   1.00 26.40  ? 12  ASP A N   1 
ATOM   66   C CA  . ASP A 1 12  ? -8.528  -4.642  10.491  1.00 27.41  ? 12  ASP A CA  1 
ATOM   67   C C   . ASP A 1 12  ? -9.965  -5.011  10.905  1.00 28.17  ? 12  ASP A C   1 
ATOM   68   O O   . ASP A 1 12  ? -10.377 -4.716  12.033  1.00 29.11  ? 12  ASP A O   1 
ATOM   69   C CB  . ASP A 1 12  ? -8.298  -3.132  10.666  1.00 27.74  ? 12  ASP A CB  1 
ATOM   70   C CG  . ASP A 1 12  ? -9.307  -2.280  9.917   1.00 28.67  ? 12  ASP A CG  1 
ATOM   71   O OD1 . ASP A 1 12  ? -9.927  -2.766  8.949   1.00 27.64  ? 12  ASP A OD1 1 
ATOM   72   O OD2 . ASP A 1 12  ? -9.477  -1.102  10.305  1.00 32.14  ? 12  ASP A OD2 1 
ATOM   73   N N   . GLY A 1 13  ? -10.720 -5.646  10.008  1.00 27.66  ? 13  GLY A N   1 
ATOM   74   C CA  . GLY A 1 13  ? -12.123 -5.978  10.270  1.00 27.84  ? 13  GLY A CA  1 
ATOM   75   C C   . GLY A 1 13  ? -13.089 -5.116  9.472   1.00 27.29  ? 13  GLY A C   1 
ATOM   76   O O   . GLY A 1 13  ? -14.233 -5.513  9.240   1.00 28.37  ? 13  GLY A O   1 
ATOM   77   N N   . SER A 1 14  ? -12.625 -3.945  9.038   1.00 26.21  ? 14  SER A N   1 
ATOM   78   C CA  . SER A 1 14  ? -13.439 -2.992  8.302   1.00 25.66  ? 14  SER A CA  1 
ATOM   79   C C   . SER A 1 14  ? -13.618 -3.403  6.843   1.00 24.46  ? 14  SER A C   1 
ATOM   80   O O   . SER A 1 14  ? -14.549 -2.950  6.181   1.00 24.92  ? 14  SER A O   1 
ATOM   81   C CB  . SER A 1 14  ? -12.790 -1.603  8.335   1.00 25.94  ? 14  SER A CB  1 
ATOM   82   O OG  . SER A 1 14  ? -11.633 -1.543  7.504   1.00 25.68  ? 14  SER A OG  1 
ATOM   83   N N   . GLY A 1 15  ? -12.683 -4.212  6.352   1.00 22.71  ? 15  GLY A N   1 
ATOM   84   C CA  . GLY A 1 15  ? -12.601 -4.574  4.944   1.00 20.77  ? 15  GLY A CA  1 
ATOM   85   C C   . GLY A 1 15  ? -12.307 -3.438  3.990   1.00 18.86  ? 15  GLY A C   1 
ATOM   86   O O   . GLY A 1 15  ? -12.377 -3.627  2.795   1.00 17.91  ? 15  GLY A O   1 
ATOM   87   N N   . ARG A 1 16  ? -11.970 -2.254  4.494   1.00 15.98  ? 16  ARG A N   1 
ATOM   88   C CA  . ARG A 1 16  ? -11.805 -1.081  3.640   1.00 15.28  ? 16  ARG A CA  1 
ATOM   89   C C   . ARG A 1 16  ? -10.735 -1.299  2.562   1.00 14.29  ? 16  ARG A C   1 
ATOM   90   O O   . ARG A 1 16  ? -9.639  -1.774  2.850   1.00 13.83  ? 16  ARG A O   1 
ATOM   91   C CB  . ARG A 1 16  ? -11.448 0.151   4.471   1.00 14.75  ? 16  ARG A CB  1 
ATOM   92   C CG  . ARG A 1 16  ? -11.532 1.432   3.718   1.00 15.48  ? 16  ARG A CG  1 
ATOM   93   C CD  . ARG A 1 16  ? -11.711 2.633   4.651   1.00 16.55  ? 16  ARG A CD  1 
ATOM   94   N NE  . ARG A 1 16  ? -10.616 2.774   5.589   1.00 17.21  ? 16  ARG A NE  1 
ATOM   95   C CZ  . ARG A 1 16  ? -9.591  3.609   5.460   1.00 14.64  ? 16  ARG A CZ  1 
ATOM   96   N NH1 . ARG A 1 16  ? -9.500  4.420   4.409   1.00 15.77  ? 16  ARG A NH1 1 
ATOM   97   N NH2 . ARG A 1 16  ? -8.673  3.664   6.418   1.00 15.14  ? 16  ARG A NH2 1 
ATOM   98   N N   . THR A 1 17  ? -11.069 -0.885  1.343   1.00 13.13  ? 17  THR A N   1 
ATOM   99   C CA  . THR A 1 17  ? -10.319 -1.223  0.146   1.00 13.53  ? 17  THR A CA  1 
ATOM   100  C C   . THR A 1 17  ? -10.003 0.020   -0.674  1.00 12.94  ? 17  THR A C   1 
ATOM   101  O O   . THR A 1 17  ? -10.778 0.956   -0.733  1.00 14.19  ? 17  THR A O   1 
ATOM   102  C CB  . THR A 1 17  ? -11.136 -2.222  -0.699  1.00 13.99  ? 17  THR A CB  1 
ATOM   103  O OG1 . THR A 1 17  ? -11.258 -3.455  0.035   1.00 16.65  ? 17  THR A OG1 1 
ATOM   104  C CG2 . THR A 1 17  ? -10.501 -2.510  -2.036  1.00 16.61  ? 17  THR A CG2 1 
ATOM   105  N N   . TYR A 1 18  ? -8.830  -0.001  -1.307  1.00 12.22  ? 18  TYR A N   1 
ATOM   106  C CA  . TYR A 1 18  ? -8.410  1.016   -2.235  1.00 11.91  ? 18  TYR A CA  1 
ATOM   107  C C   . TYR A 1 18  ? -7.900  0.358   -3.508  1.00 12.31  ? 18  TYR A C   1 
ATOM   108  O O   . TYR A 1 18  ? -7.128  -0.623  -3.443  1.00 12.46  ? 18  TYR A O   1 
ATOM   109  C CB  . TYR A 1 18  ? -7.303  1.844   -1.600  1.00 11.87  ? 18  TYR A CB  1 
ATOM   110  C CG  . TYR A 1 18  ? -6.730  2.874   -2.531  1.00 12.52  ? 18  TYR A CG  1 
ATOM   111  C CD1 . TYR A 1 18  ? -7.419  4.037   -2.814  1.00 15.43  ? 18  TYR A CD1 1 
ATOM   112  C CD2 . TYR A 1 18  ? -5.514  2.672   -3.143  1.00 12.90  ? 18  TYR A CD2 1 
ATOM   113  C CE1 . TYR A 1 18  ? -6.885  4.989   -3.680  1.00 16.46  ? 18  TYR A CE1 1 
ATOM   114  C CE2 . TYR A 1 18  ? -4.972  3.610   -4.023  1.00 12.74  ? 18  TYR A CE2 1 
ATOM   115  C CZ  . TYR A 1 18  ? -5.659  4.764   -4.278  1.00 13.07  ? 18  TYR A CZ  1 
ATOM   116  O OH  . TYR A 1 18  ? -5.166  5.726   -5.142  1.00 15.19  ? 18  TYR A OH  1 
ATOM   117  N N   . GLN A 1 19  ? -8.344  0.868   -4.643  1.00 13.21  ? 19  GLN A N   1 
ATOM   118  C CA  . GLN A 1 19  ? -7.900  0.386   -5.933  1.00 13.32  ? 19  GLN A CA  1 
ATOM   119  C C   . GLN A 1 19  ? -6.833  1.316   -6.488  1.00 13.00  ? 19  GLN A C   1 
ATOM   120  O O   . GLN A 1 19  ? -7.054  2.508   -6.589  1.00 12.90  ? 19  GLN A O   1 
ATOM   121  C CB  . GLN A 1 19  ? -9.074  0.275   -6.901  1.00 14.70  ? 19  GLN A CB  1 
ATOM   122  C CG  . GLN A 1 19  ? -8.702  -0.408  -8.194  1.00 16.92  ? 19  GLN A CG  1 
ATOM   123  C CD  . GLN A 1 19  ? -9.885  -0.938  -8.950  1.00 22.10  ? 19  GLN A CD  1 
ATOM   124  O OE1 . GLN A 1 19  ? -10.194 -0.453  -10.026 1.00 28.43  ? 19  GLN A OE1 1 
ATOM   125  N NE2 . GLN A 1 19  ? -10.554 -1.935  -8.390  1.00 25.31  ? 19  GLN A NE2 1 
ATOM   126  N N   . LEU A 1 20  ? -5.696  0.752   -6.893  1.00 11.81  ? 20  LEU A N   1 
ATOM   127  C CA  . LEU A 1 20  ? -4.613  1.586   -7.400  1.00 12.11  ? 20  LEU A CA  1 
ATOM   128  C C   . LEU A 1 20  ? -5.050  2.318   -8.647  1.00 12.56  ? 20  LEU A C   1 
ATOM   129  O O   . LEU A 1 20  ? -5.729  1.744   -9.529  1.00 13.57  ? 20  LEU A O   1 
ATOM   130  C CB  . LEU A 1 20  ? -3.350  0.800   -7.737  1.00 12.10  ? 20  LEU A CB  1 
ATOM   131  C CG  . LEU A 1 20  ? -2.668  0.040   -6.617  1.00 11.48  ? 20  LEU A CG  1 
ATOM   132  C CD1 . LEU A 1 20  ? -1.349  -0.524  -7.102  1.00 12.35  ? 20  LEU A CD1 1 
ATOM   133  C CD2 . LEU A 1 20  ? -2.446  0.932   -5.430  1.00 11.66  ? 20  LEU A CD2 1 
ATOM   134  N N   . ARG A 1 21  ? -4.637  3.567   -8.741  1.00 13.42  ? 21  ARG A N   1 
ATOM   135  C CA  . ARG A 1 21  ? -4.767  4.339   -9.965  1.00 14.76  ? 21  ARG A CA  1 
ATOM   136  C C   . ARG A 1 21  ? -3.417  4.421   -10.651 1.00 14.80  ? 21  ARG A C   1 
ATOM   137  O O   . ARG A 1 21  ? -2.373  4.269   -10.016 1.00 13.13  ? 21  ARG A O   1 
ATOM   138  C CB  . ARG A 1 21  ? -5.237  5.755   -9.629  1.00 15.09  ? 21  ARG A CB  1 
ATOM   139  C CG  . ARG A 1 21  ? -6.547  5.808   -8.834  1.00 20.38  ? 21  ARG A CG  1 
ATOM   140  C CD  . ARG A 1 21  ? -6.963  7.231   -8.464  1.00 27.34  ? 21  ARG A CD  1 
ATOM   141  N NE  . ARG A 1 21  ? -7.176  7.411   -7.023  1.00 31.39  ? 21  ARG A NE  1 
ATOM   142  C CZ  . ARG A 1 21  ? -7.223  8.593   -6.403  1.00 34.59  ? 21  ARG A CZ  1 
ATOM   143  N NH1 . ARG A 1 21  ? -7.074  9.732   -7.078  1.00 36.17  ? 21  ARG A NH1 1 
ATOM   144  N NH2 . ARG A 1 21  ? -7.414  8.643   -5.094  1.00 35.96  ? 21  ARG A NH2 1 
ATOM   145  N N   . GLU A 1 22  ? -3.422  4.681   -11.946 1.00 14.81  ? 22  GLU A N   1 
ATOM   146  C CA  . GLU A 1 22  ? -2.190  4.909   -12.669 1.00 15.52  ? 22  GLU A CA  1 
ATOM   147  C C   . GLU A 1 22  ? -1.460  6.086   -12.040 1.00 15.20  ? 22  GLU A C   1 
ATOM   148  O O   . GLU A 1 22  ? -2.050  7.103   -11.684 1.00 17.02  ? 22  GLU A O   1 
ATOM   149  C CB  . GLU A 1 22  ? -2.505  5.187   -14.143 1.00 16.71  ? 22  GLU A CB  1 
ATOM   150  C CG  . GLU A 1 22  ? -1.298  5.392   -15.014 1.00 20.56  ? 22  GLU A CG  1 
ATOM   151  C CD  . GLU A 1 22  ? -1.661  5.547   -16.473 1.00 23.61  ? 22  GLU A CD  1 
ATOM   152  O OE1 . GLU A 1 22  ? -2.692  4.970   -16.908 1.00 27.90  ? 22  GLU A OE1 1 
ATOM   153  O OE2 . GLU A 1 22  ? -0.898  6.255   -17.175 1.00 24.92  ? 22  GLU A OE2 1 
ATOM   154  N N   . GLY A 1 23  ? -0.154  5.922   -11.873 1.00 14.06  ? 23  GLY A N   1 
ATOM   155  C CA  . GLY A 1 23  ? 0.672   6.933   -11.293 1.00 13.70  ? 23  GLY A CA  1 
ATOM   156  C C   . GLY A 1 23  ? 1.028   6.588   -9.866  1.00 13.34  ? 23  GLY A C   1 
ATOM   157  O O   . GLY A 1 23  ? 1.169   5.428   -9.482  1.00 13.96  ? 23  GLY A O   1 
ATOM   158  N N   . SER A 1 24  ? 1.233   7.635   -9.101  1.00 14.68  ? 24  SER A N   1 
ATOM   159  C CA  . SER A 1 24  ? 1.606   7.528   -7.717  1.00 15.61  ? 24  SER A CA  1 
ATOM   160  C C   . SER A 1 24  ? 0.374   7.421   -6.811  1.00 14.37  ? 24  SER A C   1 
ATOM   161  O O   . SER A 1 24  ? -0.592  8.166   -6.968  1.00 16.81  ? 24  SER A O   1 
ATOM   162  C CB  . SER A 1 24  ? 2.431   8.748   -7.344  1.00 17.14  ? 24  SER A CB  1 
ATOM   163  O OG  . SER A 1 24  ? 2.550   8.872   -5.958  1.00 21.94  ? 24  SER A OG  1 
ATOM   164  N N   . ASN A 1 25  ? 0.422   6.488   -5.869  1.00 12.32  ? 25  ASN A N   1 
ATOM   165  C CA  . ASN A 1 25  ? -0.643  6.277   -4.892  1.00 12.11  ? 25  ASN A CA  1 
ATOM   166  C C   . ASN A 1 25  ? -0.049  6.316   -3.507  1.00 11.64  ? 25  ASN A C   1 
ATOM   167  O O   . ASN A 1 25  ? 0.685   5.391   -3.145  1.00 11.66  ? 25  ASN A O   1 
ATOM   168  C CB  . ASN A 1 25  ? -1.298  4.900   -5.090  1.00 11.75  ? 25  ASN A CB  1 
ATOM   169  C CG  . ASN A 1 25  ? -1.942  4.728   -6.449  1.00 11.54  ? 25  ASN A CG  1 
ATOM   170  O OD1 . ASN A 1 25  ? -3.156  4.872   -6.585  1.00 11.54  ? 25  ASN A OD1 1 
ATOM   171  N ND2 . ASN A 1 25  ? -1.139  4.417   -7.461  1.00 11.55  ? 25  ASN A ND2 1 
ATOM   172  N N   . ILE A 1 26  ? -0.319  7.368   -2.748  1.00 11.70  ? 26  ILE A N   1 
ATOM   173  C CA  . ILE A 1 26  ? 0.293   7.544   -1.438  1.00 12.00  ? 26  ILE A CA  1 
ATOM   174  C C   . ILE A 1 26  ? -0.585  6.972   -0.345  1.00 11.69  ? 26  ILE A C   1 
ATOM   175  O O   . ILE A 1 26  ? -1.776  7.231   -0.283  1.00 11.33  ? 26  ILE A O   1 
ATOM   176  C CB  . ILE A 1 26  ? 0.535   9.056   -1.143  1.00 13.83  ? 26  ILE A CB  1 
ATOM   177  C CG1 . ILE A 1 26  ? 1.431   9.669   -2.233  1.00 16.93  ? 26  ILE A CG1 1 
ATOM   178  C CG2 . ILE A 1 26  ? 1.052   9.300   0.301   1.00 15.48  ? 26  ILE A CG2 1 
ATOM   179  C CD1 . ILE A 1 26  ? 2.844   9.171   -2.272  1.00 20.61  ? 26  ILE A CD1 1 
ATOM   180  N N   . ILE A 1 27  ? 0.021   6.154   0.511   1.00 10.82  ? 27  ILE A N   1 
ATOM   181  C CA  . ILE A 1 27  ? -0.621  5.652   1.715   1.00 11.23  ? 27  ILE A CA  1 
ATOM   182  C C   . ILE A 1 27  ? -0.014  6.371   2.898   1.00 10.96  ? 27  ILE A C   1 
ATOM   183  O O   . ILE A 1 27  ? 1.202   6.476   3.010   1.00 11.09  ? 27  ILE A O   1 
ATOM   184  C CB  . ILE A 1 27  ? -0.410  4.133   1.869   1.00 11.63  ? 27  ILE A CB  1 
ATOM   185  C CG1 . ILE A 1 27  ? -0.977  3.370   0.696   1.00 13.87  ? 27  ILE A CG1 1 
ATOM   186  C CG2 . ILE A 1 27  ? -1.025  3.636   3.151   1.00 13.56  ? 27  ILE A CG2 1 
ATOM   187  C CD1 . ILE A 1 27  ? -0.606  1.930   0.763   1.00 20.36  ? 27  ILE A CD1 1 
ATOM   188  N N   . GLY A 1 28  ? -0.855  6.850   3.802   1.00 10.23  ? 28  GLY A N   1 
ATOM   189  C CA  . GLY A 1 28  ? -0.366  7.540   4.985   1.00 10.89  ? 28  GLY A CA  1 
ATOM   190  C C   . GLY A 1 28  ? -1.493  7.965   5.853   1.00 11.32  ? 28  GLY A C   1 
ATOM   191  O O   . GLY A 1 28  ? -2.641  7.666   5.573   1.00 11.64  ? 28  GLY A O   1 
ATOM   192  N N   . ARG A 1 29  ? -1.142  8.674   6.909   1.00 11.89  ? 29  ARG A N   1 
ATOM   193  C CA  . ARG A 1 29  ? -2.112  9.155   7.869   1.00 12.70  ? 29  ARG A CA  1 
ATOM   194  C C   . ARG A 1 29  ? -2.652  10.532  7.478   1.00 13.59  ? 29  ARG A C   1 
ATOM   195  O O   . ARG A 1 29  ? -3.716  10.951  7.993   1.00 14.35  ? 29  ARG A O   1 
ATOM   196  C CB  . ARG A 1 29  ? -1.432  9.217   9.238   1.00 14.04  ? 29  ARG A CB  1 
ATOM   197  C CG  . ARG A 1 29  ? -2.285  9.745   10.367  1.00 17.42  ? 29  ARG A CG  1 
ATOM   198  C CD  . ARG A 1 29  ? -1.719  9.429   11.717  1.00 21.59  ? 29  ARG A CD  1 
ATOM   199  N NE  . ARG A 1 29  ? -0.281  9.517   11.709  1.00 25.30  ? 29  ARG A NE  1 
ATOM   200  C CZ  . ARG A 1 29  ? 0.431   10.627  11.868  1.00 27.06  ? 29  ARG A CZ  1 
ATOM   201  N NH1 . ARG A 1 29  ? -0.154  11.799  12.102  1.00 29.93  ? 29  ARG A NH1 1 
ATOM   202  N NH2 . ARG A 1 29  ? 1.756   10.545  11.812  1.00 26.74  ? 29  ARG A NH2 1 
ATOM   203  N N   . GLY A 1 30  ? -1.960  11.221  6.577   1.00 13.73  ? 30  GLY A N   1 
ATOM   204  C CA  . GLY A 1 30  ? -2.287  12.616  6.238   1.00 15.10  ? 30  GLY A CA  1 
ATOM   205  C C   . GLY A 1 30  ? -3.438  12.748  5.260   1.00 15.56  ? 30  GLY A C   1 
ATOM   206  O O   . GLY A 1 30  ? -3.740  11.815  4.550   1.00 14.42  ? 30  GLY A O   1 
ATOM   207  N N   . GLN A 1 31  ? -4.044  13.934  5.190   1.00 16.55  ? 31  GLN A N   1 
ATOM   208  C CA  . GLN A 1 31  ? -5.196  14.145  4.309   1.00 18.38  ? 31  GLN A CA  1 
ATOM   209  C C   . GLN A 1 31  ? -4.837  14.184  2.833   1.00 18.95  ? 31  GLN A C   1 
ATOM   210  O O   . GLN A 1 31  ? -5.719  14.038  1.984   1.00 19.90  ? 31  GLN A O   1 
ATOM   211  C CB  . GLN A 1 31  ? -6.041  15.373  4.717   1.00 20.18  ? 31  GLN A CB  1 
ATOM   212  C CG  . GLN A 1 31  ? -5.422  16.698  4.457   1.00 21.56  ? 31  GLN A CG  1 
ATOM   213  C CD  . GLN A 1 31  ? -6.307  17.850  4.914   1.00 21.31  ? 31  GLN A CD  1 
ATOM   214  O OE1 . GLN A 1 31  ? -6.948  17.798  5.971   1.00 20.97  ? 31  GLN A OE1 1 
ATOM   215  N NE2 . GLN A 1 31  ? -6.342  18.893  4.121   1.00 20.21  ? 31  GLN A NE2 1 
ATOM   216  N N   . ASP A 1 32  ? -3.555  14.350  2.500   1.00 18.92  ? 32  ASP A N   1 
ATOM   217  C CA  . ASP A 1 32  ? -3.134  14.273  1.093   1.00 19.34  ? 32  ASP A CA  1 
ATOM   218  C C   . ASP A 1 32  ? -2.978  12.820  0.588   1.00 17.94  ? 32  ASP A C   1 
ATOM   219  O O   . ASP A 1 32  ? -2.813  12.590  -0.622  1.00 20.13  ? 32  ASP A O   1 
ATOM   220  C CB  . ASP A 1 32  ? -1.901  15.160  0.768   1.00 20.97  ? 32  ASP A CB  1 
ATOM   221  C CG  . ASP A 1 32  ? -0.719  14.959  1.702   1.00 23.80  ? 32  ASP A CG  1 
ATOM   222  O OD1 . ASP A 1 32  ? -0.824  14.205  2.691   1.00 27.01  ? 32  ASP A OD1 1 
ATOM   223  O OD2 . ASP A 1 32  ? 0.340   15.605  1.455   1.00 28.51  ? 32  ASP A OD2 1 
ATOM   224  N N   . ALA A 1 33  ? -3.068  11.845  1.488   1.00 16.16  ? 33  ALA A N   1 
ATOM   225  C CA  . ALA A 1 33  ? -2.933  10.440  1.101   1.00 13.82  ? 33  ALA A CA  1 
ATOM   226  C C   . ALA A 1 33  ? -4.089  9.998   0.255   1.00 14.09  ? 33  ALA A C   1 
ATOM   227  O O   . ALA A 1 33  ? -5.229  10.402  0.500   1.00 15.23  ? 33  ALA A O   1 
ATOM   228  C CB  . ALA A 1 33  ? -2.811  9.522   2.365   1.00 14.09  ? 33  ALA A CB  1 
ATOM   229  N N   . GLN A 1 34  ? -3.795  9.170   -0.740  1.00 12.77  ? 34  GLN A N   1 
ATOM   230  C CA  . GLN A 1 34  ? -4.831  8.517   -1.536  1.00 13.32  ? 34  GLN A CA  1 
ATOM   231  C C   . GLN A 1 34  ? -5.554  7.440   -0.758  1.00 12.86  ? 34  GLN A C   1 
ATOM   232  O O   . GLN A 1 34  ? -6.744  7.216   -0.956  1.00 14.38  ? 34  GLN A O   1 
ATOM   233  C CB  . GLN A 1 34  ? -4.247  7.927   -2.822  1.00 13.97  ? 34  GLN A CB  1 
ATOM   234  C CG  . GLN A 1 34  ? -4.123  8.932   -3.982  1.00 16.62  ? 34  GLN A CG  1 
ATOM   235  C CD  . GLN A 1 34  ? -3.006  9.911   -3.842  1.00 19.87  ? 34  GLN A CD  1 
ATOM   236  O OE1 . GLN A 1 34  ? -1.883  9.572   -3.459  1.00 19.94  ? 34  GLN A OE1 1 
ATOM   237  N NE2 . GLN A 1 34  ? -3.299  11.161  -4.171  1.00 21.65  ? 34  GLN A NE2 1 
ATOM   238  N N   . PHE A 1 35  ? -4.817  6.732   0.104   1.00 11.61  ? 35  PHE A N   1 
ATOM   239  C CA  . PHE A 1 35  ? -5.378  5.723   1.003   1.00 11.52  ? 35  PHE A CA  1 
ATOM   240  C C   . PHE A 1 35  ? -4.901  6.132   2.393   1.00 10.63  ? 35  PHE A C   1 
ATOM   241  O O   . PHE A 1 35  ? -3.724  6.035   2.727   1.00 11.21  ? 35  PHE A O   1 
ATOM   242  C CB  . PHE A 1 35  ? -4.896  4.318   0.623   1.00 11.71  ? 35  PHE A CB  1 
ATOM   243  C CG  . PHE A 1 35  ? -5.648  3.189   1.272   1.00 12.54  ? 35  PHE A CG  1 
ATOM   244  C CD1 . PHE A 1 35  ? -6.980  3.298   1.649   1.00 14.48  ? 35  PHE A CD1 1 
ATOM   245  C CD2 . PHE A 1 35  ? -5.029  1.967   1.433   1.00 12.80  ? 35  PHE A CD2 1 
ATOM   246  C CE1 . PHE A 1 35  ? -7.656  2.206   2.209   1.00 15.61  ? 35  PHE A CE1 1 
ATOM   247  C CE2 . PHE A 1 35  ? -5.701  0.880   1.968   1.00 15.36  ? 35  PHE A CE2 1 
ATOM   248  C CZ  . PHE A 1 35  ? -7.011  1.010   2.360   1.00 15.25  ? 35  PHE A CZ  1 
ATOM   249  N N   . ARG A 1 36  ? -5.838  6.654   3.168   1.00 11.39  ? 36  ARG A N   1 
ATOM   250  C CA  . ARG A 1 36  ? -5.547  7.317   4.430   1.00 11.28  ? 36  ARG A CA  1 
ATOM   251  C C   . ARG A 1 36  ? -5.855  6.381   5.593   1.00 11.38  ? 36  ARG A C   1 
ATOM   252  O O   . ARG A 1 36  ? -6.964  5.846   5.678   1.00 12.16  ? 36  ARG A O   1 
ATOM   253  C CB  . ARG A 1 36  ? -6.354  8.610   4.524   1.00 11.78  ? 36  ARG A CB  1 
ATOM   254  C CG  . ARG A 1 36  ? -6.004  9.469   5.714   1.00 11.39  ? 36  ARG A CG  1 
ATOM   255  C CD  . ARG A 1 36  ? -6.877  10.691  5.726   1.00 12.44  ? 36  ARG A CD  1 
ATOM   256  N NE  . ARG A 1 36  ? -6.496  11.628  6.768   1.00 14.22  ? 36  ARG A NE  1 
ATOM   257  C CZ  . ARG A 1 36  ? -7.088  12.793  6.963   1.00 15.41  ? 36  ARG A CZ  1 
ATOM   258  N NH1 . ARG A 1 36  ? -8.047  13.180  6.163   1.00 13.54  ? 36  ARG A NH1 1 
ATOM   259  N NH2 . ARG A 1 36  ? -6.681  13.578  7.945   1.00 16.78  ? 36  ARG A NH2 1 
ATOM   260  N N   . LEU A 1 37  ? -4.879  6.169   6.477   1.00 11.79  ? 37  LEU A N   1 
ATOM   261  C CA  . LEU A 1 37  ? -4.997  5.199   7.583   1.00 12.83  ? 37  LEU A CA  1 
ATOM   262  C C   . LEU A 1 37  ? -5.033  5.908   8.941   1.00 12.43  ? 37  LEU A C   1 
ATOM   263  O O   . LEU A 1 37  ? -4.156  6.715   9.235   1.00 13.48  ? 37  LEU A O   1 
ATOM   264  C CB  . LEU A 1 37  ? -3.836  4.200   7.576   1.00 13.39  ? 37  LEU A CB  1 
ATOM   265  C CG  . LEU A 1 37  ? -3.584  3.423   6.294   1.00 13.60  ? 37  LEU A CG  1 
ATOM   266  C CD1 . LEU A 1 37  ? -2.568  2.303   6.477   1.00 15.18  ? 37  LEU A CD1 1 
ATOM   267  C CD2 . LEU A 1 37  ? -4.835  2.871   5.711   1.00 16.11  ? 37  LEU A CD2 1 
ATOM   268  N N   . PRO A 1 38  ? -6.008  5.545   9.791   1.00 13.49  ? 38  PRO A N   1 
ATOM   269  C CA  . PRO A 1 38  ? -6.168  6.111   11.115  1.00 14.49  ? 38  PRO A CA  1 
ATOM   270  C C   . PRO A 1 38  ? -5.291  5.364   12.127  1.00 15.40  ? 38  PRO A C   1 
ATOM   271  O O   . PRO A 1 38  ? -5.772  4.575   12.936  1.00 16.15  ? 38  PRO A O   1 
ATOM   272  C CB  . PRO A 1 38  ? -7.644  5.898   11.382  1.00 14.87  ? 38  PRO A CB  1 
ATOM   273  C CG  . PRO A 1 38  ? -7.927  4.646   10.733  1.00 14.42  ? 38  PRO A CG  1 
ATOM   274  C CD  . PRO A 1 38  ? -7.165  4.701   9.462   1.00 13.21  ? 38  PRO A CD  1 
ATOM   275  N N   . ASP A 1 39  ? -3.996  5.587   12.005  1.00 15.08  ? 39  ASP A N   1 
ATOM   276  C CA  . ASP A 1 39  ? -2.979  4.814   12.725  1.00 14.55  ? 39  ASP A CA  1 
ATOM   277  C C   . ASP A 1 39  ? -1.848  5.763   13.025  1.00 15.39  ? 39  ASP A C   1 
ATOM   278  O O   . ASP A 1 39  ? -1.204  6.275   12.118  1.00 15.21  ? 39  ASP A O   1 
ATOM   279  C CB  . ASP A 1 39  ? -2.540  3.654   11.818  1.00 14.42  ? 39  ASP A CB  1 
ATOM   280  C CG  . ASP A 1 39  ? -1.549  2.713   12.472  1.00 15.20  ? 39  ASP A CG  1 
ATOM   281  O OD1 . ASP A 1 39  ? -0.835  3.109   13.408  1.00 18.10  ? 39  ASP A OD1 1 
ATOM   282  O OD2 . ASP A 1 39  ? -1.477  1.551   12.041  1.00 18.22  ? 39  ASP A OD2 1 
ATOM   283  N N   . THR A 1 40  ? -1.604  6.017   14.312  1.00 15.76  ? 40  THR A N   1 
ATOM   284  C CA  . THR A 1 40  ? -0.593  6.991   14.698  1.00 16.09  ? 40  THR A CA  1 
ATOM   285  C C   . THR A 1 40  ? 0.825   6.489   14.454  1.00 15.63  ? 40  THR A C   1 
ATOM   286  O O   . THR A 1 40  ? 1.774   7.268   14.491  1.00 18.14  ? 40  THR A O   1 
ATOM   287  C CB  . THR A 1 40  ? -0.733  7.415   16.170  1.00 16.46  ? 40  THR A CB  1 
ATOM   288  O OG1 . THR A 1 40  ? -0.693  6.252   17.007  1.00 19.49  ? 40  THR A OG1 1 
ATOM   289  C CG2 . THR A 1 40  ? -2.042  8.172   16.358  1.00 17.91  ? 40  THR A CG2 1 
ATOM   290  N N   . GLY A 1 41  ? 0.957   5.196   14.177  1.00 14.82  ? 41  GLY A N   1 
ATOM   291  C CA  . GLY A 1 41  ? 2.260   4.636   13.848  1.00 14.90  ? 41  GLY A CA  1 
ATOM   292  C C   . GLY A 1 41  ? 2.615   4.784   12.378  1.00 14.09  ? 41  GLY A C   1 
ATOM   293  O O   . GLY A 1 41  ? 3.734   4.475   11.989  1.00 15.49  ? 41  GLY A O   1 
ATOM   294  N N   . VAL A 1 42  ? 1.665   5.268   11.569  1.00 13.47  ? 42  VAL A N   1 
ATOM   295  C CA  . VAL A 1 42  ? 1.817   5.454   10.138  1.00 12.37  ? 42  VAL A CA  1 
ATOM   296  C C   . VAL A 1 42  ? 2.149   6.922   9.893   1.00 11.89  ? 42  VAL A C   1 
ATOM   297  O O   . VAL A 1 42  ? 1.482   7.814   10.425  1.00 13.34  ? 42  VAL A O   1 
ATOM   298  C CB  . VAL A 1 42  ? 0.511   5.065   9.418   1.00 12.17  ? 42  VAL A CB  1 
ATOM   299  C CG1 . VAL A 1 42  ? 0.547   5.439   7.917   1.00 13.30  ? 42  VAL A CG1 1 
ATOM   300  C CG2 . VAL A 1 42  ? 0.274   3.600   9.633   1.00 12.39  ? 42  VAL A CG2 1 
ATOM   301  N N   . SER A 1 43  ? 3.157   7.177   9.083   1.00 11.33  ? 43  SER A N   1 
ATOM   302  C CA  . SER A 1 43  ? 3.596   8.545   8.796   1.00 11.29  ? 43  SER A CA  1 
ATOM   303  C C   . SER A 1 43  ? 2.551   9.263   7.940   1.00 11.83  ? 43  SER A C   1 
ATOM   304  O O   . SER A 1 43  ? 1.701   8.630   7.319   1.00 12.01  ? 43  SER A O   1 
ATOM   305  C CB  . SER A 1 43  ? 4.962   8.556   8.118   1.00 11.26  ? 43  SER A CB  1 
ATOM   306  O OG  . SER A 1 43  ? 5.942   8.148   9.036   1.00 14.73  ? 43  SER A OG  1 
ATOM   307  N N   . ARG A 1 44  ? 2.602   10.590  7.925   1.00 12.82  ? 44  ARG A N   1 
ATOM   308  C CA  . ARG A 1 44  ? 1.635   11.381  7.153   1.00 13.71  ? 44  ARG A CA  1 
ATOM   309  C C   . ARG A 1 44  ? 1.661   10.933  5.680   1.00 13.54  ? 44  ARG A C   1 
ATOM   310  O O   . ARG A 1 44  ? 0.626   10.717  5.063   1.00 13.65  ? 44  ARG A O   1 
ATOM   311  C CB  . ARG A 1 44  ? 1.915   12.873  7.305   1.00 15.43  ? 44  ARG A CB  1 
ATOM   312  C CG  . ARG A 1 44  ? 1.447   13.397  8.633   1.00 19.14  ? 44  ARG A CG  1 
ATOM   313  C CD  . ARG A 1 44  ? 2.037   14.754  8.901   1.00 24.04  ? 44  ARG A CD  1 
ATOM   314  N NE  . ARG A 1 44  ? 3.368   14.637  9.496   1.00 28.79  ? 44  ARG A NE  1 
ATOM   315  C CZ  . ARG A 1 44  ? 4.242   15.637  9.599   1.00 33.10  ? 44  ARG A CZ  1 
ATOM   316  N NH1 . ARG A 1 44  ? 3.944   16.852  9.142   1.00 34.89  ? 44  ARG A NH1 1 
ATOM   317  N NH2 . ARG A 1 44  ? 5.427   15.426  10.165  1.00 34.21  ? 44  ARG A NH2 1 
ATOM   318  N N   . ARG A 1 45  ? 2.859   10.816  5.127   1.00 13.69  ? 45  ARG A N   1 
ATOM   319  C CA  . ARG A 1 45  ? 3.064   10.206  3.800   1.00 13.78  ? 45  ARG A CA  1 
ATOM   320  C C   . ARG A 1 45  ? 4.039   9.063   4.027   1.00 11.80  ? 45  ARG A C   1 
ATOM   321  O O   . ARG A 1 45  ? 5.231   9.278   4.228   1.00 13.62  ? 45  ARG A O   1 
ATOM   322  C CB  . ARG A 1 45  ? 3.642   11.226  2.828   1.00 14.47  ? 45  ARG A CB  1 
ATOM   323  C CG  . ARG A 1 45  ? 2.732   12.421  2.644   1.00 17.73  ? 45  ARG A CG  1 
ATOM   324  C CD  . ARG A 1 45  ? 3.347   13.449  1.683   1.00 24.26  ? 45  ARG A CD  1 
ATOM   325  N NE  . ARG A 1 45  ? 3.052   13.087  0.303   1.00 29.36  ? 45  ARG A NE  1 
ATOM   326  C CZ  . ARG A 1 45  ? 3.490   13.732  -0.778  1.00 33.41  ? 45  ARG A CZ  1 
ATOM   327  N NH1 . ARG A 1 45  ? 4.277   14.801  -0.674  1.00 35.56  ? 45  ARG A NH1 1 
ATOM   328  N NH2 . ARG A 1 45  ? 3.134   13.299  -1.979  1.00 34.85  ? 45  ARG A NH2 1 
ATOM   329  N N   . HIS A 1 46  ? 3.520   7.842   4.078   1.00 10.90  ? 46  HIS A N   1 
ATOM   330  C CA  . HIS A 1 46  ? 4.290   6.717   4.579   1.00 10.55  ? 46  HIS A CA  1 
ATOM   331  C C   . HIS A 1 46  ? 4.945   5.895   3.496   1.00 9.87   ? 46  HIS A C   1 
ATOM   332  O O   . HIS A 1 46  ? 6.128   5.547   3.594   1.00 11.00  ? 46  HIS A O   1 
ATOM   333  C CB  . HIS A 1 46  ? 3.410   5.835   5.449   1.00 10.52  ? 46  HIS A CB  1 
ATOM   334  C CG  . HIS A 1 46  ? 4.163   4.818   6.246   1.00 10.78  ? 46  HIS A CG  1 
ATOM   335  N ND1 . HIS A 1 46  ? 4.290   4.911   7.613   1.00 11.65  ? 46  HIS A ND1 1 
ATOM   336  C CD2 . HIS A 1 46  ? 4.763   3.661   5.886   1.00 12.60  ? 46  HIS A CD2 1 
ATOM   337  C CE1 . HIS A 1 46  ? 4.972   3.872   8.057   1.00 11.02  ? 46  HIS A CE1 1 
ATOM   338  N NE2 . HIS A 1 46  ? 5.275   3.095   7.027   1.00 10.89  ? 46  HIS A NE2 1 
ATOM   339  N N   . LEU A 1 47  ? 4.168   5.526   2.485   1.00 10.01  ? 47  LEU A N   1 
ATOM   340  C CA  . LEU A 1 47  ? 4.707   4.823   1.358   1.00 10.25  ? 47  LEU A CA  1 
ATOM   341  C C   . LEU A 1 47  ? 3.958   5.246   0.128   1.00 9.67   ? 47  LEU A C   1 
ATOM   342  O O   . LEU A 1 47  ? 2.864   5.791   0.219   1.00 10.66  ? 47  LEU A O   1 
ATOM   343  C CB  . LEU A 1 47  ? 4.683   3.300   1.556   1.00 11.82  ? 47  LEU A CB  1 
ATOM   344  C CG  . LEU A 1 47  ? 3.315   2.650   1.704   1.00 11.91  ? 47  LEU A CG  1 
ATOM   345  C CD1 . LEU A 1 47  ? 2.696   2.322   0.338   1.00 15.13  ? 47  LEU A CD1 1 
ATOM   346  C CD2 . LEU A 1 47  ? 3.382   1.349   2.513   1.00 11.86  ? 47  LEU A CD2 1 
ATOM   347  N N   . GLU A 1 48  ? 4.577   5.012   -1.028  1.00 10.36  ? 48  GLU A N   1 
ATOM   348  C CA  . GLU A 1 48  ? 3.935   5.201   -2.301  1.00 11.90  ? 48  GLU A CA  1 
ATOM   349  C C   . GLU A 1 48  ? 3.897   3.900   -3.042  1.00 10.40  ? 48  GLU A C   1 
ATOM   350  O O   . GLU A 1 48  ? 4.799   3.096   -2.921  1.00 11.29  ? 48  GLU A O   1 
ATOM   351  C CB  . GLU A 1 48  ? 4.665   6.270   -3.113  1.00 13.76  ? 48  GLU A CB  1 
ATOM   352  C CG  . GLU A 1 48  ? 5.904   5.877   -3.824  1.00 17.57  ? 48  GLU A CG  1 
ATOM   353  C CD  . GLU A 1 48  ? 6.331   6.884   -4.921  1.00 19.96  ? 48  GLU A CD  1 
ATOM   354  O OE1 . GLU A 1 48  ? 5.484   7.649   -5.482  1.00 23.72  ? 48  GLU A OE1 1 
ATOM   355  O OE2 . GLU A 1 48  ? 7.538   6.872   -5.214  1.00 26.53  ? 48  GLU A OE2 1 
ATOM   356  N N   . ILE A 1 49  ? 2.838   3.686   -3.802  1.00 9.78   ? 49  ILE A N   1 
ATOM   357  C CA  . ILE A 1 49  ? 2.783   2.583   -4.745  1.00 10.02  ? 49  ILE A CA  1 
ATOM   358  C C   . ILE A 1 49  ? 2.609   3.206   -6.112  1.00 9.38   ? 49  ILE A C   1 
ATOM   359  O O   . ILE A 1 49  ? 1.647   3.937   -6.348  1.00 11.64  ? 49  ILE A O   1 
ATOM   360  C CB  . ILE A 1 49  ? 1.682   1.574   -4.467  1.00 10.11  ? 49  ILE A CB  1 
ATOM   361  C CG1 . ILE A 1 49  ? 1.906   0.930   -3.095  1.00 11.10  ? 49  ILE A CG1 1 
ATOM   362  C CG2 . ILE A 1 49  ? 1.695   0.489   -5.532  1.00 12.53  ? 49  ILE A CG2 1 
ATOM   363  C CD1 . ILE A 1 49  ? 0.766   0.097   -2.527  1.00 11.89  ? 49  ILE A CD1 1 
ATOM   364  N N   . ARG A 1 50  ? 3.557   2.921   -6.995  1.00 9.25   ? 50  ARG A N   1 
ATOM   365  C CA  . ARG A 1 50  ? 3.562   3.415   -8.360  1.00 9.78   ? 50  ARG A CA  1 
ATOM   366  C C   . ARG A 1 50  ? 3.009   2.349   -9.278  1.00 9.93   ? 50  ARG A C   1 
ATOM   367  O O   . ARG A 1 50  ? 3.512   1.246   -9.277  1.00 11.11  ? 50  ARG A O   1 
ATOM   368  C CB  . ARG A 1 50  ? 4.977   3.803   -8.739  1.00 9.98   ? 50  ARG A CB  1 
ATOM   369  C CG  . ARG A 1 50  ? 5.483   4.930   -7.826  1.00 12.37  ? 50  ARG A CG  1 
ATOM   370  C CD  . ARG A 1 50  ? 6.766   5.593   -8.296  1.00 14.86  ? 50  ARG A CD  1 
ATOM   371  N NE  . ARG A 1 50  ? 7.826   4.638   -8.545  1.00 16.10  ? 50  ARG A NE  1 
ATOM   372  C CZ  . ARG A 1 50  ? 8.795   4.310   -7.690  1.00 20.58  ? 50  ARG A CZ  1 
ATOM   373  N NH1 . ARG A 1 50  ? 8.856   4.836   -6.483  1.00 22.14  ? 50  ARG A NH1 1 
ATOM   374  N NH2 . ARG A 1 50  ? 9.706   3.422   -8.051  1.00 21.80  ? 50  ARG A NH2 1 
ATOM   375  N N   . TRP A 1 51  ? 1.976   2.691   -10.043 1.00 10.77  ? 51  TRP A N   1 
ATOM   376  C CA  . TRP A 1 51  ? 1.271   1.720   -10.869 1.00 11.32  ? 51  TRP A CA  1 
ATOM   377  C C   . TRP A 1 51  ? 1.200   2.188   -12.316 1.00 12.74  ? 51  TRP A C   1 
ATOM   378  O O   . TRP A 1 51  ? 0.803   3.305   -12.581 1.00 12.80  ? 51  TRP A O   1 
ATOM   379  C CB  . TRP A 1 51  ? -0.140  1.566   -10.310 1.00 11.35  ? 51  TRP A CB  1 
ATOM   380  C CG  . TRP A 1 51  ? -1.056  0.658   -11.064 1.00 11.68  ? 51  TRP A CG  1 
ATOM   381  C CD1 . TRP A 1 51  ? -2.252  1.001   -11.616 1.00 14.10  ? 51  TRP A CD1 1 
ATOM   382  C CD2 . TRP A 1 51  ? -0.891  -0.744  -11.309 1.00 11.89  ? 51  TRP A CD2 1 
ATOM   383  N NE1 . TRP A 1 51  ? -2.829  -0.093  -12.202 1.00 15.52  ? 51  TRP A NE1 1 
ATOM   384  C CE2 . TRP A 1 51  ? -2.023  -1.180  -12.008 1.00 14.73  ? 51  TRP A CE2 1 
ATOM   385  C CE3 . TRP A 1 51  ? 0.116   -1.678  -11.011 1.00 11.94  ? 51  TRP A CE3 1 
ATOM   386  C CZ2 . TRP A 1 51  ? -2.170  -2.495  -12.432 1.00 14.10  ? 51  TRP A CZ2 1 
ATOM   387  C CZ3 . TRP A 1 51  ? -0.049  -2.994  -11.403 1.00 13.26  ? 51  TRP A CZ3 1 
ATOM   388  C CH2 . TRP A 1 51  ? -1.185  -3.388  -12.116 1.00 14.65  ? 51  TRP A CH2 1 
ATOM   389  N N   . ASP A 1 52  ? 1.555   1.321   -13.255 1.00 15.23  ? 52  ASP A N   1 
ATOM   390  C CA  . ASP A 1 52  ? 1.462   1.676   -14.674 1.00 17.16  ? 52  ASP A CA  1 
ATOM   391  C C   . ASP A 1 52  ? 0.517   0.747   -15.415 1.00 17.59  ? 52  ASP A C   1 
ATOM   392  O O   . ASP A 1 52  ? 0.621   0.617   -16.634 1.00 19.62  ? 52  ASP A O   1 
ATOM   393  C CB  . ASP A 1 52  ? 2.832   1.586   -15.325 1.00 17.78  ? 52  ASP A CB  1 
ATOM   394  C CG  . ASP A 1 52  ? 3.287   0.146   -15.512 1.00 19.55  ? 52  ASP A CG  1 
ATOM   395  O OD1 . ASP A 1 52  ? 2.772   -0.737  -14.779 1.00 15.50  ? 52  ASP A OD1 1 
ATOM   396  O OD2 . ASP A 1 52  ? 4.154   -0.102  -16.384 1.00 23.99  ? 52  ASP A OD2 1 
ATOM   397  N N   . GLY A 1 53  ? -0.392  0.092   -14.707 1.00 17.91  ? 53  GLY A N   1 
ATOM   398  C CA  . GLY A 1 53  ? -1.281  -0.907  -15.306 1.00 18.06  ? 53  GLY A CA  1 
ATOM   399  C C   . GLY A 1 53  ? -0.739  -2.327  -15.427 1.00 18.47  ? 53  GLY A C   1 
ATOM   400  O O   . GLY A 1 53  ? -1.465  -3.250  -15.826 1.00 19.47  ? 53  GLY A O   1 
ATOM   401  N N   . GLN A 1 54  ? 0.525   -2.519  -15.092 1.00 18.56  ? 54  GLN A N   1 
ATOM   402  C CA  . GLN A 1 54  ? 1.166   -3.809  -15.208 1.00 18.40  ? 54  GLN A CA  1 
ATOM   403  C C   . GLN A 1 54  ? 1.949   -4.179  -13.958 1.00 16.97  ? 54  GLN A C   1 
ATOM   404  O O   . GLN A 1 54  ? 1.815   -5.282  -13.448 1.00 18.01  ? 54  GLN A O   1 
ATOM   405  C CB  . GLN A 1 54  ? 2.126   -3.797  -16.388 1.00 19.44  ? 54  GLN A CB  1 
ATOM   406  C CG  . GLN A 1 54  ? 1.440   -3.699  -17.732 1.00 23.44  ? 54  GLN A CG  1 
ATOM   407  C CD  . GLN A 1 54  ? 0.963   -5.047  -18.243 1.00 29.70  ? 54  GLN A CD  1 
ATOM   408  O OE1 . GLN A 1 54  ? 0.087   -5.684  -17.645 1.00 33.94  ? 54  GLN A OE1 1 
ATOM   409  N NE2 . GLN A 1 54  ? 1.533   -5.486  -19.367 1.00 32.00  ? 54  GLN A NE2 1 
ATOM   410  N N   . VAL A 1 55  ? 2.780   -3.243  -13.499 1.00 14.95  ? 55  VAL A N   1 
ATOM   411  C CA  . VAL A 1 55  ? 3.705   -3.445  -12.394 1.00 14.53  ? 55  VAL A CA  1 
ATOM   412  C C   . VAL A 1 55  ? 3.417   -2.447  -11.290 1.00 12.58  ? 55  VAL A C   1 
ATOM   413  O O   . VAL A 1 55  ? 3.257   -1.267  -11.571 1.00 12.55  ? 55  VAL A O   1 
ATOM   414  C CB  . VAL A 1 55  ? 5.153   -3.230  -12.890 1.00 14.29  ? 55  VAL A CB  1 
ATOM   415  C CG1 . VAL A 1 55  ? 6.159   -3.199  -11.715 1.00 15.71  ? 55  VAL A CG1 1 
ATOM   416  C CG2 . VAL A 1 55  ? 5.510   -4.308  -13.918 1.00 16.91  ? 55  VAL A CG2 1 
ATOM   417  N N   . ALA A 1 56  ? 3.323   -2.929  -10.042 1.00 11.33  ? 56  ALA A N   1 
ATOM   418  C CA  . ALA A 1 56  ? 3.131   -2.092  -8.880  1.00 10.47  ? 56  ALA A CA  1 
ATOM   419  C C   . ALA A 1 56  ? 4.410   -2.075  -8.085  1.00 10.20  ? 56  ALA A C   1 
ATOM   420  O O   . ALA A 1 56  ? 4.828   -3.101  -7.568  1.00 11.42  ? 56  ALA A O   1 
ATOM   421  C CB  . ALA A 1 56  ? 1.996   -2.648  -8.019  1.00 11.38  ? 56  ALA A CB  1 
ATOM   422  N N   . LEU A 1 57  ? 5.033   -0.905  -8.000  1.00 9.68   ? 57  LEU A N   1 
ATOM   423  C CA  . LEU A 1 57  ? 6.266   -0.708  -7.247  1.00 10.72  ? 57  LEU A CA  1 
ATOM   424  C C   . LEU A 1 57  ? 5.978   0.070   -5.980  1.00 11.07  ? 57  LEU A C   1 
ATOM   425  O O   . LEU A 1 57  ? 5.517   1.224   -6.016  1.00 11.64  ? 57  LEU A O   1 
ATOM   426  C CB  . LEU A 1 57  ? 7.288   0.046   -8.072  1.00 11.21  ? 57  LEU A CB  1 
ATOM   427  C CG  . LEU A 1 57  ? 7.698   -0.617  -9.362  1.00 13.91  ? 57  LEU A CG  1 
ATOM   428  C CD1 . LEU A 1 57  ? 8.682   0.299   -10.041 1.00 16.96  ? 57  LEU A CD1 1 
ATOM   429  C CD2 . LEU A 1 57  ? 8.324   -1.970  -9.110  1.00 17.21  ? 57  LEU A CD2 1 
ATOM   430  N N   . LEU A 1 58  ? 6.264   -0.541  -4.852  1.00 10.12  ? 58  LEU A N   1 
ATOM   431  C CA  . LEU A 1 58  ? 6.113   0.089   -3.553  1.00 10.45  ? 58  LEU A CA  1 
ATOM   432  C C   . LEU A 1 58  ? 7.409   0.751   -3.107  1.00 10.79  ? 58  LEU A C   1 
ATOM   433  O O   . LEU A 1 58  ? 8.479   0.197   -3.261  1.00 11.46  ? 58  LEU A O   1 
ATOM   434  C CB  . LEU A 1 58  ? 5.661   -0.961  -2.529  1.00 10.62  ? 58  LEU A CB  1 
ATOM   435  C CG  . LEU A 1 58  ? 5.497   -0.499  -1.081  1.00 11.20  ? 58  LEU A CG  1 
ATOM   436  C CD1 . LEU A 1 58  ? 4.354   -1.294  -0.423  1.00 12.92  ? 58  LEU A CD1 1 
ATOM   437  C CD2 . LEU A 1 58  ? 6.799   -0.615  -0.291  1.00 13.12  ? 58  LEU A CD2 1 
ATOM   438  N N   . ALA A 1 59  ? 7.332   1.922   -2.506  1.00 10.31  ? 59  ALA A N   1 
ATOM   439  C CA  . ALA A 1 59  ? 8.496   2.602   -1.953  1.00 10.79  ? 59  ALA A CA  1 
ATOM   440  C C   . ALA A 1 59  ? 8.157   3.211   -0.602  1.00 10.78  ? 59  ALA A C   1 
ATOM   441  O O   . ALA A 1 59  ? 7.201   3.985   -0.489  1.00 10.24  ? 59  ALA A O   1 
ATOM   442  C CB  . ALA A 1 59  ? 8.977   3.681   -2.903  1.00 11.82  ? 59  ALA A CB  1 
ATOM   443  N N   . ASP A 1 60  ? 8.925   2.888   0.433   1.00 11.12  ? 60  ASP A N   1 
ATOM   444  C CA  . ASP A 1 60  ? 8.812   3.545   1.707   1.00 12.11  ? 60  ASP A CA  1 
ATOM   445  C C   . ASP A 1 60  ? 9.286   4.972   1.543   1.00 13.06  ? 60  ASP A C   1 
ATOM   446  O O   . ASP A 1 60  ? 10.308  5.205   0.917   1.00 14.16  ? 60  ASP A O   1 
ATOM   447  C CB  . ASP A 1 60  ? 9.673   2.828   2.742   1.00 12.44  ? 60  ASP A CB  1 
ATOM   448  C CG  . ASP A 1 60  ? 9.566   3.472   4.106   1.00 13.41  ? 60  ASP A CG  1 
ATOM   449  O OD1 . ASP A 1 60  ? 10.396  4.357   4.406   1.00 17.53  ? 60  ASP A OD1 1 
ATOM   450  O OD2 . ASP A 1 60  ? 8.630   3.129   4.862   1.00 14.55  ? 60  ASP A OD2 1 
ATOM   451  N N   . LEU A 1 61  ? 8.544   5.927   2.081   1.00 12.73  ? 61  LEU A N   1 
ATOM   452  C CA  . LEU A 1 61  ? 8.865   7.353   1.918   1.00 13.95  ? 61  LEU A CA  1 
ATOM   453  C C   . LEU A 1 61  ? 9.583   7.885   3.135   1.00 15.43  ? 61  LEU A C   1 
ATOM   454  O O   . LEU A 1 61  ? 9.119   8.842   3.752   1.00 16.42  ? 61  LEU A O   1 
ATOM   455  C CB  . LEU A 1 61  ? 7.590   8.161   1.657   1.00 13.18  ? 61  LEU A CB  1 
ATOM   456  C CG  . LEU A 1 61  ? 6.843   7.822   0.373   1.00 12.48  ? 61  LEU A CG  1 
ATOM   457  C CD1 . LEU A 1 61  ? 5.518   8.530   0.272   1.00 13.27  ? 61  LEU A CD1 1 
ATOM   458  C CD2 . LEU A 1 61  ? 7.732   8.158   -0.831  1.00 14.41  ? 61  LEU A CD2 1 
ATOM   459  N N   . ASN A 1 62  ? 10.700  7.242   3.488   1.00 16.67  ? 62  ASN A N   1 
ATOM   460  C CA  . ASN A 1 62  ? 11.490  7.632   4.651   1.00 18.48  ? 62  ASN A CA  1 
ATOM   461  C C   . ASN A 1 62  ? 10.591  7.738   5.871   1.00 17.87  ? 62  ASN A C   1 
ATOM   462  O O   . ASN A 1 62  ? 10.653  8.714   6.640   1.00 18.28  ? 62  ASN A O   1 
ATOM   463  C CB  . ASN A 1 62  ? 12.198  8.958   4.372   1.00 19.64  ? 62  ASN A CB  1 
ATOM   464  C CG  . ASN A 1 62  ? 13.241  9.288   5.413   1.00 23.83  ? 62  ASN A CG  1 
ATOM   465  O OD1 . ASN A 1 62  ? 13.773  8.397   6.087   1.00 28.28  ? 62  ASN A OD1 1 
ATOM   466  N ND2 . ASN A 1 62  ? 13.550  10.571  5.545   1.00 29.06  ? 62  ASN A ND2 1 
ATOM   467  N N   . SER A 1 63  ? 9.752   6.723   6.060   1.00 16.89  ? 63  SER A N   1 
ATOM   468  C CA  . SER A 1 63  ? 8.772   6.751   7.141   1.00 16.58  ? 63  SER A CA  1 
ATOM   469  C C   . SER A 1 63  ? 9.472   6.605   8.479   1.00 16.38  ? 63  SER A C   1 
ATOM   470  O O   . SER A 1 63  ? 10.583  6.078   8.571   1.00 17.61  ? 63  SER A O   1 
ATOM   471  C CB  . SER A 1 63  ? 7.733   5.652   6.956   1.00 16.23  ? 63  SER A CB  1 
ATOM   472  O OG  . SER A 1 63  ? 8.304   4.386   7.218   1.00 14.90  ? 63  SER A OG  1 
ATOM   473  N N   . THR A 1 64  ? 8.826   7.085   9.528   1.00 16.23  ? 64  THR A N   1 
ATOM   474  C CA  . THR A 1 64  ? 9.423   7.040   10.857  1.00 17.13  ? 64  THR A CA  1 
ATOM   475  C C   . THR A 1 64  ? 9.585   5.582   11.302  1.00 16.52  ? 64  THR A C   1 
ATOM   476  O O   . THR A 1 64  ? 10.631  5.196   11.799  1.00 16.96  ? 64  THR A O   1 
ATOM   477  C CB  . THR A 1 64  ? 8.556   7.827   11.821  1.00 17.03  ? 64  THR A CB  1 
ATOM   478  O OG1 . THR A 1 64  ? 8.527   9.206   11.413  1.00 19.47  ? 64  THR A OG1 1 
ATOM   479  C CG2 . THR A 1 64  ? 9.068   7.705   13.258  1.00 19.51  ? 64  THR A CG2 1 
ATOM   480  N N   . ASN A 1 65  ? 8.556   4.767   11.093  1.00 15.22  ? 65  ASN A N   1 
ATOM   481  C CA  . ASN A 1 65  ? 8.540   3.386   11.621  1.00 14.70  ? 65  ASN A CA  1 
ATOM   482  C C   . ASN A 1 65  ? 8.842   2.289   10.608  1.00 13.50  ? 65  ASN A C   1 
ATOM   483  O O   . ASN A 1 65  ? 8.929   1.122   10.969  1.00 15.15  ? 65  ASN A O   1 
ATOM   484  C CB  . ASN A 1 65  ? 7.224   3.117   12.344  1.00 14.84  ? 65  ASN A CB  1 
ATOM   485  C CG  . ASN A 1 65  ? 7.099   3.939   13.613  1.00 15.99  ? 65  ASN A CG  1 
ATOM   486  O OD1 . ASN A 1 65  ? 8.067   4.114   14.332  1.00 20.73  ? 65  ASN A OD1 1 
ATOM   487  N ND2 . ASN A 1 65  ? 5.907   4.423   13.905  1.00 17.19  ? 65  ASN A ND2 1 
ATOM   488  N N   . GLY A 1 66  ? 9.000   2.673   9.355   1.00 13.18  ? 66  GLY A N   1 
ATOM   489  C CA  . GLY A 1 66  ? 9.287   1.720   8.282   1.00 11.90  ? 66  GLY A CA  1 
ATOM   490  C C   . GLY A 1 66  ? 8.093   0.962   7.742   1.00 11.46  ? 66  GLY A C   1 
ATOM   491  O O   . GLY A 1 66  ? 6.983   1.081   8.234   1.00 11.32  ? 66  GLY A O   1 
ATOM   492  N N   . THR A 1 67  ? 8.380   0.171   6.724   1.00 11.89  ? 67  THR A N   1 
ATOM   493  C CA  . THR A 1 67  ? 7.384   -0.630  6.037   1.00 11.54  ? 67  THR A CA  1 
ATOM   494  C C   . THR A 1 67  ? 7.953   -2.025  5.871   1.00 11.83  ? 67  THR A C   1 
ATOM   495  O O   . THR A 1 67  ? 9.130   -2.188  5.605   1.00 11.76  ? 67  THR A O   1 
ATOM   496  C CB  . THR A 1 67  ? 7.043   -0.028  4.647   1.00 12.07  ? 67  THR A CB  1 
ATOM   497  O OG1 . THR A 1 67  ? 6.561   1.305   4.814   1.00 13.58  ? 67  THR A OG1 1 
ATOM   498  C CG2 . THR A 1 67  ? 6.008   -0.849  3.914   1.00 12.84  ? 67  THR A CG2 1 
ATOM   499  N N   . THR A 1 68  ? 7.115   -3.042  6.014   1.00 10.78  ? 68  THR A N   1 
ATOM   500  C CA  . THR A 1 68  ? 7.502   -4.399  5.632   1.00 11.01  ? 68  THR A CA  1 
ATOM   501  C C   . THR A 1 68  ? 6.527   -4.983  4.637   1.00 10.02  ? 68  THR A C   1 
ATOM   502  O O   . THR A 1 68  ? 5.364   -4.604  4.576   1.00 10.13  ? 68  THR A O   1 
ATOM   503  C CB  . THR A 1 68  ? 7.615   -5.389  6.805   1.00 11.59  ? 68  THR A CB  1 
ATOM   504  O OG1 . THR A 1 68  ? 6.333   -5.611  7.387   1.00 12.90  ? 68  THR A OG1 1 
ATOM   505  C CG2 . THR A 1 68  ? 8.520   -4.857  7.875   1.00 11.79  ? 68  THR A CG2 1 
ATOM   506  N N   . VAL A 1 69  ? 7.042   -5.879  3.819   1.00 10.08  ? 69  VAL A N   1 
ATOM   507  C CA  . VAL A 1 69  ? 6.198   -6.684  2.938   1.00 10.11  ? 69  VAL A CA  1 
ATOM   508  C C   . VAL A 1 69  ? 6.534   -8.139  3.211   1.00 10.41  ? 69  VAL A C   1 
ATOM   509  O O   . VAL A 1 69  ? 7.704   -8.522  3.188   1.00 11.00  ? 69  VAL A O   1 
ATOM   510  C CB  . VAL A 1 69  ? 6.363   -6.351  1.439   1.00 10.08  ? 69  VAL A CB  1 
ATOM   511  C CG1 . VAL A 1 69  ? 5.384   -7.201  0.576   1.00 10.88  ? 69  VAL A CG1 1 
ATOM   512  C CG2 . VAL A 1 69  ? 6.150   -4.879  1.190   1.00 10.54  ? 69  VAL A CG2 1 
ATOM   513  N N   . ASN A 1 70  ? 5.495   -8.918  3.521   1.00 10.85  ? 70  ASN A N   1 
ATOM   514  C CA  . ASN A 1 70  ? 5.662   -10.324 3.892   1.00 12.15  ? 70  ASN A CA  1 
ATOM   515  C C   . ASN A 1 70  ? 6.686   -10.441 5.005   1.00 12.24  ? 70  ASN A C   1 
ATOM   516  O O   . ASN A 1 70  ? 7.550   -11.328 4.986   1.00 12.76  ? 70  ASN A O   1 
ATOM   517  C CB  . ASN A 1 70  ? 6.022   -11.168 2.677   1.00 11.96  ? 70  ASN A CB  1 
ATOM   518  C CG  . ASN A 1 70  ? 4.955   -11.102 1.596   1.00 11.32  ? 70  ASN A CG  1 
ATOM   519  O OD1 . ASN A 1 70  ? 3.786   -10.799 1.866   1.00 12.07  ? 70  ASN A OD1 1 
ATOM   520  N ND2 . ASN A 1 70  ? 5.344   -11.401 0.373   1.00 14.39  ? 70  ASN A ND2 1 
ATOM   521  N N   . ASN A 1 71  ? 6.587   -9.502  5.959   1.00 12.52  ? 71  ASN A N   1 
ATOM   522  C CA  . ASN A 1 71  ? 7.448   -9.389  7.131   1.00 14.15  ? 71  ASN A CA  1 
ATOM   523  C C   . ASN A 1 71  ? 8.925   -9.154  6.833   1.00 15.00  ? 71  ASN A C   1 
ATOM   524  O O   . ASN A 1 71  ? 9.778   -9.452  7.669   1.00 18.43  ? 71  ASN A O   1 
ATOM   525  C CB  . ASN A 1 71  ? 7.265   -10.606 8.045   1.00 14.36  ? 71  ASN A CB  1 
ATOM   526  C CG  . ASN A 1 71  ? 5.866   -10.671 8.678   1.00 16.83  ? 71  ASN A CG  1 
ATOM   527  O OD1 . ASN A 1 71  ? 5.344   -9.654  9.164   1.00 15.94  ? 71  ASN A OD1 1 
ATOM   528  N ND2 . ASN A 1 71  ? 5.272   -11.846 8.664   1.00 17.53  ? 71  ASN A ND2 1 
ATOM   529  N N   . ALA A 1 72  ? 9.223   -8.637  5.642   1.00 14.61  ? 72  ALA A N   1 
ATOM   530  C CA  . ALA A 1 72  ? 10.584  -8.271  5.240   1.00 14.97  ? 72  ALA A CA  1 
ATOM   531  C C   . ALA A 1 72  ? 10.679  -6.754  5.202   1.00 13.95  ? 72  ALA A C   1 
ATOM   532  O O   . ALA A 1 72  ? 9.812   -6.116  4.646   1.00 13.12  ? 72  ALA A O   1 
ATOM   533  C CB  . ALA A 1 72  ? 10.865  -8.822  3.863   1.00 15.79  ? 72  ALA A CB  1 
ATOM   534  N N   . PRO A 1 73  ? 11.734  -6.164  5.776   1.00 14.40  ? 73  PRO A N   1 
ATOM   535  C CA  . PRO A 1 73  ? 11.858  -4.718  5.685   1.00 14.43  ? 73  PRO A CA  1 
ATOM   536  C C   . PRO A 1 73  ? 12.173  -4.275  4.271   1.00 13.70  ? 73  PRO A C   1 
ATOM   537  O O   . PRO A 1 73  ? 13.020  -4.880  3.630   1.00 13.78  ? 73  PRO A O   1 
ATOM   538  C CB  . PRO A 1 73  ? 13.027  -4.411  6.607   1.00 14.67  ? 73  PRO A CB  1 
ATOM   539  C CG  . PRO A 1 73  ? 13.807  -5.679  6.666   1.00 17.13  ? 73  PRO A CG  1 
ATOM   540  C CD  . PRO A 1 73  ? 12.799  -6.747  6.606   1.00 15.48  ? 73  PRO A CD  1 
ATOM   541  N N   . VAL A 1 74  ? 11.525  -3.207  3.814   1.00 13.14  ? 74  VAL A N   1 
ATOM   542  C CA  . VAL A 1 74  ? 11.667  -2.743  2.447   1.00 13.86  ? 74  VAL A CA  1 
ATOM   543  C C   . VAL A 1 74  ? 12.006  -1.265  2.333   1.00 13.50  ? 74  VAL A C   1 
ATOM   544  O O   . VAL A 1 74  ? 11.650  -0.439  3.187   1.00 14.03  ? 74  VAL A O   1 
ATOM   545  C CB  . VAL A 1 74  ? 10.409  -3.061  1.606   1.00 13.50  ? 74  VAL A CB  1 
ATOM   546  C CG1 . VAL A 1 74  ? 10.110  -4.567  1.631   1.00 14.17  ? 74  VAL A CG1 1 
ATOM   547  C CG2 . VAL A 1 74  ? 9.220   -2.272  2.068   1.00 15.59  ? 74  VAL A CG2 1 
ATOM   548  N N   . GLN A 1 75  ? 12.761  -0.965  1.279   1.00 13.71  ? 75  GLN A N   1 
ATOM   549  C CA  . GLN A 1 75  ? 12.816  0.392   0.749   1.00 14.55  ? 75  GLN A CA  1 
ATOM   550  C C   . GLN A 1 75  ? 11.871  0.339   -0.443  1.00 13.60  ? 75  GLN A C   1 
ATOM   551  O O   . GLN A 1 75  ? 10.697  0.702   -0.290  1.00 13.52  ? 75  GLN A O   1 
ATOM   552  C CB  . GLN A 1 75  ? 14.239  0.808   0.376   1.00 16.15  ? 75  GLN A CB  1 
ATOM   553  C CG  . GLN A 1 75  ? 14.322  2.190   -0.190  1.00 19.66  ? 75  GLN A CG  1 
ATOM   554  C CD  . GLN A 1 75  ? 13.651  3.230   0.683   1.00 22.09  ? 75  GLN A CD  1 
ATOM   555  O OE1 . GLN A 1 75  ? 13.965  3.349   1.869   1.00 25.91  ? 75  GLN A OE1 1 
ATOM   556  N NE2 . GLN A 1 75  ? 12.719  3.987   0.101   1.00 24.33  ? 75  GLN A NE2 1 
ATOM   557  N N   . GLU A 1 76  ? 12.329  -0.127  -1.607  1.00 12.76  ? 76  GLU A N   1 
ATOM   558  C CA  . GLU A 1 76  ? 11.429  -0.436  -2.721  1.00 12.32  ? 76  GLU A CA  1 
ATOM   559  C C   . GLU A 1 76  ? 11.172  -1.924  -2.892  1.00 11.23  ? 76  GLU A C   1 
ATOM   560  O O   . GLU A 1 76  ? 11.987  -2.764  -2.565  1.00 11.76  ? 76  GLU A O   1 
ATOM   561  C CB  . GLU A 1 76  ? 11.901  0.181   -4.032  1.00 13.26  ? 76  GLU A CB  1 
ATOM   562  C CG  . GLU A 1 76  ? 12.043  1.681   -3.940  1.00 16.23  ? 76  GLU A CG  1 
ATOM   563  C CD  . GLU A 1 76  ? 11.764  2.452   -5.233  1.00 19.98  ? 76  GLU A CD  1 
ATOM   564  O OE1 . GLU A 1 76  ? 11.463  1.837   -6.286  1.00 22.80  ? 76  GLU A OE1 1 
ATOM   565  O OE2 . GLU A 1 76  ? 11.844  3.706   -5.173  1.00 23.78  ? 76  GLU A OE2 1 
ATOM   566  N N   . TRP A 1 77  ? 10.007  -2.258  -3.406  1.00 10.05  ? 77  TRP A N   1 
ATOM   567  C CA  . TRP A 1 77  ? 9.554   -3.644  -3.516  1.00 10.81  ? 77  TRP A CA  1 
ATOM   568  C C   . TRP A 1 77  ? 8.597   -3.769  -4.671  1.00 11.19  ? 77  TRP A C   1 
ATOM   569  O O   . TRP A 1 77  ? 7.734   -2.920  -4.825  1.00 12.72  ? 77  TRP A O   1 
ATOM   570  C CB  . TRP A 1 77  ? 8.864   -4.040  -2.221  1.00 10.32  ? 77  TRP A CB  1 
ATOM   571  C CG  . TRP A 1 77  ? 8.318   -5.422  -2.176  1.00 10.71  ? 77  TRP A CG  1 
ATOM   572  C CD1 . TRP A 1 77  ? 7.142   -5.849  -2.691  1.00 10.85  ? 77  TRP A CD1 1 
ATOM   573  C CD2 . TRP A 1 77  ? 8.939   -6.567  -1.593  1.00 10.21  ? 77  TRP A CD2 1 
ATOM   574  N NE1 . TRP A 1 77  ? 6.974   -7.189  -2.458  1.00 12.30  ? 77  TRP A NE1 1 
ATOM   575  C CE2 . TRP A 1 77  ? 8.071   -7.659  -1.793  1.00 11.68  ? 77  TRP A CE2 1 
ATOM   576  C CE3 . TRP A 1 77  ? 10.144  -6.779  -0.921  1.00 12.12  ? 77  TRP A CE3 1 
ATOM   577  C CZ2 . TRP A 1 77  ? 8.360   -8.929  -1.313  1.00 12.45  ? 77  TRP A CZ2 1 
ATOM   578  C CZ3 . TRP A 1 77  ? 10.427  -8.043  -0.465  1.00 12.56  ? 77  TRP A CZ3 1 
ATOM   579  C CH2 . TRP A 1 77  ? 9.540   -9.098  -0.667  1.00 13.50  ? 77  TRP A CH2 1 
ATOM   580  N N   . GLN A 1 78  ? 8.741   -4.790  -5.502  1.00 11.09  ? 78  GLN A N   1 
ATOM   581  C CA  . GLN A 1 78  ? 7.778   -5.029  -6.557  1.00 11.37  ? 78  GLN A CA  1 
ATOM   582  C C   . GLN A 1 78  ? 6.706   -5.955  -6.035  1.00 10.81  ? 78  GLN A C   1 
ATOM   583  O O   . GLN A 1 78  ? 7.015   -7.078  -5.652  1.00 11.11  ? 78  GLN A O   1 
ATOM   584  C CB  . GLN A 1 78  ? 8.450   -5.617  -7.780  1.00 11.83  ? 78  GLN A CB  1 
ATOM   585  C CG  . GLN A 1 78  ? 7.474   -5.829  -8.921  1.00 12.45  ? 78  GLN A CG  1 
ATOM   586  C CD  . GLN A 1 78  ? 8.113   -6.172  -10.206 1.00 14.07  ? 78  GLN A CD  1 
ATOM   587  O OE1 . GLN A 1 78  ? 9.121   -5.568  -10.580 1.00 16.05  ? 78  GLN A OE1 1 
ATOM   588  N NE2 . GLN A 1 78  ? 7.512   -7.108  -10.938 1.00 17.36  ? 78  GLN A NE2 1 
ATOM   589  N N   . LEU A 1 79  ? 5.470   -5.471  -5.995  1.00 10.57  ? 79  LEU A N   1 
ATOM   590  C CA  . LEU A 1 79  ? 4.394   -6.194  -5.362  1.00 10.55  ? 79  LEU A CA  1 
ATOM   591  C C   . LEU A 1 79  ? 3.926   -7.331  -6.253  1.00 11.07  ? 79  LEU A C   1 
ATOM   592  O O   . LEU A 1 79  ? 3.947   -7.233  -7.485  1.00 12.95  ? 79  LEU A O   1 
ATOM   593  C CB  . LEU A 1 79  ? 3.240   -5.248  -5.034  1.00 11.55  ? 79  LEU A CB  1 
ATOM   594  C CG  . LEU A 1 79  ? 3.459   -4.255  -3.911  1.00 11.45  ? 79  LEU A CG  1 
ATOM   595  C CD1 . LEU A 1 79  ? 2.421   -3.200  -3.945  1.00 11.86  ? 79  LEU A CD1 1 
ATOM   596  C CD2 . LEU A 1 79  ? 3.433   -4.938  -2.530  1.00 11.54  ? 79  LEU A CD2 1 
ATOM   597  N N   . ALA A 1 80  ? 3.472   -8.392  -5.604  1.00 12.02  ? 80  ALA A N   1 
ATOM   598  C CA  . ALA A 1 80  ? 2.815   -9.534  -6.243  1.00 11.82  ? 80  ALA A CA  1 
ATOM   599  C C   . ALA A 1 80  ? 1.509   -9.820  -5.532  1.00 12.58  ? 80  ALA A C   1 
ATOM   600  O O   . ALA A 1 80  ? 1.331   -9.496  -4.367  1.00 12.07  ? 80  ALA A O   1 
ATOM   601  C CB  . ALA A 1 80  ? 3.685   -10.779 -6.179  1.00 13.85  ? 80  ALA A CB  1 
ATOM   602  N N   . ASP A 1 81  ? 0.612   -10.510 -6.244  1.00 13.02  ? 81  ASP A N   1 
ATOM   603  C CA  . ASP A 1 81  ? -0.653  -10.923 -5.674  1.00 12.38  ? 81  ASP A CA  1 
ATOM   604  C C   . ASP A 1 81  ? -0.402  -11.676 -4.362  1.00 11.99  ? 81  ASP A C   1 
ATOM   605  O O   . ASP A 1 81  ? 0.473   -12.562 -4.296  1.00 13.04  ? 81  ASP A O   1 
ATOM   606  C CB  . ASP A 1 81  ? -1.360  -11.819 -6.687  1.00 13.48  ? 81  ASP A CB  1 
ATOM   607  C CG  . ASP A 1 81  ? -2.727  -12.254 -6.244  1.00 16.40  ? 81  ASP A CG  1 
ATOM   608  O OD1 . ASP A 1 81  ? -3.585  -11.420 -5.956  1.00 15.97  ? 81  ASP A OD1 1 
ATOM   609  O OD2 . ASP A 1 81  ? -2.965  -13.477 -6.237  1.00 22.37  ? 81  ASP A OD2 1 
ATOM   610  N N   . GLY A 1 82  ? -1.120  -11.276 -3.309  1.00 11.34  ? 82  GLY A N   1 
ATOM   611  C CA  . GLY A 1 82  ? -1.034  -11.914 -2.021  1.00 11.32  ? 82  GLY A CA  1 
ATOM   612  C C   . GLY A 1 82  ? -0.058  -11.298 -1.052  1.00 11.50  ? 82  GLY A C   1 
ATOM   613  O O   . GLY A 1 82  ? 0.015   -11.743 0.093   1.00 13.33  ? 82  GLY A O   1 
ATOM   614  N N   . ASP A 1 83  ? 0.702   -10.309 -1.504  1.00 11.32  ? 83  ASP A N   1 
ATOM   615  C CA  . ASP A 1 83  ? 1.639   -9.654  -0.590  1.00 11.34  ? 83  ASP A CA  1 
ATOM   616  C C   . ASP A 1 83  ? 0.896   -8.961  0.523   1.00 11.68  ? 83  ASP A C   1 
ATOM   617  O O   . ASP A 1 83  ? -0.215  -8.462  0.330   1.00 12.00  ? 83  ASP A O   1 
ATOM   618  C CB  . ASP A 1 83  ? 2.527   -8.654  -1.321  1.00 11.43  ? 83  ASP A CB  1 
ATOM   619  C CG  . ASP A 1 83  ? 3.647   -9.321  -2.129  1.00 12.78  ? 83  ASP A CG  1 
ATOM   620  O OD1 . ASP A 1 83  ? 3.855   -10.559 -2.049  1.00 17.79  ? 83  ASP A OD1 1 
ATOM   621  O OD2 . ASP A 1 83  ? 4.369   -8.574  -2.844  1.00 16.48  ? 83  ASP A OD2 1 
ATOM   622  N N   . VAL A 1 84  ? 1.501   -8.970  1.699   1.00 11.04  ? 84  VAL A N   1 
ATOM   623  C CA  . VAL A 1 84  ? 0.925   -8.314  2.858   1.00 11.53  ? 84  VAL A CA  1 
ATOM   624  C C   . VAL A 1 84  ? 1.864   -7.214  3.311   1.00 10.91  ? 84  VAL A C   1 
ATOM   625  O O   . VAL A 1 84  ? 3.035   -7.458  3.677   1.00 11.33  ? 84  VAL A O   1 
ATOM   626  C CB  . VAL A 1 84  ? 0.605   -9.301  3.992   1.00 11.87  ? 84  VAL A CB  1 
ATOM   627  C CG1 . VAL A 1 84  ? 0.014   -8.564  5.172   1.00 13.11  ? 84  VAL A CG1 1 
ATOM   628  C CG2 . VAL A 1 84  ? -0.390  -10.354 3.483   1.00 12.65  ? 84  VAL A CG2 1 
ATOM   629  N N   . ILE A 1 85  ? 1.358   -5.986  3.207   1.00 9.88   ? 85  ILE A N   1 
ATOM   630  C CA  . ILE A 1 85  ? 2.125   -4.797  3.620   1.00 9.46   ? 85  ILE A CA  1 
ATOM   631  C C   . ILE A 1 85  ? 1.824   -4.475  5.071   1.00 10.48  ? 85  ILE A C   1 
ATOM   632  O O   . ILE A 1 85  ? 0.669   -4.424  5.446   1.00 10.83  ? 85  ILE A O   1 
ATOM   633  C CB  . ILE A 1 85  ? 1.766   -3.573  2.755   1.00 9.12   ? 85  ILE A CB  1 
ATOM   634  C CG1 . ILE A 1 85  ? 1.944   -3.887  1.269   1.00 10.64  ? 85  ILE A CG1 1 
ATOM   635  C CG2 . ILE A 1 85  ? 2.614   -2.370  3.210   1.00 9.95   ? 85  ILE A CG2 1 
ATOM   636  C CD1 . ILE A 1 85  ? 1.154   -2.942  0.412   1.00 12.39  ? 85  ILE A CD1 1 
ATOM   637  N N   . ARG A 1 86  ? 2.842   -4.252  5.890   1.00 10.82  ? 86  ARG A N   1 
ATOM   638  C CA  . ARG A 1 86  ? 2.627   -3.829  7.265   1.00 11.21  ? 86  ARG A CA  1 
ATOM   639  C C   . ARG A 1 86  ? 3.271   -2.497  7.530   1.00 11.09  ? 86  ARG A C   1 
ATOM   640  O O   . ARG A 1 86  ? 4.404   -2.248  7.140   1.00 11.36  ? 86  ARG A O   1 
ATOM   641  C CB  . ARG A 1 86  ? 3.133   -4.863  8.243   1.00 11.47  ? 86  ARG A CB  1 
ATOM   642  C CG  . ARG A 1 86  ? 2.275   -6.091  8.222   1.00 14.79  ? 86  ARG A CG  1 
ATOM   643  C CD  . ARG A 1 86  ? 2.794   -7.189  9.133   1.00 17.56  ? 86  ARG A CD  1 
ATOM   644  N NE  . ARG A 1 86  ? 1.890   -8.337  9.087   1.00 19.91  ? 86  ARG A NE  1 
ATOM   645  C CZ  . ARG A 1 86  ? 1.940   -9.345  8.212   1.00 21.10  ? 86  ARG A CZ  1 
ATOM   646  N NH1 . ARG A 1 86  ? 2.888   -9.418  7.283   1.00 19.60  ? 86  ARG A NH1 1 
ATOM   647  N NH2 . ARG A 1 86  ? 1.021   -10.318 8.280   1.00 24.42  ? 86  ARG A NH2 1 
ATOM   648  N N   . LEU A 1 87  ? 2.497   -1.636  8.155   1.00 11.25  ? 87  LEU A N   1 
ATOM   649  C CA  . LEU A 1 87  ? 2.939   -0.296  8.479   1.00 11.33  ? 87  LEU A CA  1 
ATOM   650  C C   . LEU A 1 87  ? 2.175   0.128   9.690   1.00 11.89  ? 87  LEU A C   1 
ATOM   651  O O   . LEU A 1 87  ? 0.974   -0.111  9.793   1.00 11.69  ? 87  LEU A O   1 
ATOM   652  C CB  . LEU A 1 87  ? 2.685   0.661   7.311   1.00 11.53  ? 87  LEU A CB  1 
ATOM   653  C CG  . LEU A 1 87  ? 1.267   0.979   6.851   1.00 12.34  ? 87  LEU A CG  1 
ATOM   654  C CD1 . LEU A 1 87  ? 1.304   2.150   5.862   1.00 14.61  ? 87  LEU A CD1 1 
ATOM   655  C CD2 . LEU A 1 87  ? 0.545   -0.213  6.212   1.00 14.26  ? 87  LEU A CD2 1 
ATOM   656  N N   . GLY A 1 88  ? 2.859   0.757   10.625  1.00 13.56  ? 88  GLY A N   1 
ATOM   657  C CA  . GLY A 1 88  ? 2.262   1.029   11.912  1.00 14.74  ? 88  GLY A CA  1 
ATOM   658  C C   . GLY A 1 88  ? 1.684   -0.230  12.521  1.00 15.34  ? 88  GLY A C   1 
ATOM   659  O O   . GLY A 1 88  ? 2.367   -1.245  12.642  1.00 16.79  ? 88  GLY A O   1 
ATOM   660  N N   . HIS A 1 89  ? 0.413   -0.148  12.896  1.00 16.47  ? 89  HIS A N   1 
ATOM   661  C CA  . HIS A 1 89  ? -0.336  -1.244  13.452  1.00 18.68  ? 89  HIS A CA  1 
ATOM   662  C C   . HIS A 1 89  ? -1.253  -1.850  12.398  1.00 18.24  ? 89  HIS A C   1 
ATOM   663  O O   . HIS A 1 89  ? -2.120  -2.674  12.709  1.00 19.94  ? 89  HIS A O   1 
ATOM   664  C CB  . HIS A 1 89  ? -1.178  -0.727  14.636  1.00 19.75  ? 89  HIS A CB  1 
ATOM   665  C CG  . HIS A 1 89  ? -0.415  0.141   15.597  1.00 24.75  ? 89  HIS A CG  1 
ATOM   666  N ND1 . HIS A 1 89  ? 0.218   -0.363  16.712  1.00 29.71  ? 89  HIS A ND1 1 
ATOM   667  C CD2 . HIS A 1 89  ? -0.172  1.474   15.600  1.00 27.51  ? 89  HIS A CD2 1 
ATOM   668  C CE1 . HIS A 1 89  ? 0.809   0.624   17.365  1.00 30.18  ? 89  HIS A CE1 1 
ATOM   669  N NE2 . HIS A 1 89  ? 0.588   1.748   16.708  1.00 30.83  ? 89  HIS A NE2 1 
ATOM   670  N N   . SER A 1 90  ? -1.055  -1.457  11.141  1.00 16.48  ? 90  SER A N   1 
ATOM   671  C CA  . SER A 1 90  ? -1.959  -1.802  10.066  1.00 16.35  ? 90  SER A CA  1 
ATOM   672  C C   . SER A 1 90  ? -1.384  -2.883  9.151   1.00 15.02  ? 90  SER A C   1 
ATOM   673  O O   . SER A 1 90  ? -0.160  -3.005  8.989   1.00 15.46  ? 90  SER A O   1 
ATOM   674  C CB  . SER A 1 90  ? -2.261  -0.565  9.218   1.00 16.39  ? 90  SER A CB  1 
ATOM   675  O OG  . SER A 1 90  ? -2.908  0.453   9.961   1.00 18.19  ? 90  SER A OG  1 
ATOM   676  N N   . GLU A 1 91  ? -2.279  -3.638  8.521   1.00 14.27  ? 91  GLU A N   1 
ATOM   677  C CA  . GLU A 1 91  ? -1.919  -4.694  7.580   1.00 14.74  ? 91  GLU A CA  1 
ATOM   678  C C   . GLU A 1 91  ? -2.775  -4.528  6.355   1.00 13.23  ? 91  GLU A C   1 
ATOM   679  O O   . GLU A 1 91  ? -3.989  -4.410  6.459   1.00 14.52  ? 91  GLU A O   1 
ATOM   680  C CB  . GLU A 1 91  ? -2.155  -6.085  8.183   1.00 16.06  ? 91  GLU A CB  1 
ATOM   681  C CG  . GLU A 1 91  ? -1.464  -6.317  9.509   1.00 21.37  ? 91  GLU A CG  1 
ATOM   682  C CD  . GLU A 1 91  ? -1.472  -7.790  9.913   1.00 25.98  ? 91  GLU A CD  1 
ATOM   683  O OE1 . GLU A 1 91  ? -2.247  -8.576  9.310   1.00 31.85  ? 91  GLU A OE1 1 
ATOM   684  O OE2 . GLU A 1 91  ? -0.704  -8.160  10.832  1.00 31.00  ? 91  GLU A OE2 1 
ATOM   685  N N   . ILE A 1 92  ? -2.134  -4.521  5.190   1.00 12.23  ? 92  ILE A N   1 
ATOM   686  C CA  . ILE A 1 92  ? -2.821  -4.372  3.917   1.00 12.00  ? 92  ILE A CA  1 
ATOM   687  C C   . ILE A 1 92  ? -2.540  -5.557  3.017   1.00 11.60  ? 92  ILE A C   1 
ATOM   688  O O   . ILE A 1 92  ? -1.385  -5.886  2.755   1.00 12.25  ? 92  ILE A O   1 
ATOM   689  C CB  . ILE A 1 92  ? -2.369  -3.106  3.226   1.00 11.90  ? 92  ILE A CB  1 
ATOM   690  C CG1 . ILE A 1 92  ? -2.830  -1.889  4.027   1.00 14.25  ? 92  ILE A CG1 1 
ATOM   691  C CG2 . ILE A 1 92  ? -2.904  -3.049  1.801   1.00 13.53  ? 92  ILE A CG2 1 
ATOM   692  C CD1 . ILE A 1 92  ? -2.251  -0.565  3.574   1.00 15.47  ? 92  ILE A CD1 1 
ATOM   693  N N   . ILE A 1 93  ? -3.593  -6.198  2.537   1.00 11.64  ? 93  ILE A N   1 
ATOM   694  C CA  . ILE A 1 93  ? -3.486  -7.325  1.620   1.00 12.58  ? 93  ILE A CA  1 
ATOM   695  C C   . ILE A 1 93  ? -3.586  -6.828  0.187   1.00 11.42  ? 93  ILE A C   1 
ATOM   696  O O   . ILE A 1 93  ? -4.513  -6.097  -0.171  1.00 11.64  ? 93  ILE A O   1 
ATOM   697  C CB  . ILE A 1 93  ? -4.613  -8.358  1.869   1.00 13.31  ? 93  ILE A CB  1 
ATOM   698  C CG1 . ILE A 1 93  ? -4.612  -8.796  3.349   1.00 16.59  ? 93  ILE A CG1 1 
ATOM   699  C CG2 . ILE A 1 93  ? -4.451  -9.565  0.959   1.00 15.68  ? 93  ILE A CG2 1 
ATOM   700  C CD1 . ILE A 1 93  ? -5.871  -9.499  3.809   1.00 19.93  ? 93  ILE A CD1 1 
ATOM   701  N N   . VAL A 1 94  ? -2.624  -7.219  -0.630  1.00 10.93  ? 94  VAL A N   1 
ATOM   702  C CA  . VAL A 1 94  ? -2.535  -6.777  -2.013  1.00 11.68  ? 94  VAL A CA  1 
ATOM   703  C C   . VAL A 1 94  ? -3.078  -7.895  -2.892  1.00 12.27  ? 94  VAL A C   1 
ATOM   704  O O   . VAL A 1 94  ? -2.651  -9.037  -2.758  1.00 13.48  ? 94  VAL A O   1 
ATOM   705  C CB  . VAL A 1 94  ? -1.074  -6.506  -2.414  1.00 11.22  ? 94  VAL A CB  1 
ATOM   706  C CG1 . VAL A 1 94  ? -0.988  -6.127  -3.889  1.00 13.78  ? 94  VAL A CG1 1 
ATOM   707  C CG2 . VAL A 1 94  ? -0.484  -5.426  -1.542  1.00 12.38  ? 94  VAL A CG2 1 
ATOM   708  N N   . ARG A 1 95  ? -4.021  -7.594  -3.767  1.00 12.29  ? 95  ARG A N   1 
ATOM   709  C CA  . ARG A 1 95  ? -4.513  -8.597  -4.705  1.00 13.69  ? 95  ARG A CA  1 
ATOM   710  C C   . ARG A 1 95  ? -4.508  -8.030  -6.114  1.00 14.30  ? 95  ARG A C   1 
ATOM   711  O O   . ARG A 1 95  ? -4.774  -6.855  -6.311  1.00 13.37  ? 95  ARG A O   1 
ATOM   712  C CB  . ARG A 1 95  ? -5.935  -8.985  -4.327  1.00 14.31  ? 95  ARG A CB  1 
ATOM   713  C CG  . ARG A 1 95  ? -6.047  -9.857  -3.112  1.00 17.68  ? 95  ARG A CG  1 
ATOM   714  C CD  . ARG A 1 95  ? -7.503  -10.162 -2.799  1.00 23.11  ? 95  ARG A CD  1 
ATOM   715  N NE  . ARG A 1 95  ? -7.686  -10.734 -1.460  1.00 25.84  ? 95  ARG A NE  1 
ATOM   716  C CZ  . ARG A 1 95  ? -7.984  -10.031 -0.365  1.00 25.39  ? 95  ARG A CZ  1 
ATOM   717  N NH1 . ARG A 1 95  ? -8.147  -8.699  -0.407  1.00 19.78  ? 95  ARG A NH1 1 
ATOM   718  N NH2 . ARG A 1 95  ? -8.134  -10.674 0.793   1.00 29.20  ? 95  ARG A NH2 1 
ATOM   719  N N   . MET A 1 96  ? -4.189  -8.855  -7.101  1.00 15.14  ? 96  MET A N   1 
ATOM   720  C CA  . MET A 1 96  ? -4.328  -8.474  -8.508  1.00 17.45  ? 96  MET A CA  1 
ATOM   721  C C   . MET A 1 96  ? -5.541  -9.170  -9.099  1.00 18.23  ? 96  MET A C   1 
ATOM   722  O O   . MET A 1 96  ? -5.832  -10.310 -8.759  1.00 19.59  ? 96  MET A O   1 
ATOM   723  C CB  . MET A 1 96  ? -3.105  -8.910  -9.303  1.00 17.96  ? 96  MET A CB  1 
ATOM   724  C CG  . MET A 1 96  ? -1.895  -8.080  -9.152  1.00 19.75  ? 96  MET A CG  1 
ATOM   725  S SD  . MET A 1 96  ? -1.363  -7.825  -7.452  1.00 21.19  ? 96  MET A SD  1 
ATOM   726  C CE  . MET A 1 96  ? 0.285   -7.156  -7.718  1.00 17.69  ? 96  MET A CE  1 
ATOM   727  N N   . HIS A 1 97  ? -6.225  -8.491  -10.005 1.00 17.93  ? 97  HIS A N   1 
ATOM   728  C CA  . HIS A 1 97  ? -7.310  -9.117  -10.746 1.00 18.50  ? 97  HIS A CA  1 
ATOM   729  C C   . HIS A 1 97  ? -7.251  -8.625  -12.171 1.00 17.97  ? 97  HIS A C   1 
ATOM   730  O O   . HIS A 1 97  ? -6.829  -7.504  -12.424 1.00 15.97  ? 97  HIS A O   1 
ATOM   731  C CB  . HIS A 1 97  ? -8.678  -8.843  -10.101 1.00 19.21  ? 97  HIS A CB  1 
ATOM   732  C CG  . HIS A 1 97  ? -9.122  -7.405  -10.131 1.00 20.67  ? 97  HIS A CG  1 
ATOM   733  N ND1 . HIS A 1 97  ? -8.851  -6.514  -9.115  1.00 22.03  ? 97  HIS A ND1 1 
ATOM   734  C CD2 . HIS A 1 97  ? -9.893  -6.730  -11.024 1.00 21.51  ? 97  HIS A CD2 1 
ATOM   735  C CE1 . HIS A 1 97  ? -9.399  -5.345  -9.398  1.00 20.56  ? 97  HIS A CE1 1 
ATOM   736  N NE2 . HIS A 1 97  ? -10.041 -5.449  -10.548 1.00 23.66  ? 97  HIS A NE2 1 
ATOM   737  N N   . PRO A 1 98  ? -7.673  -9.459  -13.120 1.00 17.54  ? 98  PRO A N   1 
ATOM   738  C CA  . PRO A 1 98  ? -7.689  -9.078  -14.517 1.00 18.21  ? 98  PRO A CA  1 
ATOM   739  C C   . PRO A 1 98  ? -8.869  -8.156  -14.835 1.00 18.82  ? 98  PRO A C   1 
ATOM   740  O O   . PRO A 1 98  ? -9.908  -8.217  -14.179 1.00 19.15  ? 98  PRO A O   1 
ATOM   741  C CB  . PRO A 1 98  ? -7.833  -10.426 -15.242 1.00 18.49  ? 98  PRO A CB  1 
ATOM   742  C CG  . PRO A 1 98  ? -8.530  -11.260 -14.271 1.00 18.17  ? 98  PRO A CG  1 
ATOM   743  C CD  . PRO A 1 98  ? -8.020  -10.876 -12.932 1.00 18.09  ? 98  PRO A CD  1 
ATOM   744  N N   . LEU A 1 99  ? -8.686  -7.325  -15.853 1.00 19.81  ? 99  LEU A N   1 
ATOM   745  C CA  . LEU A 1 99  ? -9.714  -6.392  -16.292 1.00 20.78  ? 99  LEU A CA  1 
ATOM   746  C C   . LEU A 1 99  ? -10.441 -6.821  -17.537 1.00 22.47  ? 99  LEU A C   1 
ATOM   747  O O   . LEU A 1 99  ? -9.868  -7.453  -18.440 1.00 22.07  ? 99  LEU A O   1 
ATOM   748  C CB  . LEU A 1 99  ? -9.097  -5.033  -16.598 1.00 20.90  ? 99  LEU A CB  1 
ATOM   749  C CG  . LEU A 1 99  ? -8.550  -4.309  -15.387 1.00 19.85  ? 99  LEU A CG  1 
ATOM   750  C CD1 . LEU A 1 99  ? -7.882  -3.019  -15.824 1.00 21.75  ? 99  LEU A CD1 1 
ATOM   751  C CD2 . LEU A 1 99  ? -9.679  -4.032  -14.436 1.00 22.28  ? 99  LEU A CD2 1 
ATOM   752  N N   . THR A 1 100 ? -11.722 -6.456  -17.542 1.00 24.68  ? 100 THR A N   1 
ATOM   753  C CA  . THR A 1 100 ? -12.550 -6.251  -18.733 1.00 27.15  ? 100 THR A CA  1 
ATOM   754  C C   . THR A 1 100 ? -13.655 -7.271  -18.742 1.00 28.01  ? 100 THR A C   1 
ATOM   755  O O   . THR A 1 100 ? -14.432 -7.294  -17.782 1.00 28.42  ? 100 THR A O   1 
ATOM   756  C CB  . THR A 1 100 ? -11.752 -6.164  -20.044 1.00 27.81  ? 100 THR A CB  1 
ATOM   757  O OG1 . THR A 1 100 ? -11.046 -4.910  -20.074 1.00 30.45  ? 100 THR A OG1 1 
ATOM   758  C CG2 . THR A 1 100 ? -12.661 -6.253  -21.213 1.00 28.47  ? 100 THR A CG2 1 
HETATM 759  P P   . PO4 B 2 .   ? 5.865   11.470  10.181  1.00 28.05  ? 101 PO4 A P   1 
HETATM 760  O O1  . PO4 B 2 .   ? 6.856   11.750  9.073   1.00 30.60  ? 101 PO4 A O1  1 
HETATM 761  O O2  . PO4 B 2 .   ? 6.150   12.488  11.278  1.00 28.89  ? 101 PO4 A O2  1 
HETATM 762  O O3  . PO4 B 2 .   ? 4.493   11.714  9.608   1.00 29.64  ? 101 PO4 A O3  1 
HETATM 763  O O4  . PO4 B 2 .   ? 6.066   10.091  10.748  1.00 28.38  ? 101 PO4 A O4  1 
HETATM 764  O O   . HOH C 3 .   ? 3.489   15.651  5.469   1.00 42.16  ? 102 HOH A O   1 
HETATM 765  O O   . HOH C 3 .   ? 6.334   7.584   15.297  1.00 33.65  ? 103 HOH A O   1 
HETATM 766  O O   . HOH C 3 .   ? -15.097 -8.077  9.191   1.00 37.22  ? 104 HOH A O   1 
HETATM 767  O O   . HOH C 3 .   ? -5.314  -1.137  11.458  1.00 35.42  ? 105 HOH A O   1 
HETATM 768  O O   . HOH C 3 .   ? -0.785  -15.651 -6.675  1.00 39.99  ? 106 HOH A O   1 
HETATM 769  O O   . HOH C 3 .   ? -4.736  -8.493  -20.609 1.00 38.69  ? 107 HOH A O   1 
HETATM 770  O O   . HOH C 3 .   ? -0.059  10.324  14.856  1.00 36.98  ? 108 HOH A O   1 
HETATM 771  O O   . HOH C 3 .   ? 0.633   -6.208  12.313  1.00 38.48  ? 109 HOH A O   1 
HETATM 772  O O   . HOH C 3 .   ? -6.297  -13.012 1.788   1.00 38.01  ? 110 HOH A O   1 
HETATM 773  O O   . HOH C 3 .   ? 4.618   4.860   16.493  1.00 29.37  ? 111 HOH A O   1 
HETATM 774  O O   . HOH C 3 .   ? 17.272  1.510   1.195   1.00 48.80  ? 112 HOH A O   1 
HETATM 775  O O   . HOH C 3 .   ? 9.998   10.274  -3.140  1.00 36.20  ? 113 HOH A O   1 
HETATM 776  O O   . HOH C 3 .   ? -15.906 -4.794  -16.224 1.00 32.70  ? 114 HOH A O   1 
HETATM 777  O O   . HOH C 3 .   ? -4.583  8.208   -12.592 1.00 29.72  ? 115 HOH A O   1 
HETATM 778  O O   . HOH C 3 .   ? -6.212  -12.937 -7.170  1.00 32.38  ? 116 HOH A O   1 
HETATM 779  O O   . HOH C 3 .   ? 3.432   1.682   15.214  1.00 32.28  ? 117 HOH A O   1 
HETATM 780  O O   . HOH C 3 .   ? 16.338  -3.805  12.273  1.00 40.05  ? 118 HOH A O   1 
HETATM 781  O O   . HOH C 3 .   ? 12.263  -9.705  8.644   1.00 36.64  ? 119 HOH A O   1 
HETATM 782  O O   . HOH C 3 .   ? -13.871 -6.038  -23.914 1.00 32.88  ? 120 HOH A O   1 
HETATM 783  O O   . HOH C 3 .   ? 6.034   0.139   13.043  1.00 33.48  ? 121 HOH A O   1 
HETATM 784  O O   . HOH C 3 .   ? -10.892 4.696   1.931   1.00 32.69  ? 122 HOH A O   1 
HETATM 785  O O   . HOH C 3 .   ? 1.659   4.602   17.533  1.00 36.90  ? 123 HOH A O   1 
HETATM 786  O O   . HOH C 3 .   ? 14.524  4.751   6.291   1.00 40.51  ? 124 HOH A O   1 
HETATM 787  O O   . HOH C 3 .   ? 12.838  9.118   11.205  1.00 38.86  ? 125 HOH A O   1 
HETATM 788  O O   . HOH C 3 .   ? -8.096  -10.498 -6.663  0.50 23.99  ? 126 HOH A O   1 
HETATM 789  O O   . HOH C 3 .   ? -16.928 -3.742  4.208   1.00 29.66  ? 127 HOH A O   1 
HETATM 790  O O   . HOH C 3 .   ? -0.971  -11.646 -10.478 1.00 35.62  ? 128 HOH A O   1 
HETATM 791  O O   . HOH C 3 .   ? -12.641 -8.648  5.630   1.00 35.40  ? 129 HOH A O   1 
HETATM 792  O O   . HOH C 3 .   ? -0.538  8.832   -16.433 1.00 35.61  ? 130 HOH A O   1 
HETATM 793  O O   . HOH C 3 .   ? 3.356   -2.568  15.501  1.00 43.04  ? 131 HOH A O   1 
HETATM 794  O O   . HOH C 3 .   ? -6.812  -1.011  -18.375 1.00 44.76  ? 132 HOH A O   1 
HETATM 795  O O   . HOH C 3 .   ? 5.002   -7.972  -14.391 1.00 35.57  ? 133 HOH A O   1 
HETATM 796  O O   . HOH C 3 .   ? -1.727  2.191   19.267  1.00 38.47  ? 134 HOH A O   1 
HETATM 797  O O   . HOH C 3 .   ? 7.415   12.143  2.669   1.00 41.11  ? 135 HOH A O   1 
HETATM 798  O O   . HOH C 3 .   ? 1.040   -6.654  -11.044 1.00 33.90  ? 136 HOH A O   1 
HETATM 799  O O   . HOH C 3 .   ? -3.864  -0.658  16.162  1.00 39.91  ? 137 HOH A O   1 
HETATM 800  O O   . HOH C 3 .   ? -10.558 -2.418  -20.733 1.00 37.41  ? 138 HOH A O   1 
HETATM 801  O O   . HOH C 3 .   ? -2.433  -14.247 -9.007  1.00 41.27  ? 139 HOH A O   1 
HETATM 802  O O   . HOH C 3 .   ? -3.985  13.933  -2.583  1.00 34.70  ? 140 HOH A O   1 
HETATM 803  O O   . HOH C 3 .   ? -9.419  -10.184 3.254   1.00 35.45  ? 141 HOH A O   1 
HETATM 804  O O   . HOH C 3 .   ? 9.457   -3.824  11.902  1.00 45.91  ? 142 HOH A O   1 
HETATM 805  O O   . HOH C 3 .   ? -7.305  8.192   -11.485 1.00 34.84  ? 143 HOH A O   1 
HETATM 806  O O   . HOH C 3 .   ? -5.872  -14.735 -5.216  0.50 37.11  ? 144 HOH A O   1 
HETATM 807  O O   . HOH C 3 .   ? 14.226  -8.020  9.409   1.00 37.06  ? 145 HOH A O   1 
HETATM 808  O O   . HOH C 3 .   ? 12.801  1.797   7.150   1.00 39.85  ? 146 HOH A O   1 
HETATM 809  O O   . HOH C 3 .   ? -3.427  8.901   -15.181 1.00 45.10  ? 147 HOH A O   1 
HETATM 810  O O   . HOH C 3 .   ? -10.078 3.597   -9.069  1.00 35.54  ? 148 HOH A O   1 
HETATM 811  O O   . HOH C 3 .   ? 10.404  10.368  9.515   1.00 35.97  ? 149 HOH A O   1 
HETATM 812  O O   . HOH C 3 .   ? -12.731 -8.629  8.199   1.00 43.96  ? 150 HOH A O   1 
HETATM 813  O O   . HOH C 3 .   ? -15.535 -6.949  3.270   1.00 32.83  ? 151 HOH A O   1 
HETATM 814  O O   . HOH C 3 .   ? -16.349 -7.520  -20.492 1.00 45.74  ? 152 HOH A O   1 
HETATM 815  O O   . HOH C 3 .   ? 6.805   12.183  -0.095  1.00 36.34  ? 153 HOH A O   1 
HETATM 816  O O   . HOH C 3 .   ? 10.463  10.536  0.523   1.00 39.80  ? 154 HOH A O   1 
HETATM 817  O O   . HOH C 3 .   ? -9.573  -7.118  -23.983 1.00 34.49  ? 155 HOH A O   1 
HETATM 818  O O   . HOH C 3 .   ? -9.657  -0.337  -19.422 1.00 38.35  ? 156 HOH A O   1 
HETATM 819  O O   . HOH C 3 .   ? -8.179  -6.856  13.356  1.00 41.10  ? 157 HOH A O   1 
HETATM 820  O O   . HOH C 3 .   ? 3.640   -10.776 -10.044 1.00 38.27  ? 158 HOH A O   1 
HETATM 821  O O   . HOH C 3 .   ? -5.065  6.852   -15.754 1.00 46.36  ? 159 HOH A O   1 
HETATM 822  O O   . HOH C 3 .   ? 3.697   -19.484 -5.069  1.00 47.77  ? 160 HOH A O   1 
HETATM 823  O O   . HOH C 3 .   ? -4.223  -4.309  -23.015 1.00 49.95  ? 161 HOH A O   1 
HETATM 824  O O   . HOH C 3 .   ? 14.128  6.911   1.973   1.00 39.01  ? 162 HOH A O   1 
HETATM 825  O O   . HOH C 3 .   ? -13.798 3.203   2.000   1.00 30.05  ? 163 HOH A O   1 
HETATM 826  O O   . HOH C 3 .   ? 8.374   13.851  7.360   1.00 38.29  ? 164 HOH A O   1 
HETATM 827  O O   . HOH C 3 .   ? -1.359  16.334  4.665   1.00 31.37  ? 165 HOH A O   1 
HETATM 828  O O   . HOH C 3 .   ? -9.133  -0.675  -22.132 1.00 42.88  ? 166 HOH A O   1 
HETATM 829  O O   . HOH C 3 .   ? -1.978  13.999  9.572   1.00 34.02  ? 167 HOH A O   1 
HETATM 830  O O   . HOH C 3 .   ? -5.534  -0.206  -16.035 1.00 43.48  ? 168 HOH A O   1 
HETATM 831  O O   . HOH C 3 .   ? -1.840  -3.094  17.291  1.00 47.56  ? 169 HOH A O   1 
HETATM 832  O O   . HOH C 3 .   ? -10.119 -7.949  4.946   1.00 54.17  ? 170 HOH A O   1 
HETATM 833  O O   . HOH C 3 .   ? -7.613  -8.729  11.613  1.00 39.36  ? 171 HOH A O   1 
HETATM 834  O O   . HOH C 3 .   ? -14.128 -8.119  0.715   1.00 44.44  ? 172 HOH A O   1 
HETATM 835  O O   . HOH C 3 .   ? -2.786  -6.672  -21.551 1.00 33.35  ? 173 HOH A O   1 
HETATM 836  O O   . HOH C 3 .   ? -10.226 -8.051  12.064  1.00 44.68  ? 174 HOH A O   1 
HETATM 837  O O   . HOH C 3 .   ? 12.472  2.197   10.351  1.00 42.57  ? 175 HOH A O   1 
HETATM 838  O O   . HOH C 3 .   ? 15.447  4.914   9.089   1.00 62.86  ? 176 HOH A O   1 
HETATM 839  O O   . HOH C 3 .   ? -4.335  -12.757 -0.954  1.00 46.83  ? 177 HOH A O   1 
HETATM 840  O O   . HOH C 3 .   ? 6.181   16.579  -2.420  1.00 41.65  ? 178 HOH A O   1 
HETATM 841  O O   . HOH C 3 .   ? 9.640   13.547  11.833  1.00 40.82  ? 179 HOH A O   1 
HETATM 842  O O   . HOH C 3 .   ? -2.841  -8.070  13.513  1.00 48.52  ? 180 HOH A O   1 
HETATM 843  O O   . HOH C 3 .   ? -0.549  7.361   19.579  1.00 40.53  ? 181 HOH A O   1 
HETATM 844  O O   . HOH C 3 .   ? -9.864  9.083   -8.437  1.00 48.03  ? 182 HOH A O   1 
HETATM 845  O O   . HOH C 3 .   ? 1.382   10.124  17.307  1.00 45.28  ? 183 HOH A O   1 
HETATM 846  O O   . HOH C 3 .   ? 7.584   -6.930  -14.509 1.00 37.05  ? 184 HOH A O   1 
HETATM 847  O O   . HOH C 3 .   ? 0.654   -19.838 -4.991  1.00 39.19  ? 185 HOH A O   1 
HETATM 848  O O   . HOH C 3 .   ? 6.216   -4.843  10.593  1.00 43.40  ? 186 HOH A O   1 
HETATM 849  O O   . HOH C 3 .   ? -4.947  -6.952  15.203  0.50 46.68  ? 187 HOH A O   1 
HETATM 850  O O   . HOH C 3 .   ? -9.625  6.587   -11.155 1.00 44.80  ? 188 HOH A O   1 
HETATM 851  O O   . HOH C 3 .   ? 5.733   0.345   15.468  1.00 38.02  ? 189 HOH A O   1 
HETATM 852  O O   . HOH C 3 .   ? 3.885   22.285  2.227   1.00 47.97  ? 190 HOH A O   1 
HETATM 853  O O   . HOH C 3 .   ? -8.733  4.090   -12.860 1.00 39.85  ? 191 HOH A O   1 
HETATM 854  O O   . HOH C 3 .   ? 7.840   14.175  9.918   1.00 46.22  ? 192 HOH A O   1 
HETATM 855  O O   . HOH C 3 .   ? -2.355  -5.413  13.590  1.00 41.55  ? 193 HOH A O   1 
HETATM 856  O O   . HOH C 3 .   ? -4.177  11.401  -11.906 1.00 39.10  ? 194 HOH A O   1 
HETATM 857  O O   . HOH C 3 .   ? 6.009   1.363   -14.308 1.00 44.05  ? 195 HOH A O   1 
HETATM 858  O O   . HOH C 3 .   ? 16.599  6.698   11.478  1.00 33.68  ? 196 HOH A O   1 
HETATM 859  O O   . HOH C 3 .   ? -1.465  18.571  3.447   1.00 37.52  ? 197 HOH A O   1 
HETATM 860  O O   . HOH C 3 .   ? -11.935 -6.529  13.781  1.00 39.03  ? 198 HOH A O   1 
HETATM 861  O O   . HOH C 3 .   ? 5.098   -2.833  -18.111 1.00 43.87  ? 199 HOH A O   1 
HETATM 862  O O   . HOH C 3 .   ? 2.253   -13.536 -8.671  1.00 33.14  ? 200 HOH A O   1 
HETATM 863  O O   . HOH C 3 .   ? 0.516   13.315  -3.147  1.00 48.64  ? 201 HOH A O   1 
HETATM 864  O O   . HOH C 3 .   ? -11.423 -11.604 1.355   1.00 52.82  ? 202 HOH A O   1 
HETATM 865  O O   . HOH C 3 .   ? -2.746  -14.974 -3.287  1.00 52.46  ? 203 HOH A O   1 
HETATM 866  O O   . HOH C 3 .   ? 12.398  8.655   0.877   1.00 41.25  ? 204 HOH A O   1 
HETATM 867  O O   . HOH C 3 .   ? -14.065 -11.613 1.979   1.00 53.05  ? 205 HOH A O   1 
HETATM 868  O O   . HOH C 3 .   ? 2.340   -20.244 -2.891  1.00 47.50  ? 206 HOH A O   1 
HETATM 869  O O   . HOH C 3 .   ? -5.251  16.421  9.335   1.00 46.15  ? 207 HOH A O   1 
HETATM 870  O O   . HOH C 3 .   ? 0.449   17.820  9.019   1.00 37.32  ? 208 HOH A O   1 
HETATM 871  O O   . HOH C 3 .   ? -0.417  -15.764 -2.185  1.00 42.46  ? 209 HOH A O   1 
HETATM 872  O O   . HOH C 3 .   ? 6.166   20.263  2.171   1.00 57.55  ? 210 HOH A O   1 
HETATM 873  O O   . HOH C 3 .   ? 3.232   18.740  6.625   1.00 51.47  ? 211 HOH A O   1 
HETATM 874  O O   . HOH C 3 .   ? 5.860   -10.384 -14.689 1.00 40.59  ? 212 HOH A O   1 
HETATM 875  O O   . HOH C 3 .   ? 14.473  -4.875  10.657  1.00 53.93  ? 213 HOH A O   1 
HETATM 876  O O   . HOH C 3 .   ? -0.350  -7.412  -20.568 1.00 65.98  ? 214 HOH A O   1 
HETATM 877  O O   . HOH C 3 .   ? 11.541  -6.083  9.787   1.00 49.76  ? 215 HOH A O   1 
HETATM 878  O O   . HOH C 3 .   ? 16.785  9.443   6.943   1.00 44.99  ? 216 HOH A O   1 
HETATM 879  O O   . HOH C 3 .   ? -12.484 -1.976  -16.091 1.00 32.55  ? 217 HOH A O   1 
HETATM 880  O O   . HOH C 3 .   ? -14.596 -11.463 5.105   1.00 34.24  ? 218 HOH A O   1 
HETATM 881  O O   . HOH C 3 .   ? 1.524   18.709  4.504   1.00 40.21  ? 219 HOH A O   1 
HETATM 882  O O   . HOH C 3 .   ? 6.959   -1.904  16.619  1.00 36.38  ? 220 HOH A O   1 
HETATM 883  O O   . HOH C 3 .   ? -7.655  -12.468 5.952   1.00 47.62  ? 221 HOH A O   1 
HETATM 884  O O   . HOH C 3 .   ? -11.248 -5.101  -23.517 1.00 47.32  ? 222 HOH A O   1 
HETATM 885  O O   . HOH C 3 .   ? 4.999   19.403  4.764   1.00 42.09  ? 223 HOH A O   1 
HETATM 886  O O   . HOH C 3 .   ? 1.982   21.695  -2.398  1.00 37.40  ? 224 HOH A O   1 
HETATM 887  O O   . HOH C 3 .   ? -0.992  -1.095  -19.143 1.00 33.57  ? 225 HOH A O   1 
HETATM 888  O O   . HOH C 3 .   ? 9.285   2.105   15.834  1.00 37.10  ? 226 HOH A O   1 
HETATM 889  O O   . HOH C 3 .   ? 1.876   20.016  9.475   0.50 36.95  ? 227 HOH A O   1 
HETATM 890  O O   . HOH C 3 .   ? 18.521  3.435   3.600   1.00 37.94  ? 228 HOH A O   1 
HETATM 891  O O   . HOH C 3 .   ? -6.216  -9.629  -18.939 1.00 36.64  ? 229 HOH A O   1 
HETATM 892  O O   . HOH C 3 .   ? 17.186  5.765   3.782   1.00 55.63  ? 230 HOH A O   1 
HETATM 893  O O   . HOH C 3 .   ? 5.967   19.050  -1.258  1.00 60.98  ? 231 HOH A O   1 
HETATM 894  O O   . HOH C 3 .   ? -6.359  -2.270  13.615  1.00 52.93  ? 232 HOH A O   1 
HETATM 895  O O   . HOH C 3 .   ? 1.633   -15.209 -10.719 1.00 42.31  ? 233 HOH A O   1 
HETATM 896  O O   . HOH C 3 .   ? -4.165  -17.053 -4.421  0.50 24.54  ? 234 HOH A O   1 
HETATM 897  O O   . HOH C 3 .   ? -9.930  6.572   -6.385  1.00 39.81  ? 235 HOH A O   1 
HETATM 898  O O   . HOH C 3 .   ? 12.785  5.021   13.404  1.00 51.02  ? 236 HOH A O   1 
HETATM 899  O O   . HOH C 3 .   ? -0.700  14.485  11.640  1.00 37.87  ? 237 HOH A O   1 
HETATM 900  O O   . HOH C 3 .   ? 0.304   -17.464 -11.489 1.00 43.69  ? 238 HOH A O   1 
HETATM 901  O O   . HOH C 3 .   ? 2.419   -13.405 -12.602 1.00 63.11  ? 239 HOH A O   1 
HETATM 902  O O   . HOH C 3 .   ? 4.842   -14.265 -11.666 0.50 43.63  ? 240 HOH A O   1 
HETATM 903  O O   . HOH C 3 .   ? 7.233   15.884  5.984   1.00 42.91  ? 241 HOH A O   1 
HETATM 904  O O   . HOH C 3 .   ? -0.535  15.542  7.135   1.00 50.04  ? 242 HOH A O   1 
HETATM 905  O O   . HOH C 3 .   ? -0.844  -7.288  15.036  1.00 46.64  ? 243 HOH A O   1 
HETATM 906  O O   . HOH C 3 .   ? 0.529   -4.982  14.661  1.00 58.95  ? 244 HOH A O   1 
HETATM 907  O O   . HOH C 3 .   ? 0.609   -13.068 6.666   1.00 46.00  ? 245 HOH A O   1 
HETATM 908  O O   . HOH C 3 .   ? 2.719   1.276   19.805  1.00 55.36  ? 246 HOH A O   1 
HETATM 909  O O   . HOH C 3 .   ? -4.334  -10.610 -12.575 1.00 34.37  ? 247 HOH A O   1 
HETATM 910  O O   . HOH C 3 .   ? 15.941  -3.160  8.369   1.00 37.29  ? 248 HOH A O   1 
HETATM 911  O O   . HOH C 3 .   ? -3.344  -16.153 4.723   1.00 44.35  ? 249 HOH A O   1 
HETATM 912  O O   . HOH C 3 .   ? 3.150   -0.832  -18.647 1.00 42.09  ? 250 HOH A O   1 
HETATM 913  O O   . HOH C 3 .   ? -3.528  3.448   3.290   1.00 179.14 ? 251 HOH A O   1 
HETATM 914  O O   . HOH C 3 .   ? -6.947  -2.293  -20.706 1.00 64.84  ? 252 HOH A O   1 
HETATM 915  O O   . HOH C 3 .   ? -2.515  -8.655  -18.447 1.00 51.60  ? 253 HOH A O   1 
HETATM 916  O O   . HOH C 3 .   ? -11.595 7.349   -9.547  1.00 39.95  ? 254 HOH A O   1 
HETATM 917  O O   . HOH C 3 .   ? -0.372  11.473  -4.805  1.00 47.97  ? 255 HOH A O   1 
HETATM 918  O O   . HOH C 3 .   ? 0.374   -17.308 -14.175 1.00 62.86  ? 256 HOH A O   1 
HETATM 919  O O   . HOH C 3 .   ? -14.878 -7.451  11.834  1.00 42.79  ? 257 HOH A O   1 
HETATM 920  O O   . HOH C 3 .   ? 7.056   8.827   5.710   1.00 73.45  ? 258 HOH A O   1 
HETATM 921  O O   . HOH C 3 .   ? 10.093  -7.512  -4.820  0.50 8.90   ? 259 HOH A O   1 
HETATM 922  O O   . HOH C 3 .   ? 13.461  -3.165  -0.396  0.50 8.14   ? 260 HOH A O   1 
HETATM 923  O O   . HOH C 3 .   ? 7.369   10.705  4.653   1.00 9.31   ? 261 HOH A O   1 
HETATM 924  O O   . HOH C 3 .   ? 4.566   -7.397  6.068   1.00 9.39   ? 262 HOH A O   1 
HETATM 925  O O   . HOH C 3 .   ? -8.110  16.109  7.698   1.00 11.97  ? 263 HOH A O   1 
HETATM 926  O O   . HOH C 3 .   ? 5.591   0.984   10.571  1.00 16.83  ? 264 HOH A O   1 
HETATM 927  O O   . HOH C 3 .   ? 11.063  0.359   5.689   1.00 15.22  ? 265 HOH A O   1 
HETATM 928  O O   . HOH C 3 .   ? -8.563  6.788   2.463   1.00 16.39  ? 266 HOH A O   1 
HETATM 929  O O   . HOH C 3 .   ? -6.912  -6.583  -1.789  1.00 12.56  ? 267 HOH A O   1 
HETATM 930  O O   . HOH C 3 .   ? 5.907   5.766   10.554  1.00 12.60  ? 268 HOH A O   1 
HETATM 931  O O   . HOH C 3 .   ? 8.469   3.797   -11.074 1.00 14.34  ? 269 HOH A O   1 
HETATM 932  O O   . HOH C 3 .   ? 5.270   11.898  6.400   1.00 15.88  ? 270 HOH A O   1 
HETATM 933  O O   . HOH C 3 .   ? 7.364   -9.707  -5.163  1.00 14.94  ? 271 HOH A O   1 
HETATM 934  O O   . HOH C 3 .   ? 8.688   -1.383  9.905   1.00 16.99  ? 272 HOH A O   1 
HETATM 935  O O   . HOH C 3 .   ? 3.654   -5.724  -9.746  1.00 19.29  ? 273 HOH A O   1 
HETATM 936  O O   . HOH C 3 .   ? 11.216  -3.617  -10.795 1.00 11.35  ? 274 HOH A O   1 
HETATM 937  O O   . HOH C 3 .   ? 1.092   -11.002 -9.009  1.00 19.65  ? 275 HOH A O   1 
HETATM 938  O O   . HOH C 3 .   ? 6.037   -2.367  9.547   1.00 16.97  ? 276 HOH A O   1 
HETATM 939  O O   . HOH C 3 .   ? 6.023   -11.438 -3.437  1.00 18.28  ? 277 HOH A O   1 
HETATM 940  O O   . HOH C 3 .   ? -16.763 -7.822  -18.133 1.00 15.22  ? 278 HOH A O   1 
HETATM 941  O O   . HOH C 3 .   ? -9.064  4.252   -6.676  1.00 19.04  ? 279 HOH A O   1 
HETATM 942  O O   . HOH C 3 .   ? 5.269   -8.800  -9.383  1.00 17.43  ? 280 HOH A O   1 
HETATM 943  O O   . HOH C 3 .   ? -5.699  -0.912  -10.283 1.00 15.00  ? 281 HOH A O   1 
HETATM 944  O O   . HOH C 3 .   ? 9.410   -12.569 3.284   1.00 17.42  ? 282 HOH A O   1 
HETATM 945  O O   . HOH C 3 .   ? -7.702  -7.091  -6.821  1.00 15.78  ? 283 HOH A O   1 
HETATM 946  O O   . HOH C 3 .   ? 6.458   -7.131  9.622   1.00 18.20  ? 284 HOH A O   1 
HETATM 947  O O   . HOH C 3 .   ? 2.606   -13.010 -2.590  1.00 16.84  ? 285 HOH A O   1 
HETATM 948  O O   . HOH C 3 .   ? 11.718  4.264   6.923   1.00 17.25  ? 286 HOH A O   1 
HETATM 949  O O   . HOH C 3 .   ? 10.931  -1.909  8.106   1.00 20.27  ? 287 HOH A O   1 
HETATM 950  O O   . HOH C 3 .   ? -5.039  -3.493  9.430   1.00 18.03  ? 288 HOH A O   1 
HETATM 951  O O   . HOH C 3 .   ? 5.183   0.761   -12.204 1.00 21.51  ? 289 HOH A O   1 
HETATM 952  O O   . HOH C 3 .   ? -6.041  4.917   -13.269 1.00 22.72  ? 290 HOH A O   1 
HETATM 953  O O   . HOH C 3 .   ? -6.920  20.071  7.904   1.00 17.71  ? 291 HOH A O   1 
HETATM 954  O O   . HOH C 3 .   ? 0.751   10.383  -10.207 1.00 23.67  ? 292 HOH A O   1 
HETATM 955  O O   . HOH C 3 .   ? 9.213   -8.940  -12.835 1.00 22.58  ? 293 HOH A O   1 
HETATM 956  O O   . HOH C 3 .   ? -6.927  11.264  2.337   1.00 17.79  ? 294 HOH A O   1 
HETATM 957  O O   . HOH C 3 .   ? -9.365  2.384   8.863   1.00 17.21  ? 295 HOH A O   1 
HETATM 958  O O   . HOH C 3 .   ? -11.416 1.177   7.777   1.00 19.69  ? 296 HOH A O   1 
HETATM 959  O O   . HOH C 3 .   ? 12.734  4.682   -2.747  1.00 22.41  ? 297 HOH A O   1 
HETATM 960  O O   . HOH C 3 .   ? -9.043  5.801   -0.104  1.00 20.21  ? 298 HOH A O   1 
HETATM 961  O O   . HOH C 3 .   ? 12.822  4.719   3.404   1.00 21.14  ? 299 HOH A O   1 
HETATM 962  O O   . HOH C 3 .   ? 4.350   7.719   12.972  1.00 24.96  ? 300 HOH A O   1 
HETATM 963  O O   . HOH C 3 .   ? 1.419   -3.695  11.194  1.00 22.34  ? 301 HOH A O   1 
HETATM 964  O O   . HOH C 3 .   ? 3.108   -11.895 5.838   1.00 22.09  ? 302 HOH A O   1 
HETATM 965  O O   . HOH C 3 .   ? 13.150  4.464   -7.441  1.00 26.14  ? 303 HOH A O   1 
HETATM 966  O O   . HOH C 3 .   ? 10.289  -12.511 6.728   1.00 26.52  ? 304 HOH A O   1 
HETATM 967  O O   . HOH C 3 .   ? 9.315   11.019  13.583  0.50 23.20  ? 305 HOH A O   1 
HETATM 968  O O   . HOH C 3 .   ? -5.457  -0.835  -13.175 1.00 18.61  ? 306 HOH A O   1 
HETATM 969  O O   . HOH C 3 .   ? 9.448   -10.755 1.869   1.00 24.88  ? 307 HOH A O   1 
HETATM 970  O O   . HOH C 3 .   ? -10.612 3.599   -0.485  1.00 23.73  ? 308 HOH A O   1 
HETATM 971  O O   . HOH C 3 .   ? 6.658   2.491   -12.588 1.00 19.13  ? 309 HOH A O   1 
HETATM 972  O O   . HOH C 3 .   ? 7.909   -10.345 -7.667  0.50 23.59  ? 310 HOH A O   1 
HETATM 973  O O   . HOH C 3 .   ? -8.178  8.372   -2.934  1.00 19.25  ? 311 HOH A O   1 
HETATM 974  O O   . HOH C 3 .   ? 11.015  6.488   -1.505  1.00 21.48  ? 312 HOH A O   1 
HETATM 975  O O   . HOH C 3 .   ? 12.446  8.550   8.872   1.00 25.26  ? 313 HOH A O   1 
HETATM 976  O O   . HOH C 3 .   ? -3.871  -2.664  -16.680 1.00 23.93  ? 314 HOH A O   1 
HETATM 977  O O   . HOH C 3 .   ? 2.045   11.339  -5.239  1.00 33.83  ? 315 HOH A O   1 
HETATM 978  O O   . HOH C 3 .   ? 9.959   0.338   13.305  1.00 31.83  ? 316 HOH A O   1 
HETATM 979  O O   . HOH C 3 .   ? -1.846  -13.191 1.301   1.00 26.13  ? 317 HOH A O   1 
HETATM 980  O O   . HOH C 3 .   ? -13.971 -0.119  0.669   1.00 22.68  ? 318 HOH A O   1 
HETATM 981  O O   . HOH C 3 .   ? -3.255  15.840  7.303   1.00 26.84  ? 319 HOH A O   1 
HETATM 982  O O   . HOH C 3 .   ? 3.392   -7.226  -12.100 1.00 26.93  ? 320 HOH A O   1 
HETATM 983  O O   . HOH C 3 .   ? 1.668   -14.244 -6.153  1.00 25.69  ? 321 HOH A O   1 
HETATM 984  O O   . HOH C 3 .   ? -5.927  11.625  -5.558  1.00 28.68  ? 322 HOH A O   1 
HETATM 985  O O   . HOH C 3 .   ? 2.612   -12.487 3.807   1.00 24.82  ? 323 HOH A O   1 
HETATM 986  O O   . HOH C 3 .   ? -11.615 -3.474  -11.820 1.00 36.16  ? 324 HOH A O   1 
HETATM 987  O O   . HOH C 3 .   ? -5.209  1.977   13.719  1.00 28.38  ? 325 HOH A O   1 
HETATM 988  O O   . HOH C 3 .   ? -10.714 -6.252  7.184   1.00 28.88  ? 326 HOH A O   1 
HETATM 989  O O   . HOH C 3 .   ? 9.837   7.490   -3.774  1.00 29.58  ? 327 HOH A O   1 
HETATM 990  O O   . HOH C 3 .   ? 6.677   -1.318  -16.411 1.00 29.91  ? 328 HOH A O   1 
HETATM 991  O O   . HOH C 3 .   ? -7.685  0.794   10.524  1.00 28.40  ? 329 HOH A O   1 
HETATM 992  O O   . HOH C 3 .   ? -7.241  -5.210  -21.378 1.00 30.60  ? 330 HOH A O   1 
HETATM 993  O O   . HOH C 3 .   ? 0.225   12.401  -0.093  1.00 55.50  ? 331 HOH A O   1 
HETATM 994  O O   . HOH C 3 .   ? -4.471  -5.663  11.262  1.00 34.32  ? 332 HOH A O   1 
HETATM 995  O O   . HOH C 3 .   ? -11.217 -2.764  -18.309 1.00 25.17  ? 333 HOH A O   1 
HETATM 996  O O   . HOH C 3 .   ? -13.211 -4.574  -15.883 1.00 34.13  ? 334 HOH A O   1 
HETATM 997  O O   . HOH C 3 .   ? -4.521  -13.130 -3.491  1.00 33.80  ? 335 HOH A O   1 
HETATM 998  O O   . HOH C 3 .   ? 5.067   -13.473 -7.792  1.00 34.25  ? 336 HOH A O   1 
HETATM 999  O O   . HOH C 3 .   ? 7.971   9.366   -4.189  1.00 33.37  ? 337 HOH A O   1 
HETATM 1000 O O   . HOH C 3 .   ? 0.799   15.107  4.758   1.00 33.69  ? 338 HOH A O   1 
HETATM 1001 O O   . HOH C 3 .   ? -3.997  18.722  1.693   1.00 25.78  ? 339 HOH A O   1 
HETATM 1002 O O   . HOH C 3 .   ? 8.309   10.328  7.515   1.00 30.91  ? 340 HOH A O   1 
HETATM 1003 O O   . HOH C 3 .   ? 10.930  3.760   14.632  1.00 35.47  ? 341 HOH A O   1 
HETATM 1004 O O   . HOH C 3 .   ? 2.404   -16.723 -5.415  1.00 31.17  ? 342 HOH A O   1 
HETATM 1005 O O   . HOH C 3 .   ? -5.193  1.529   10.343  1.00 30.38  ? 343 HOH A O   1 
HETATM 1006 O O   . HOH C 3 .   ? 7.868   15.885  11.949  1.00 39.59  ? 344 HOH A O   1 
HETATM 1007 O O   . HOH C 3 .   ? 11.740  1.940   -9.739  1.00 30.59  ? 345 HOH A O   1 
HETATM 1008 O O   . HOH C 3 .   ? -3.064  -9.445  6.927   1.00 31.02  ? 346 HOH A O   1 
HETATM 1009 O O   . HOH C 3 .   ? 6.768   18.387  9.318   1.00 38.03  ? 347 HOH A O   1 
HETATM 1010 O O   . HOH C 3 .   ? -11.796 -2.216  -5.983  1.00 27.70  ? 348 HOH A O   1 
HETATM 1011 O O   . HOH C 3 .   ? -4.657  -8.297  11.182  1.00 37.89  ? 349 HOH A O   1 
HETATM 1012 O O   . HOH C 3 .   ? -3.054  2.305   -16.394 1.00 32.27  ? 350 HOH A O   1 
HETATM 1013 O O   . HOH C 3 .   ? 9.577   -7.978  9.812   1.00 29.73  ? 351 HOH A O   1 
HETATM 1014 O O   . HOH C 3 .   ? 8.344   6.019   16.321  1.00 25.79  ? 352 HOH A O   1 
HETATM 1015 O O   . HOH C 3 .   ? -2.644  8.397   -9.059  1.00 30.45  ? 353 HOH A O   1 
HETATM 1016 O O   . HOH C 3 .   ? -3.545  -3.688  15.258  1.00 37.27  ? 354 HOH A O   1 
HETATM 1017 O O   . HOH C 3 .   ? 4.861   -1.864  11.770  1.00 35.14  ? 355 HOH A O   1 
HETATM 1018 O O   . HOH C 3 .   ? -0.073  -6.954  -14.501 1.00 35.23  ? 356 HOH A O   1 
HETATM 1019 O O   . HOH C 3 .   ? -8.035  2.008   -11.038 1.00 30.25  ? 357 HOH A O   1 
HETATM 1020 O O   . HOH C 3 .   ? 10.781  6.172   16.326  0.50 31.99  ? 358 HOH A O   1 
HETATM 1021 O O   . HOH C 3 .   ? -9.503  -1.148  -12.474 1.00 33.04  ? 359 HOH A O   1 
# 
loop_
_atom_site_anisotrop.id 
_atom_site_anisotrop.type_symbol 
_atom_site_anisotrop.pdbx_label_atom_id 
_atom_site_anisotrop.pdbx_label_alt_id 
_atom_site_anisotrop.pdbx_label_comp_id 
_atom_site_anisotrop.pdbx_label_asym_id 
_atom_site_anisotrop.pdbx_label_seq_id 
_atom_site_anisotrop.pdbx_PDB_ins_code 
_atom_site_anisotrop.U[1][1] 
_atom_site_anisotrop.U[2][2] 
_atom_site_anisotrop.U[3][3] 
_atom_site_anisotrop.U[1][2] 
_atom_site_anisotrop.U[1][3] 
_atom_site_anisotrop.U[2][3] 
_atom_site_anisotrop.pdbx_auth_seq_id 
_atom_site_anisotrop.pdbx_auth_comp_id 
_atom_site_anisotrop.pdbx_auth_asym_id 
_atom_site_anisotrop.pdbx_auth_atom_id 
1   N N   . GLY A 3   ? 0.3587 0.3443 0.3055 -0.0207 -0.0286 -0.0250 3   GLY A N   
2   C CA  . GLY A 3   ? 0.3365 0.3238 0.2889 -0.0185 -0.0268 -0.0219 3   GLY A CA  
3   C C   . GLY A 3   ? 0.3186 0.3071 0.2787 -0.0193 -0.0256 -0.0222 3   GLY A C   
4   O O   . GLY A 3   ? 0.3160 0.3051 0.2784 -0.0216 -0.0268 -0.0242 3   GLY A O   
5   N N   . THR A 4   ? 0.2869 0.2759 0.2510 -0.0175 -0.0232 -0.0202 4   THR A N   
6   C CA  . THR A 4   ? 0.2754 0.2652 0.2460 -0.0177 -0.0216 -0.0201 4   THR A CA  
7   C C   . THR A 4   ? 0.2469 0.2407 0.2227 -0.0161 -0.0220 -0.0176 4   THR A C   
8   O O   . THR A 4   ? 0.2238 0.2181 0.1981 -0.0144 -0.0223 -0.0158 4   THR A O   
9   C CB  . THR A 4   ? 0.2777 0.2636 0.2475 -0.0168 -0.0179 -0.0206 4   THR A CB  
10  O OG1 . THR A 4   ? 0.3263 0.3079 0.2908 -0.0178 -0.0171 -0.0230 4   THR A OG1 
11  C CG2 . THR A 4   ? 0.3043 0.2908 0.2800 -0.0168 -0.0164 -0.0202 4   THR A CG2 
12  N N   . SER A 5   ? 0.2269 0.2232 0.2087 -0.0166 -0.0218 -0.0175 5   SER A N   
13  C CA  . SER A 5   ? 0.2273 0.2267 0.2139 -0.0148 -0.0214 -0.0156 5   SER A CA  
14  C C   . SER A 5   ? 0.2037 0.2022 0.1936 -0.0148 -0.0188 -0.0155 5   SER A C   
15  O O   . SER A 5   ? 0.1957 0.1922 0.1855 -0.0163 -0.0179 -0.0168 5   SER A O   
16  C CB  . SER A 5   ? 0.2405 0.2454 0.2314 -0.0152 -0.0242 -0.0150 5   SER A CB  
17  O OG  . SER A 5   ? 0.2868 0.2946 0.2826 -0.0134 -0.0235 -0.0135 5   SER A OG  
18  N N   . VAL A 6   ? 0.1735 0.1734 0.1660 -0.0128 -0.0176 -0.0142 6   VAL A N   
19  C CA  . VAL A 6   ? 0.1723 0.1717 0.1674 -0.0123 -0.0154 -0.0140 6   VAL A CA  
20  C C   . VAL A 6   ? 0.1569 0.1605 0.1568 -0.0114 -0.0156 -0.0129 6   VAL A C   
21  O O   . VAL A 6   ? 0.1604 0.1661 0.1615 -0.0099 -0.0166 -0.0121 6   VAL A O   
22  C CB  . VAL A 6   ? 0.1577 0.1546 0.1509 -0.0106 -0.0135 -0.0138 6   VAL A CB  
23  C CG1 . VAL A 6   ? 0.1683 0.1655 0.1642 -0.0098 -0.0117 -0.0136 6   VAL A CG1 
24  C CG2 . VAL A 6   ? 0.1871 0.1803 0.1758 -0.0111 -0.0127 -0.0150 6   VAL A CG2 
25  N N   . THR A 7   ? 0.1544 0.1588 0.1569 -0.0122 -0.0146 -0.0130 7   THR A N   
26  C CA  . THR A 7   ? 0.1587 0.1670 0.1655 -0.0113 -0.0141 -0.0121 7   THR A CA  
27  C C   . THR A 7   ? 0.1513 0.1582 0.1580 -0.0101 -0.0118 -0.0117 7   THR A C   
28  O O   . THR A 7   ? 0.1668 0.1702 0.1713 -0.0105 -0.0106 -0.0119 7   THR A O   
29  C CB  . THR A 7   ? 0.1628 0.1746 0.1734 -0.0132 -0.0146 -0.0121 7   THR A CB  
30  O OG1 . THR A 7   ? 0.1852 0.1937 0.1945 -0.0155 -0.0136 -0.0126 7   THR A OG1 
31  C CG2 . THR A 7   ? 0.1957 0.2104 0.2072 -0.0140 -0.0174 -0.0124 7   THR A CG2 
32  N N   . LEU A 8   ? 0.1426 0.1522 0.1515 -0.0084 -0.0114 -0.0111 8   LEU A N   
33  C CA  . LEU A 8   ? 0.1366 0.1457 0.1452 -0.0070 -0.0096 -0.0108 8   LEU A CA  
34  C C   . LEU A 8   ? 0.1375 0.1503 0.1494 -0.0072 -0.0087 -0.0102 8   LEU A C   
35  O O   . LEU A 8   ? 0.1672 0.1837 0.1820 -0.0065 -0.0095 -0.0102 8   LEU A O   
36  C CB  . LEU A 8   ? 0.1379 0.1473 0.1463 -0.0049 -0.0096 -0.0111 8   LEU A CB  
37  C CG  . LEU A 8   ? 0.1628 0.1692 0.1687 -0.0048 -0.0102 -0.0116 8   LEU A CG  
38  C CD1 . LEU A 8   ? 0.1935 0.2000 0.1997 -0.0032 -0.0101 -0.0119 8   LEU A CD1 
39  C CD2 . LEU A 8   ? 0.2122 0.2158 0.2157 -0.0054 -0.0094 -0.0119 8   LEU A CD2 
40  N N   . GLN A 9   ? 0.1326 0.1445 0.1441 -0.0078 -0.0071 -0.0095 9   GLN A N   
41  C CA  . GLN A 9   ? 0.1378 0.1532 0.1521 -0.0082 -0.0057 -0.0087 9   GLN A CA  
42  C C   . GLN A 9   ? 0.1592 0.1741 0.1716 -0.0064 -0.0038 -0.0081 9   GLN A C   
43  O O   . GLN A 9   ? 0.1439 0.1551 0.1531 -0.0062 -0.0031 -0.0077 9   GLN A O   
44  C CB  . GLN A 9   ? 0.1438 0.1588 0.1595 -0.0111 -0.0051 -0.0083 9   GLN A CB  
45  C CG  . GLN A 9   ? 0.1632 0.1822 0.1823 -0.0119 -0.0032 -0.0073 9   GLN A CG  
46  C CD  . GLN A 9   ? 0.2078 0.2276 0.2298 -0.0154 -0.0030 -0.0070 9   GLN A CD  
47  O OE1 . GLN A 9   ? 0.2564 0.2714 0.2761 -0.0172 -0.0029 -0.0071 9   GLN A OE1 
48  N NE2 . GLN A 9   ? 0.2455 0.2714 0.2727 -0.0163 -0.0028 -0.0070 9   GLN A NE2 
49  N N   . LEU A 10  ? 0.1797 0.1982 0.1936 -0.0048 -0.0030 -0.0082 10  LEU A N   
50  C CA  . LEU A 10  ? 0.2158 0.2341 0.2273 -0.0031 -0.0014 -0.0078 10  LEU A CA  
51  C C   . LEU A 10  ? 0.2364 0.2543 0.2474 -0.0045 0.0008  -0.0061 10  LEU A C   
52  O O   . LEU A 10  ? 0.2461 0.2665 0.2605 -0.0065 0.0016  -0.0055 10  LEU A O   
53  C CB  . LEU A 10  ? 0.2222 0.2442 0.2352 -0.0011 -0.0008 -0.0086 10  LEU A CB  
54  C CG  . LEU A 10  ? 0.2583 0.2794 0.2700 0.0010  -0.0021 -0.0102 10  LEU A CG  
55  C CD1 . LEU A 10  ? 0.2593 0.2837 0.2731 0.0028  -0.0013 -0.0111 10  LEU A CD1 
56  C CD2 . LEU A 10  ? 0.2546 0.2733 0.2620 0.0021  -0.0019 -0.0104 10  LEU A CD2 
57  N N   . ASP A 11  ? 0.2673 0.2822 0.2742 -0.0036 0.0017  -0.0051 11  ASP A N   
58  C CA  . ASP A 11  ? 0.2963 0.3094 0.3017 -0.0048 0.0040  -0.0032 11  ASP A CA  
59  C C   . ASP A 11  ? 0.3147 0.3301 0.3181 -0.0031 0.0061  -0.0022 11  ASP A C   
60  O O   . ASP A 11  ? 0.3308 0.3435 0.3298 -0.0022 0.0074  -0.0005 11  ASP A O   
61  C CB  . ASP A 11  ? 0.3105 0.3179 0.3122 -0.0047 0.0036  -0.0023 11  ASP A CB  
62  C CG  . ASP A 11  ? 0.3436 0.3478 0.3442 -0.0066 0.0058  0.0000  11  ASP A CG  
63  O OD1 . ASP A 11  ? 0.4027 0.4092 0.4064 -0.0089 0.0074  0.0006  11  ASP A OD1 
64  O OD2 . ASP A 11  ? 0.4007 0.3999 0.3975 -0.0057 0.0060  0.0012  11  ASP A OD2 
65  N N   . ASP A 12  ? 0.3257 0.3458 0.3317 -0.0024 0.0065  -0.0033 12  ASP A N   
66  C CA  . ASP A 12  ? 0.3382 0.3610 0.3423 -0.0007 0.0088  -0.0029 12  ASP A CA  
67  C C   . ASP A 12  ? 0.3453 0.3720 0.3530 -0.0024 0.0118  -0.0015 12  ASP A C   
68  O O   . ASP A 12  ? 0.3571 0.3862 0.3630 -0.0011 0.0142  -0.0012 12  ASP A O   
69  C CB  . ASP A 12  ? 0.3414 0.3667 0.3460 0.0018  0.0076  -0.0053 12  ASP A CB  
70  C CG  . ASP A 12  ? 0.3499 0.3792 0.3603 0.0015  0.0071  -0.0066 12  ASP A CG  
71  O OD1 . ASP A 12  ? 0.3353 0.3652 0.3497 -0.0008 0.0065  -0.0060 12  ASP A OD1 
72  O OD2 . ASP A 12  ? 0.3929 0.4244 0.4038 0.0037  0.0070  -0.0082 12  ASP A OD2 
73  N N   . GLY A 13  ? 0.3371 0.3644 0.3493 -0.0055 0.0117  -0.0010 13  GLY A N   
74  C CA  . GLY A 13  ? 0.3364 0.3683 0.3532 -0.0077 0.0144  0.0000  13  GLY A CA  
75  C C   . GLY A 13  ? 0.3251 0.3629 0.3490 -0.0079 0.0132  -0.0017 13  GLY A C   
76  O O   . GLY A 13  ? 0.3355 0.3775 0.3650 -0.0104 0.0144  -0.0012 13  GLY A O   
77  N N   . SER A 14  ? 0.3113 0.3495 0.3351 -0.0054 0.0106  -0.0036 14  SER A N   
78  C CA  . SER A 14  ? 0.3006 0.3439 0.3303 -0.0047 0.0091  -0.0051 14  SER A CA  
79  C C   . SER A 14  ? 0.2846 0.3275 0.3175 -0.0072 0.0063  -0.0054 14  SER A C   
80  O O   . SER A 14  ? 0.2867 0.3346 0.3254 -0.0074 0.0051  -0.0061 14  SER A O   
81  C CB  . SER A 14  ? 0.3052 0.3476 0.3329 -0.0011 0.0075  -0.0069 14  SER A CB  
82  O OG  . SER A 14  ? 0.3047 0.3419 0.3292 -0.0011 0.0047  -0.0075 14  SER A OG  
83  N N   . GLY A 15  ? 0.2657 0.3026 0.2946 -0.0087 0.0051  -0.0050 15  GLY A N   
84  C CA  . GLY A 15  ? 0.2412 0.2766 0.2714 -0.0106 0.0023  -0.0056 15  GLY A CA  
85  C C   . GLY A 15  ? 0.2168 0.2525 0.2474 -0.0087 -0.0008 -0.0071 15  GLY A C   
86  O O   . GLY A 15  ? 0.2046 0.2397 0.2361 -0.0102 -0.0031 -0.0076 15  GLY A O   
87  N N   . ARG A 16  ? 0.1805 0.2167 0.2098 -0.0055 -0.0008 -0.0077 16  ARG A N   
88  C CA  . ARG A 16  ? 0.1714 0.2077 0.2015 -0.0036 -0.0033 -0.0087 16  ARG A CA  
89  C C   . ARG A 16  ? 0.1619 0.1929 0.1882 -0.0044 -0.0054 -0.0090 16  ARG A C   
90  O O   . ARG A 16  ? 0.1589 0.1856 0.1810 -0.0046 -0.0049 -0.0089 16  ARG A O   
91  C CB  . ARG A 16  ? 0.1652 0.2014 0.1939 -0.0003 -0.0024 -0.0094 16  ARG A CB  
92  C CG  . ARG A 16  ? 0.1739 0.2102 0.2040 0.0018  -0.0045 -0.0103 16  ARG A CG  
93  C CD  . ARG A 16  ? 0.1869 0.2245 0.2175 0.0050  -0.0032 -0.0113 16  ARG A CD  
94  N NE  . ARG A 16  ? 0.1981 0.2320 0.2238 0.0058  -0.0021 -0.0121 16  ARG A NE  
95  C CZ  . ARG A 16  ? 0.1680 0.1977 0.1907 0.0070  -0.0031 -0.0131 16  ARG A CZ  
96  N NH1 . ARG A 16  ? 0.1825 0.2104 0.2060 0.0075  -0.0051 -0.0133 16  ARG A NH1 
97  N NH2 . ARG A 16  ? 0.1764 0.2038 0.1952 0.0075  -0.0022 -0.0141 16  ARG A NH2 
98  N N   . THR A 17  ? 0.1463 0.1783 0.1743 -0.0046 -0.0079 -0.0093 17  THR A N   
99  C CA  . THR A 17  ? 0.1538 0.1817 0.1786 -0.0058 -0.0098 -0.0096 17  THR A CA  
100 C C   . THR A 17  ? 0.1471 0.1739 0.1708 -0.0039 -0.0118 -0.0098 17  THR A C   
101 O O   . THR A 17  ? 0.1609 0.1909 0.1876 -0.0022 -0.0125 -0.0097 17  THR A O   
102 C CB  . THR A 17  ? 0.1584 0.1881 0.1853 -0.0089 -0.0111 -0.0095 17  THR A CB  
103 O OG1 . THR A 17  ? 0.1921 0.2212 0.2193 -0.0111 -0.0089 -0.0091 17  THR A OG1 
104 C CG2 . THR A 17  ? 0.1939 0.2198 0.2173 -0.0100 -0.0132 -0.0101 17  THR A CG2 
105 N N   . TYR A 18  ? 0.1410 0.1629 0.1604 -0.0042 -0.0124 -0.0100 18  TYR A N   
106 C CA  . TYR A 18  ? 0.1384 0.1581 0.1559 -0.0029 -0.0139 -0.0100 18  TYR A CA  
107 C C   . TYR A 18  ? 0.1456 0.1624 0.1598 -0.0047 -0.0152 -0.0101 18  TYR A C   
108 O O   . TYR A 18  ? 0.1492 0.1633 0.1610 -0.0061 -0.0141 -0.0105 18  TYR A O   
109 C CB  . TYR A 18  ? 0.1396 0.1564 0.1552 -0.0013 -0.0127 -0.0104 18  TYR A CB  
110 C CG  . TYR A 18  ? 0.1496 0.1631 0.1628 -0.0003 -0.0137 -0.0102 18  TYR A CG  
111 C CD1 . TYR A 18  ? 0.1856 0.2000 0.2005 0.0015  -0.0148 -0.0097 18  TYR A CD1 
112 C CD2 . TYR A 18  ? 0.1569 0.1666 0.1666 -0.0013 -0.0135 -0.0104 18  TYR A CD2 
113 C CE1 . TYR A 18  ? 0.2007 0.2115 0.2130 0.0022  -0.0156 -0.0090 18  TYR A CE1 
114 C CE2 . TYR A 18  ? 0.1566 0.1633 0.1641 -0.0009 -0.0141 -0.0099 18  TYR A CE2 
115 C CZ  . TYR A 18  ? 0.1604 0.1673 0.1689 0.0008  -0.0151 -0.0091 18  TYR A CZ  
116 O OH  . TYR A 18  ? 0.1893 0.1924 0.1954 0.0013  -0.0154 -0.0082 18  TYR A OH  
117 N N   . GLN A 19  ? 0.1570 0.1742 0.1706 -0.0045 -0.0173 -0.0097 19  GLN A N   
118 C CA  . GLN A 19  ? 0.1606 0.1751 0.1703 -0.0059 -0.0185 -0.0099 19  GLN A CA  
119 C C   . GLN A 19  ? 0.1593 0.1696 0.1649 -0.0047 -0.0183 -0.0094 19  GLN A C   
120 O O   . GLN A 19  ? 0.1578 0.1682 0.1641 -0.0028 -0.0189 -0.0085 19  GLN A O   
121 C CB  . GLN A 19  ? 0.1766 0.1945 0.1874 -0.0067 -0.0213 -0.0097 19  GLN A CB  
122 C CG  . GLN A 19  ? 0.2072 0.2223 0.2132 -0.0084 -0.0226 -0.0104 19  GLN A CG  
123 C CD  . GLN A 19  ? 0.2710 0.2901 0.2786 -0.0100 -0.0255 -0.0108 19  GLN A CD  
124 O OE1 . GLN A 19  ? 0.3519 0.3714 0.3571 -0.0093 -0.0280 -0.0104 19  GLN A OE1 
125 N NE2 . GLN A 19  ? 0.3095 0.3312 0.3209 -0.0121 -0.0251 -0.0118 19  GLN A NE2 
126 N N   . LEU A 20  ? 0.1468 0.1534 0.1487 -0.0058 -0.0172 -0.0100 20  LEU A N   
127 C CA  . LEU A 20  ? 0.1528 0.1558 0.1515 -0.0051 -0.0165 -0.0096 20  LEU A CA  
128 C C   . LEU A 20  ? 0.1597 0.1619 0.1557 -0.0045 -0.0183 -0.0084 20  LEU A C   
129 O O   . LEU A 20  ? 0.1726 0.1760 0.1671 -0.0055 -0.0202 -0.0085 20  LEU A O   
130 C CB  . LEU A 20  ? 0.1547 0.1547 0.1504 -0.0062 -0.0149 -0.0105 20  LEU A CB  
131 C CG  . LEU A 20  ? 0.1463 0.1463 0.1435 -0.0064 -0.0130 -0.0114 20  LEU A CG  
132 C CD1 . LEU A 20  ? 0.1592 0.1564 0.1535 -0.0070 -0.0116 -0.0121 20  LEU A CD1 
133 C CD2 . LEU A 20  ? 0.1473 0.1484 0.1473 -0.0049 -0.0123 -0.0113 20  LEU A CD2 
134 N N   . ARG A 21  ? 0.1715 0.1716 0.1667 -0.0031 -0.0178 -0.0073 21  ARG A N   
135 C CA  . ARG A 21  ? 0.1905 0.1883 0.1819 -0.0024 -0.0191 -0.0057 21  ARG A CA  
136 C C   . ARG A 21  ? 0.1940 0.1875 0.1808 -0.0034 -0.0172 -0.0056 21  ARG A C   
137 O O   . ARG A 21  ? 0.1728 0.1653 0.1607 -0.0041 -0.0149 -0.0066 21  ARG A O   
138 C CB  . ARG A 21  ? 0.1941 0.1915 0.1875 -0.0001 -0.0196 -0.0043 21  ARG A CB  
139 C CG  . ARG A 21  ? 0.2577 0.2599 0.2566 0.0014  -0.0210 -0.0045 21  ARG A CG  
140 C CD  . ARG A 21  ? 0.3457 0.3468 0.3465 0.0042  -0.0211 -0.0033 21  ARG A CD  
141 N NE  . ARG A 21  ? 0.3945 0.3979 0.4002 0.0051  -0.0197 -0.0046 21  ARG A NE  
142 C CZ  . ARG A 21  ? 0.4352 0.4367 0.4425 0.0072  -0.0190 -0.0045 21  ARG A CZ  
143 N NH1 . ARG A 21  ? 0.4576 0.4544 0.4623 0.0087  -0.0194 -0.0028 21  ARG A NH1 
144 N NH2 . ARG A 21  ? 0.4507 0.4543 0.4615 0.0079  -0.0177 -0.0059 21  ARG A NH2 
145 N N   . GLU A 22  ? 0.1965 0.1878 0.1783 -0.0035 -0.0180 -0.0043 22  GLU A N   
146 C CA  . GLU A 22  ? 0.2084 0.1957 0.1857 -0.0043 -0.0158 -0.0039 22  GLU A CA  
147 C C   . GLU A 22  ? 0.2044 0.1893 0.1838 -0.0038 -0.0138 -0.0031 22  GLU A C   
148 O O   . GLU A 22  ? 0.2270 0.2113 0.2083 -0.0022 -0.0147 -0.0019 22  GLU A O   
149 C CB  . GLU A 22  ? 0.2263 0.2114 0.1971 -0.0041 -0.0172 -0.0021 22  GLU A CB  
150 C CG  . GLU A 22  ? 0.2782 0.2593 0.2437 -0.0050 -0.0146 -0.0014 22  GLU A CG  
151 C CD  . GLU A 22  ? 0.3200 0.2990 0.2781 -0.0048 -0.0161 0.0003  22  GLU A CD  
152 O OE1 . GLU A 22  ? 0.3739 0.3555 0.3306 -0.0044 -0.0192 -0.0002 22  GLU A OE1 
153 O OE2 . GLU A 22  ? 0.3395 0.3144 0.2930 -0.0050 -0.0139 0.0021  22  GLU A OE2 
154 N N   . GLY A 23  ? 0.1905 0.1740 0.1699 -0.0052 -0.0110 -0.0041 23  GLY A N   
155 C CA  . GLY A 23  ? 0.1858 0.1673 0.1674 -0.0053 -0.0090 -0.0038 23  GLY A CA  
156 C C   . GLY A 23  ? 0.1785 0.1629 0.1655 -0.0054 -0.0085 -0.0060 23  GLY A C   
157 O O   . GLY A 23  ? 0.1850 0.1722 0.1734 -0.0058 -0.0084 -0.0076 23  GLY A O   
158 N N   . SER A 24  ? 0.1948 0.1780 0.1847 -0.0050 -0.0079 -0.0061 24  SER A N   
159 C CA  . SER A 24  ? 0.2044 0.1901 0.1987 -0.0050 -0.0074 -0.0081 24  SER A CA  
160 C C   . SER A 24  ? 0.1869 0.1752 0.1838 -0.0032 -0.0093 -0.0085 24  SER A C   
161 O O   . SER A 24  ? 0.2182 0.2054 0.2150 -0.0018 -0.0105 -0.0073 24  SER A O   
162 C CB  . SER A 24  ? 0.2242 0.2071 0.2201 -0.0057 -0.0060 -0.0084 24  SER A CB  
163 O OG  . SER A 24  ? 0.2829 0.2681 0.2827 -0.0052 -0.0061 -0.0105 24  SER A OG  
164 N N   . ASN A 25  ? 0.1592 0.1508 0.1582 -0.0033 -0.0093 -0.0100 25  ASN A N   
165 C CA  . ASN A 25  ? 0.1546 0.1491 0.1562 -0.0019 -0.0104 -0.0105 25  ASN A CA  
166 C C   . ASN A 25  ? 0.1474 0.1434 0.1513 -0.0017 -0.0096 -0.0123 25  ASN A C   
167 O O   . ASN A 25  ? 0.1471 0.1446 0.1512 -0.0024 -0.0090 -0.0132 25  ASN A O   
168 C CB  . ASN A 25  ? 0.1494 0.1465 0.1505 -0.0023 -0.0113 -0.0104 25  ASN A CB  
169 C CG  . ASN A 25  ? 0.1479 0.1442 0.1463 -0.0026 -0.0125 -0.0091 25  ASN A CG  
170 O OD1 . ASN A 25  ? 0.1471 0.1451 0.1465 -0.0017 -0.0141 -0.0083 25  ASN A OD1 
171 N ND2 . ASN A 25  ? 0.1500 0.1441 0.1450 -0.0038 -0.0118 -0.0089 25  ASN A ND2 
172 N N   . ILE A 26  ? 0.1478 0.1431 0.1535 -0.0006 -0.0096 -0.0129 26  ILE A N   
173 C CA  . ILE A 26  ? 0.1506 0.1472 0.1580 -0.0005 -0.0090 -0.0149 26  ILE A CA  
174 C C   . ILE A 26  ? 0.1452 0.1451 0.1537 0.0009  -0.0093 -0.0155 26  ILE A C   
175 O O   . ILE A 26  ? 0.1402 0.1409 0.1495 0.0022  -0.0097 -0.0147 26  ILE A O   
176 C CB  . ILE A 26  ? 0.1746 0.1680 0.1827 -0.0001 -0.0086 -0.0158 26  ILE A CB  
177 C CG1 . ILE A 26  ? 0.2156 0.2051 0.2226 -0.0019 -0.0078 -0.0150 26  ILE A CG1 
178 C CG2 . ILE A 26  ? 0.1946 0.1895 0.2042 0.0001  -0.0083 -0.0184 26  ILE A CG2 
179 C CD1 . ILE A 26  ? 0.2617 0.2525 0.2691 -0.0038 -0.0069 -0.0160 26  ILE A CD1 
180 N N   . ILE A 27  ? 0.1334 0.1356 0.1419 0.0007  -0.0090 -0.0165 27  ILE A N   
181 C CA  . ILE A 27  ? 0.1377 0.1425 0.1465 0.0018  -0.0088 -0.0170 27  ILE A CA  
182 C C   . ILE A 27  ? 0.1340 0.1392 0.1430 0.0025  -0.0087 -0.0190 27  ILE A C   
183 O O   . ILE A 27  ? 0.1358 0.1407 0.1448 0.0016  -0.0087 -0.0202 27  ILE A O   
184 C CB  . ILE A 27  ? 0.1424 0.1492 0.1503 0.0013  -0.0087 -0.0163 27  ILE A CB  
185 C CG1 . ILE A 27  ? 0.1711 0.1773 0.1785 0.0003  -0.0090 -0.0147 27  ILE A CG1 
186 C CG2 . ILE A 27  ? 0.1661 0.1754 0.1740 0.0024  -0.0082 -0.0164 27  ILE A CG2 
187 C CD1 . ILE A 27  ? 0.2535 0.2601 0.2599 -0.0002 -0.0086 -0.0143 27  ILE A CD1 
188 N N   . GLY A 28  ? 0.1244 0.1305 0.1337 0.0040  -0.0084 -0.0198 28  GLY A N   
189 C CA  . GLY A 28  ? 0.1329 0.1392 0.1417 0.0047  -0.0082 -0.0222 28  GLY A CA  
190 C C   . GLY A 28  ? 0.1381 0.1454 0.1468 0.0067  -0.0076 -0.0228 28  GLY A C   
191 O O   . GLY A 28  ? 0.1412 0.1500 0.1511 0.0074  -0.0071 -0.0213 28  GLY A O   
192 N N   . ARG A 29  ? 0.1456 0.1526 0.1534 0.0074  -0.0074 -0.0253 29  ARG A N   
193 C CA  . ARG A 29  ? 0.1558 0.1637 0.1630 0.0095  -0.0065 -0.0265 29  ARG A CA  
194 C C   . ARG A 29  ? 0.1677 0.1721 0.1767 0.0105  -0.0062 -0.0274 29  ARG A C   
195 O O   . ARG A 29  ? 0.1770 0.1821 0.1863 0.0127  -0.0052 -0.0279 29  ARG A O   
196 C CB  . ARG A 29  ? 0.1733 0.1822 0.1778 0.0099  -0.0066 -0.0291 29  ARG A CB  
197 C CG  . ARG A 29  ? 0.2163 0.2263 0.2194 0.0121  -0.0053 -0.0309 29  ARG A CG  
198 C CD  . ARG A 29  ? 0.2697 0.2816 0.2688 0.0127  -0.0055 -0.0327 29  ARG A CD  
199 N NE  . ARG A 29  ? 0.3171 0.3283 0.3157 0.0110  -0.0074 -0.0343 29  ARG A NE  
200 C CZ  . ARG A 29  ? 0.3403 0.3489 0.3391 0.0102  -0.0084 -0.0374 29  ARG A CZ  
201 N NH1 . ARG A 29  ? 0.3776 0.3832 0.3764 0.0113  -0.0075 -0.0397 29  ARG A NH1 
202 N NH2 . ARG A 29  ? 0.3360 0.3451 0.3350 0.0085  -0.0101 -0.0386 29  ARG A NH2 
203 N N   . GLY A 30  ? 0.1705 0.1710 0.1802 0.0092  -0.0069 -0.0274 30  GLY A N   
204 C CA  . GLY A 30  ? 0.1891 0.1849 0.1997 0.0102  -0.0067 -0.0282 30  GLY A CA  
205 C C   . GLY A 30  ? 0.1944 0.1899 0.2069 0.0116  -0.0067 -0.0256 30  GLY A C   
206 O O   . GLY A 30  ? 0.1789 0.1770 0.1920 0.0109  -0.0071 -0.0231 30  GLY A O   
207 N N   . GLN A 31  ? 0.2080 0.1997 0.2214 0.0136  -0.0062 -0.0261 31  GLN A N   
208 C CA  . GLN A 31  ? 0.2304 0.2223 0.2458 0.0156  -0.0066 -0.0235 31  GLN A CA  
209 C C   . GLN A 31  ? 0.2386 0.2276 0.2537 0.0141  -0.0077 -0.0209 31  GLN A C   
210 O O   . GLN A 31  ? 0.2499 0.2402 0.2661 0.0154  -0.0084 -0.0184 31  GLN A O   
211 C CB  . GLN A 31  ? 0.2538 0.2429 0.2703 0.0189  -0.0057 -0.0248 31  GLN A CB  
212 C CG  . GLN A 31  ? 0.2741 0.2553 0.2897 0.0189  -0.0056 -0.0259 31  GLN A CG  
213 C CD  . GLN A 31  ? 0.2719 0.2498 0.2883 0.0227  -0.0047 -0.0273 31  GLN A CD  
214 O OE1 . GLN A 31  ? 0.2661 0.2475 0.2832 0.0248  -0.0036 -0.0293 31  GLN A OE1 
215 N NE2 . GLN A 31  ? 0.2600 0.2313 0.2765 0.0237  -0.0049 -0.0260 31  GLN A NE2 
216 N N   . ASP A 32  ? 0.2401 0.2255 0.2533 0.0115  -0.0077 -0.0213 32  ASP A N   
217 C CA  . ASP A 32  ? 0.2465 0.2294 0.2589 0.0099  -0.0083 -0.0187 32  ASP A CA  
218 C C   . ASP A 32  ? 0.2274 0.2150 0.2393 0.0082  -0.0089 -0.0172 32  ASP A C   
219 O O   . ASP A 32  ? 0.2559 0.2423 0.2665 0.0072  -0.0095 -0.0150 32  ASP A O   
220 C CB  . ASP A 32  ? 0.2696 0.2464 0.2808 0.0076  -0.0077 -0.0194 32  ASP A CB  
221 C CG  . ASP A 32  ? 0.3050 0.2832 0.3163 0.0054  -0.0072 -0.0224 32  ASP A CG  
222 O OD1 . ASP A 32  ? 0.3439 0.3269 0.3555 0.0058  -0.0074 -0.0240 32  ASP A OD1 
223 O OD2 . ASP A 32  ? 0.3659 0.3401 0.3772 0.0030  -0.0067 -0.0232 32  ASP A OD2 
224 N N   . ALA A 33  ? 0.2030 0.1957 0.2155 0.0081  -0.0088 -0.0183 33  ALA A N   
225 C CA  . ALA A 33  ? 0.1722 0.1685 0.1842 0.0066  -0.0092 -0.0171 33  ALA A CA  
226 C C   . ALA A 33  ? 0.1748 0.1732 0.1875 0.0074  -0.0101 -0.0149 33  ALA A C   
227 O O   . ALA A 33  ? 0.1881 0.1880 0.2027 0.0096  -0.0103 -0.0146 33  ALA A O   
228 C CB  . ALA A 33  ? 0.1743 0.1748 0.1862 0.0065  -0.0087 -0.0185 33  ALA A CB  
229 N N   . GLN A 34  ? 0.1583 0.1571 0.1697 0.0057  -0.0107 -0.0135 34  GLN A N   
230 C CA  . GLN A 34  ? 0.1643 0.1656 0.1762 0.0059  -0.0120 -0.0117 34  GLN A CA  
231 C C   . GLN A 34  ? 0.1562 0.1626 0.1700 0.0059  -0.0117 -0.0121 34  GLN A C   
232 O O   . GLN A 34  ? 0.1735 0.1832 0.1896 0.0067  -0.0125 -0.0112 34  GLN A O   
233 C CB  . GLN A 34  ? 0.1740 0.1738 0.1830 0.0040  -0.0125 -0.0104 34  GLN A CB  
234 C CG  . GLN A 34  ? 0.2097 0.2051 0.2167 0.0044  -0.0132 -0.0089 34  GLN A CG  
235 C CD  . GLN A 34  ? 0.2527 0.2435 0.2587 0.0039  -0.0118 -0.0095 34  GLN A CD  
236 O OE1 . GLN A 34  ? 0.2538 0.2444 0.2595 0.0022  -0.0107 -0.0108 34  GLN A OE1 
237 N NE2 . GLN A 34  ? 0.2767 0.2635 0.2823 0.0054  -0.0120 -0.0085 34  GLN A NE2 
238 N N   . PHE A 35  ? 0.1403 0.1475 0.1533 0.0049  -0.0106 -0.0133 35  PHE A N   
239 C CA  . PHE A 35  ? 0.1374 0.1486 0.1516 0.0047  -0.0099 -0.0134 35  PHE A CA  
240 C C   . PHE A 35  ? 0.1263 0.1375 0.1402 0.0058  -0.0087 -0.0152 35  PHE A C   
241 O O   . PHE A 35  ? 0.1349 0.1444 0.1468 0.0050  -0.0084 -0.0161 35  PHE A O   
242 C CB  . PHE A 35  ? 0.1403 0.1516 0.1531 0.0027  -0.0099 -0.0129 35  PHE A CB  
243 C CG  . PHE A 35  ? 0.1494 0.1639 0.1633 0.0021  -0.0092 -0.0125 35  PHE A CG  
244 C CD1 . PHE A 35  ? 0.1716 0.1900 0.1886 0.0029  -0.0089 -0.0121 35  PHE A CD1 
245 C CD2 . PHE A 35  ? 0.1534 0.1673 0.1656 0.0007  -0.0087 -0.0123 35  PHE A CD2 
246 C CE1 . PHE A 35  ? 0.1845 0.2058 0.2028 0.0019  -0.0079 -0.0116 35  PHE A CE1 
247 C CE2 . PHE A 35  ? 0.1850 0.2008 0.1979 -0.0001 -0.0078 -0.0116 35  PHE A CE2 
248 C CZ  . PHE A 35  ? 0.1813 0.2010 0.1973 0.0003  -0.0073 -0.0113 35  PHE A CZ  
249 N N   . ARG A 36  ? 0.1347 0.1479 0.1503 0.0075  -0.0079 -0.0157 36  ARG A N   
250 C CA  . ARG A 36  ? 0.1337 0.1465 0.1484 0.0090  -0.0068 -0.0177 36  ARG A CA  
251 C C   . ARG A 36  ? 0.1340 0.1504 0.1481 0.0091  -0.0055 -0.0178 36  ARG A C   
252 O O   . ARG A 36  ? 0.1419 0.1619 0.1581 0.0093  -0.0048 -0.0167 36  ARG A O   
253 C CB  . ARG A 36  ? 0.1397 0.1518 0.1563 0.0113  -0.0066 -0.0184 36  ARG A CB  
254 C CG  . ARG A 36  ? 0.1356 0.1463 0.1508 0.0127  -0.0056 -0.0210 36  ARG A CG  
255 C CD  . ARG A 36  ? 0.1486 0.1581 0.1659 0.0154  -0.0052 -0.0216 36  ARG A CD  
256 N NE  . ARG A 36  ? 0.1726 0.1796 0.1882 0.0167  -0.0043 -0.0246 36  ARG A NE  
257 C CZ  . ARG A 36  ? 0.1880 0.1928 0.2047 0.0192  -0.0037 -0.0258 36  ARG A CZ  
258 N NH1 . ARG A 36  ? 0.1633 0.1682 0.1830 0.0209  -0.0040 -0.0241 36  ARG A NH1 
259 N NH2 . ARG A 36  ? 0.2069 0.2090 0.2216 0.0201  -0.0028 -0.0289 36  ARG A NH2 
260 N N   . LEU A 37  ? 0.1404 0.1560 0.1516 0.0088  -0.0051 -0.0190 37  LEU A N   
261 C CA  . LEU A 37  ? 0.1533 0.1715 0.1626 0.0089  -0.0039 -0.0187 37  LEU A CA  
262 C C   . LEU A 37  ? 0.1486 0.1675 0.1561 0.0108  -0.0029 -0.0208 37  LEU A C   
263 O O   . LEU A 37  ? 0.1632 0.1798 0.1691 0.0112  -0.0037 -0.0229 37  LEU A O   
264 C CB  . LEU A 37  ? 0.1617 0.1788 0.1685 0.0076  -0.0046 -0.0181 37  LEU A CB  
265 C CG  . LEU A 37  ? 0.1644 0.1802 0.1723 0.0058  -0.0055 -0.0165 37  LEU A CG  
266 C CD1 . LEU A 37  ? 0.1854 0.2005 0.1910 0.0051  -0.0056 -0.0159 37  LEU A CD1 
267 C CD2 . LEU A 37  ? 0.1947 0.2123 0.2051 0.0051  -0.0050 -0.0148 37  LEU A CD2 
268 N N   . PRO A 38  ? 0.1611 0.1830 0.1685 0.0118  -0.0009 -0.0203 38  PRO A N   
269 C CA  . PRO A 38  ? 0.1743 0.1973 0.1791 0.0138  0.0004  -0.0223 38  PRO A CA  
270 C C   . PRO A 38  ? 0.1873 0.2104 0.1873 0.0136  0.0005  -0.0224 38  PRO A C   
271 O O   . PRO A 38  ? 0.1968 0.2221 0.1946 0.0140  0.0023  -0.0212 38  PRO A O   
272 C CB  . PRO A 38  ? 0.1768 0.2037 0.1843 0.0146  0.0027  -0.0212 38  PRO A CB  
273 C CG  . PRO A 38  ? 0.1702 0.1984 0.1794 0.0126  0.0027  -0.0184 38  PRO A CG  
274 C CD  . PRO A 38  ? 0.1556 0.1807 0.1657 0.0111  0.0002  -0.0181 38  PRO A CD  
275 N N   . ASP A 39  ? 0.1846 0.2053 0.1829 0.0130  -0.0015 -0.0237 39  ASP A N   
276 C CA  . ASP A 39  ? 0.1792 0.2002 0.1733 0.0129  -0.0023 -0.0235 39  ASP A CA  
277 C C   . ASP A 39  ? 0.1907 0.2104 0.1836 0.0131  -0.0042 -0.0267 39  ASP A C   
278 O O   . ASP A 39  ? 0.1883 0.2060 0.1837 0.0118  -0.0056 -0.0274 39  ASP A O   
279 C CB  . ASP A 39  ? 0.1774 0.1978 0.1727 0.0112  -0.0031 -0.0210 39  ASP A CB  
280 C CG  . ASP A 39  ? 0.1885 0.2090 0.1800 0.0115  -0.0039 -0.0202 39  ASP A CG  
281 O OD1 . ASP A 39  ? 0.2259 0.2473 0.2145 0.0127  -0.0049 -0.0221 39  ASP A OD1 
282 O OD2 . ASP A 39  ? 0.2269 0.2470 0.2187 0.0107  -0.0037 -0.0176 39  ASP A OD2 
283 N N   . THR A 40  ? 0.1964 0.2170 0.1850 0.0145  -0.0042 -0.0287 40  THR A N   
284 C CA  . THR A 40  ? 0.2015 0.2211 0.1888 0.0144  -0.0061 -0.0323 40  THR A CA  
285 C C   . THR A 40  ? 0.1954 0.2156 0.1829 0.0132  -0.0086 -0.0322 40  THR A C   
286 O O   . THR A 40  ? 0.2271 0.2468 0.2153 0.0124  -0.0104 -0.0351 40  THR A O   
287 C CB  . THR A 40  ? 0.2074 0.2282 0.1897 0.0162  -0.0056 -0.0349 40  THR A CB  
288 O OG1 . THR A 40  ? 0.2465 0.2698 0.2242 0.0173  -0.0052 -0.0328 40  THR A OG1 
289 C CG2 . THR A 40  ? 0.2258 0.2460 0.2088 0.0176  -0.0031 -0.0359 40  THR A CG2 
290 N N   . GLY A 41  ? 0.1848 0.2061 0.1721 0.0131  -0.0085 -0.0290 41  GLY A N   
291 C CA  . GLY A 41  ? 0.1852 0.2074 0.1733 0.0124  -0.0106 -0.0286 41  GLY A CA  
292 C C   . GLY A 41  ? 0.1739 0.1944 0.1670 0.0104  -0.0109 -0.0280 41  GLY A C   
293 O O   . GLY A 41  ? 0.1909 0.2122 0.1856 0.0097  -0.0124 -0.0281 41  GLY A O   
294 N N   . VAL A 42  ? 0.1659 0.1842 0.1615 0.0097  -0.0095 -0.0274 42  VAL A N   
295 C CA  . VAL A 42  ? 0.1514 0.1677 0.1508 0.0080  -0.0096 -0.0266 42  VAL A CA  
296 C C   . VAL A 42  ? 0.1454 0.1596 0.1466 0.0071  -0.0101 -0.0293 42  VAL A C   
297 O O   . VAL A 42  ? 0.1644 0.1776 0.1649 0.0080  -0.0096 -0.0309 42  VAL A O   
298 C CB  . VAL A 42  ? 0.1487 0.1642 0.1494 0.0079  -0.0081 -0.0241 42  VAL A CB  
299 C CG1 . VAL A 42  ? 0.1628 0.1759 0.1665 0.0063  -0.0083 -0.0234 42  VAL A CG1 
300 C CG2 . VAL A 42  ? 0.1518 0.1685 0.1508 0.0083  -0.0074 -0.0216 42  VAL A CG2 
301 N N   . SER A 43  ? 0.1378 0.1512 0.1415 0.0054  -0.0110 -0.0298 43  SER A N   
302 C CA  . SER A 43  ? 0.1375 0.1484 0.1431 0.0041  -0.0113 -0.0321 43  SER A CA  
303 C C   . SER A 43  ? 0.1453 0.1524 0.1520 0.0041  -0.0101 -0.0310 43  SER A C   
304 O O   . SER A 43  ? 0.1474 0.1545 0.1543 0.0046  -0.0093 -0.0283 43  SER A O   
305 C CB  . SER A 43  ? 0.1361 0.1475 0.1443 0.0019  -0.0121 -0.0326 43  SER A CB  
306 O OG  . SER A 43  ? 0.1790 0.1942 0.1866 0.0022  -0.0136 -0.0342 43  SER A OG  
307 N N   . ARG A 44  ? 0.1587 0.1624 0.1662 0.0036  -0.0100 -0.0331 44  ARG A N   
308 C CA  . ARG A 44  ? 0.1710 0.1707 0.1795 0.0042  -0.0090 -0.0319 44  ARG A CA  
309 C C   . ARG A 44  ? 0.1686 0.1674 0.1785 0.0030  -0.0088 -0.0288 44  ARG A C   
310 O O   . ARG A 44  ? 0.1701 0.1686 0.1801 0.0041  -0.0084 -0.0266 44  ARG A O   
311 C CB  . ARG A 44  ? 0.1940 0.1892 0.2032 0.0036  -0.0089 -0.0346 44  ARG A CB  
312 C CG  . ARG A 44  ? 0.2417 0.2368 0.2489 0.0054  -0.0087 -0.0375 44  ARG A CG  
313 C CD  . ARG A 44  ? 0.3050 0.2958 0.3128 0.0042  -0.0089 -0.0410 44  ARG A CD  
314 N NE  . ARG A 44  ? 0.3644 0.3574 0.3721 0.0021  -0.0103 -0.0436 44  ARG A NE  
315 C CZ  . ARG A 44  ? 0.4196 0.4096 0.4285 -0.0003 -0.0109 -0.0467 44  ARG A CZ  
316 N NH1 . ARG A 44  ? 0.4442 0.4276 0.4540 -0.0006 -0.0099 -0.0474 44  ARG A NH1 
317 N NH2 . ARG A 44  ? 0.4322 0.4259 0.4416 -0.0021 -0.0125 -0.0492 44  ARG A NH2 
318 N N   . ARG A 45  ? 0.1702 0.1689 0.1811 0.0009  -0.0091 -0.0289 45  ARG A N   
319 C CA  . ARG A 45  ? 0.1712 0.1696 0.1826 -0.0003 -0.0088 -0.0262 45  ARG A CA  
320 C C   . ARG A 45  ? 0.1447 0.1473 0.1564 -0.0010 -0.0093 -0.0264 45  ARG A C   
321 O O   . ARG A 45  ? 0.1669 0.1705 0.1800 -0.0024 -0.0096 -0.0281 45  ARG A O   
322 C CB  . ARG A 45  ? 0.1811 0.1752 0.1936 -0.0021 -0.0082 -0.0261 45  ARG A CB  
323 C CG  . ARG A 45  ? 0.2241 0.2134 0.2362 -0.0012 -0.0078 -0.0258 45  ARG A CG  
324 C CD  . ARG A 45  ? 0.3084 0.2924 0.3211 -0.0031 -0.0069 -0.0253 45  ARG A CD  
325 N NE  . ARG A 45  ? 0.3738 0.3565 0.3853 -0.0033 -0.0065 -0.0219 45  ARG A NE  
326 C CZ  . ARG A 45  ? 0.4267 0.4051 0.4377 -0.0049 -0.0055 -0.0204 45  ARG A CZ  
327 N NH1 . ARG A 45  ? 0.4547 0.4294 0.4670 -0.0069 -0.0046 -0.0218 45  ARG A NH1 
328 N NH2 . ARG A 45  ? 0.4457 0.4235 0.4548 -0.0047 -0.0054 -0.0175 45  ARG A NH2 
329 N N   . HIS A 46  ? 0.1330 0.1378 0.1435 0.0002  -0.0093 -0.0247 46  HIS A N   
330 C CA  . HIS A 46  ? 0.1275 0.1359 0.1377 0.0004  -0.0098 -0.0248 46  HIS A CA  
331 C C   . HIS A 46  ? 0.1185 0.1270 0.1292 -0.0006 -0.0094 -0.0233 46  HIS A C   
332 O O   . HIS A 46  ? 0.1316 0.1425 0.1437 -0.0011 -0.0097 -0.0242 46  HIS A O   
333 C CB  . HIS A 46  ? 0.1272 0.1374 0.1351 0.0022  -0.0099 -0.0239 46  HIS A CB  
334 C CG  . HIS A 46  ? 0.1298 0.1430 0.1367 0.0030  -0.0104 -0.0241 46  HIS A CG  
335 N ND1 . HIS A 46  ? 0.1407 0.1560 0.1460 0.0043  -0.0112 -0.0256 46  HIS A ND1 
336 C CD2 . HIS A 46  ? 0.1525 0.1668 0.1594 0.0031  -0.0105 -0.0228 46  HIS A CD2 
337 C CE1 . HIS A 46  ? 0.1324 0.1500 0.1365 0.0052  -0.0118 -0.0250 46  HIS A CE1 
338 N NE2 . HIS A 46  ? 0.1305 0.1474 0.1359 0.0045  -0.0114 -0.0233 46  HIS A NE2 
339 N N   . LEU A 47  ? 0.1212 0.1278 0.1312 -0.0008 -0.0088 -0.0213 47  LEU A N   
340 C CA  . LEU A 47  ? 0.1245 0.1308 0.1343 -0.0017 -0.0082 -0.0201 47  LEU A CA  
341 C C   . LEU A 47  ? 0.1185 0.1216 0.1273 -0.0024 -0.0078 -0.0186 47  LEU A C   
342 O O   . LEU A 47  ? 0.1316 0.1335 0.1401 -0.0017 -0.0081 -0.0181 47  LEU A O   
343 C CB  . LEU A 47  ? 0.1442 0.1520 0.1529 -0.0008 -0.0082 -0.0192 47  LEU A CB  
344 C CG  . LEU A 47  ? 0.1461 0.1533 0.1531 0.0000  -0.0083 -0.0178 47  LEU A CG  
345 C CD1 . LEU A 47  ? 0.1878 0.1930 0.1939 -0.0010 -0.0080 -0.0163 47  LEU A CD1 
346 C CD2 . LEU A 47  ? 0.1453 0.1540 0.1513 0.0010  -0.0083 -0.0172 47  LEU A CD2 
347 N N   . GLU A 48  ? 0.1276 0.1296 0.1361 -0.0036 -0.0070 -0.0179 48  GLU A N   
348 C CA  . GLU A 48  ? 0.1488 0.1481 0.1554 -0.0042 -0.0068 -0.0162 48  GLU A CA  
349 C C   . GLU A 48  ? 0.1303 0.1298 0.1349 -0.0043 -0.0066 -0.0154 48  GLU A C   
350 O O   . GLU A 48  ? 0.1409 0.1419 0.1461 -0.0043 -0.0059 -0.0160 48  GLU A O   
351 C CB  . GLU A 48  ? 0.1732 0.1699 0.1797 -0.0056 -0.0057 -0.0161 48  GLU A CB  
352 C CG  . GLU A 48  ? 0.2211 0.2184 0.2279 -0.0069 -0.0043 -0.0162 48  GLU A CG  
353 C CD  . GLU A 48  ? 0.2529 0.2468 0.2587 -0.0086 -0.0028 -0.0153 48  GLU A CD  
354 O OE1 . GLU A 48  ? 0.3024 0.2928 0.3060 -0.0084 -0.0032 -0.0137 48  GLU A OE1 
355 O OE2 . GLU A 48  ? 0.3352 0.3303 0.3424 -0.0100 -0.0013 -0.0159 48  GLU A OE2 
356 N N   . ILE A 49  ? 0.1236 0.1216 0.1262 -0.0042 -0.0072 -0.0141 49  ILE A N   
357 C CA  . ILE A 49  ? 0.1276 0.1251 0.1279 -0.0048 -0.0070 -0.0136 49  ILE A CA  
358 C C   . ILE A 49  ? 0.1213 0.1162 0.1189 -0.0055 -0.0069 -0.0125 49  ILE A C   
359 O O   . ILE A 49  ? 0.1505 0.1444 0.1476 -0.0052 -0.0080 -0.0114 49  ILE A O   
360 C CB  . ILE A 49  ? 0.1287 0.1270 0.1285 -0.0044 -0.0080 -0.0133 49  ILE A CB  
361 C CG1 . ILE A 49  ? 0.1398 0.1403 0.1417 -0.0035 -0.0078 -0.0140 49  ILE A CG1 
362 C CG2 . ILE A 49  ? 0.1607 0.1576 0.1578 -0.0052 -0.0079 -0.0132 49  ILE A CG2 
363 C CD1 . ILE A 49  ? 0.1494 0.1509 0.1515 -0.0034 -0.0084 -0.0135 49  ILE A CD1 
364 N N   . ARG A 50  ? 0.1206 0.1143 0.1163 -0.0064 -0.0055 -0.0126 50  ARG A N   
365 C CA  . ARG A 50  ? 0.1295 0.1205 0.1216 -0.0071 -0.0050 -0.0114 50  ARG A CA  
366 C C   . ARG A 50  ? 0.1328 0.1231 0.1212 -0.0074 -0.0057 -0.0113 50  ARG A C   
367 O O   . ARG A 50  ? 0.1478 0.1387 0.1358 -0.0075 -0.0049 -0.0124 50  ARG A O   
368 C CB  . ARG A 50  ? 0.1321 0.1226 0.1244 -0.0081 -0.0026 -0.0117 50  ARG A CB  
369 C CG  . ARG A 50  ? 0.1609 0.1520 0.1571 -0.0085 -0.0022 -0.0121 50  ARG A CG  
370 C CD  . ARG A 50  ? 0.1924 0.1827 0.1894 -0.0100 0.0002  -0.0122 50  ARG A CD  
371 N NE  . ARG A 50  ? 0.2070 0.1998 0.2047 -0.0103 0.0019  -0.0133 50  ARG A NE  
372 C CZ  . ARG A 50  ? 0.2611 0.2577 0.2633 -0.0102 0.0023  -0.0150 50  ARG A CZ  
373 N NH1 . ARG A 50  ? 0.2791 0.2775 0.2849 -0.0100 0.0012  -0.0160 50  ARG A NH1 
374 N NH2 . ARG A 50  ? 0.2757 0.2743 0.2782 -0.0100 0.0039  -0.0158 50  ARG A NH2 
375 N N   . TRP A 51  ? 0.1448 0.1339 0.1304 -0.0073 -0.0073 -0.0101 51  TRP A N   
376 C CA  . TRP A 51  ? 0.1530 0.1418 0.1351 -0.0077 -0.0086 -0.0103 51  TRP A CA  
377 C C   . TRP A 51  ? 0.1737 0.1600 0.1503 -0.0081 -0.0088 -0.0090 51  TRP A C   
378 O O   . TRP A 51  ? 0.1751 0.1604 0.1510 -0.0074 -0.0095 -0.0073 51  TRP A O   
379 C CB  . TRP A 51  ? 0.1519 0.1430 0.1364 -0.0072 -0.0111 -0.0101 51  TRP A CB  
380 C CG  . TRP A 51  ? 0.1567 0.1482 0.1389 -0.0080 -0.0129 -0.0106 51  TRP A CG  
381 C CD1 . TRP A 51  ? 0.1873 0.1799 0.1685 -0.0078 -0.0155 -0.0096 51  TRP A CD1 
382 C CD2 . TRP A 51  ? 0.1601 0.1509 0.1407 -0.0091 -0.0126 -0.0122 51  TRP A CD2 
383 N NE1 . TRP A 51  ? 0.2057 0.1989 0.1850 -0.0091 -0.0170 -0.0108 51  TRP A NE1 
384 C CE2 . TRP A 51  ? 0.1965 0.1880 0.1752 -0.0099 -0.0150 -0.0125 51  TRP A CE2 
385 C CE3 . TRP A 51  ? 0.1612 0.1508 0.1418 -0.0093 -0.0105 -0.0136 51  TRP A CE3 
386 C CZ2 . TRP A 51  ? 0.1895 0.1799 0.1662 -0.0114 -0.0153 -0.0142 51  TRP A CZ2 
387 C CZ3 . TRP A 51  ? 0.1790 0.1672 0.1576 -0.0103 -0.0107 -0.0152 51  TRP A CZ3 
388 C CH2 . TRP A 51  ? 0.1973 0.1856 0.1739 -0.0115 -0.0130 -0.0156 51  TRP A CH2 
389 N N   . ASP A 52  ? 0.2071 0.1921 0.1794 -0.0089 -0.0080 -0.0099 52  ASP A N   
390 C CA  . ASP A 52  ? 0.2344 0.2170 0.2003 -0.0091 -0.0083 -0.0088 52  ASP A CA  
391 C C   . ASP A 52  ? 0.2411 0.2239 0.2032 -0.0096 -0.0107 -0.0097 52  ASP A C   
392 O O   . ASP A 52  ? 0.2697 0.2505 0.2254 -0.0100 -0.0106 -0.0097 52  ASP A O   
393 C CB  . ASP A 52  ? 0.2439 0.2247 0.2069 -0.0098 -0.0048 -0.0092 52  ASP A CB  
394 C CG  . ASP A 52  ? 0.2667 0.2476 0.2285 -0.0101 -0.0037 -0.0117 52  ASP A CG  
395 O OD1 . ASP A 52  ? 0.2141 0.1962 0.1788 -0.0100 -0.0052 -0.0131 52  ASP A OD1 
396 O OD2 . ASP A 52  ? 0.3249 0.3041 0.2826 -0.0105 -0.0013 -0.0122 52  ASP A OD2 
397 N N   . GLY A 53  ? 0.2431 0.2285 0.2091 -0.0097 -0.0128 -0.0108 53  GLY A N   
398 C CA  . GLY A 53  ? 0.2457 0.2314 0.2091 -0.0106 -0.0151 -0.0122 53  GLY A CA  
399 C C   . GLY A 53  ? 0.2519 0.2360 0.2138 -0.0118 -0.0137 -0.0148 53  GLY A C   
400 O O   . GLY A 53  ? 0.2652 0.2492 0.2254 -0.0130 -0.0156 -0.0164 53  GLY A O   
401 N N   . GLN A 54  ? 0.2533 0.2360 0.2160 -0.0113 -0.0104 -0.0154 54  GLN A N   
402 C CA  . GLN A 54  ? 0.2524 0.2331 0.2138 -0.0118 -0.0087 -0.0176 54  GLN A CA  
403 C C   . GLN A 54  ? 0.2322 0.2135 0.1989 -0.0109 -0.0067 -0.0180 54  GLN A C   
404 O O   . GLN A 54  ? 0.2451 0.2257 0.2135 -0.0111 -0.0067 -0.0193 54  GLN A O   
405 C CB  . GLN A 54  ? 0.2684 0.2465 0.2238 -0.0117 -0.0065 -0.0183 54  GLN A CB  
406 C CG  . GLN A 54  ? 0.3219 0.2985 0.2701 -0.0125 -0.0084 -0.0183 54  GLN A CG  
407 C CD  . GLN A 54  ? 0.4029 0.3777 0.3479 -0.0136 -0.0095 -0.0212 54  GLN A CD  
408 O OE1 . GLN A 54  ? 0.4550 0.4308 0.4036 -0.0145 -0.0117 -0.0221 54  GLN A OE1 
409 N NE2 . GLN A 54  ? 0.4354 0.4072 0.3733 -0.0138 -0.0080 -0.0229 54  GLN A NE2 
410 N N   . VAL A 55  ? 0.2053 0.1881 0.1748 -0.0100 -0.0051 -0.0167 55  VAL A N   
411 C CA  . VAL A 55  ? 0.1979 0.1820 0.1721 -0.0089 -0.0033 -0.0171 55  VAL A CA  
412 C C   . VAL A 55  ? 0.1708 0.1575 0.1498 -0.0085 -0.0043 -0.0156 55  VAL A C   
413 O O   . VAL A 55  ? 0.1705 0.1575 0.1490 -0.0086 -0.0047 -0.0143 55  VAL A O   
414 C CB  . VAL A 55  ? 0.1953 0.1791 0.1686 -0.0085 -0.0003 -0.0174 55  VAL A CB  
415 C CG1 . VAL A 55  ? 0.2105 0.1969 0.1895 -0.0073 0.0011  -0.0176 55  VAL A CG1 
416 C CG2 . VAL A 55  ? 0.2309 0.2120 0.1995 -0.0085 0.0012  -0.0193 55  VAL A CG2 
417 N N   . ALA A 56  ? 0.1532 0.1413 0.1362 -0.0079 -0.0046 -0.0159 56  ALA A N   
418 C CA  . ALA A 56  ? 0.1399 0.1306 0.1272 -0.0073 -0.0053 -0.0150 56  ALA A CA  
419 C C   . ALA A 56  ? 0.1351 0.1273 0.1253 -0.0063 -0.0036 -0.0155 56  ALA A C   
420 O O   . ALA A 56  ? 0.1502 0.1424 0.1412 -0.0054 -0.0031 -0.0162 56  ALA A O   
421 C CB  . ALA A 56  ? 0.1505 0.1421 0.1397 -0.0073 -0.0069 -0.0148 56  ALA A CB  
422 N N   . LEU A 57  ? 0.1276 0.1209 0.1194 -0.0064 -0.0030 -0.0151 57  LEU A N   
423 C CA  . LEU A 57  ? 0.1387 0.1345 0.1342 -0.0056 -0.0018 -0.0158 57  LEU A CA  
424 C C   . LEU A 57  ? 0.1414 0.1391 0.1401 -0.0052 -0.0030 -0.0156 57  LEU A C   
425 O O   . LEU A 57  ? 0.1488 0.1460 0.1476 -0.0058 -0.0036 -0.0150 57  LEU A O   
426 C CB  . LEU A 57  ? 0.1450 0.1408 0.1403 -0.0065 0.0002  -0.0158 57  LEU A CB  
427 C CG  . LEU A 57  ? 0.1810 0.1750 0.1725 -0.0068 0.0019  -0.0162 57  LEU A CG  
428 C CD1 . LEU A 57  ? 0.2194 0.2138 0.2112 -0.0079 0.0042  -0.0159 57  LEU A CD1 
429 C CD2 . LEU A 57  ? 0.2223 0.2169 0.2147 -0.0055 0.0028  -0.0176 57  LEU A CD2 
430 N N   . LEU A 58  ? 0.1280 0.1278 0.1288 -0.0040 -0.0034 -0.0162 58  LEU A N   
431 C CA  . LEU A 58  ? 0.1306 0.1326 0.1341 -0.0034 -0.0044 -0.0164 58  LEU A CA  
432 C C   . LEU A 58  ? 0.1329 0.1375 0.1395 -0.0034 -0.0038 -0.0175 58  LEU A C   
433 O O   . LEU A 58  ? 0.1404 0.1466 0.1483 -0.0029 -0.0029 -0.0183 58  LEU A O   
434 C CB  . LEU A 58  ? 0.1325 0.1350 0.1358 -0.0021 -0.0052 -0.0162 58  LEU A CB  
435 C CG  . LEU A 58  ? 0.1385 0.1433 0.1435 -0.0011 -0.0062 -0.0165 58  LEU A CG  
436 C CD1 . LEU A 58  ? 0.1610 0.1652 0.1647 -0.0005 -0.0066 -0.0155 58  LEU A CD1 
437 C CD2 . LEU A 58  ? 0.1612 0.1689 0.1684 0.0000  -0.0062 -0.0176 58  LEU A CD2 
438 N N   . ALA A 59  ? 0.1260 0.1314 0.1343 -0.0039 -0.0045 -0.0180 59  ALA A N   
439 C CA  . ALA A 59  ? 0.1301 0.1382 0.1418 -0.0043 -0.0043 -0.0195 59  ALA A CA  
440 C C   . ALA A 59  ? 0.1290 0.1385 0.1419 -0.0037 -0.0058 -0.0204 59  ALA A C   
441 O O   . ALA A 59  ? 0.1233 0.1307 0.1351 -0.0039 -0.0063 -0.0201 59  ALA A O   
442 C CB  . ALA A 59  ? 0.1433 0.1501 0.1558 -0.0063 -0.0029 -0.0195 59  ALA A CB  
443 N N   . ASP A 60  ? 0.1315 0.1447 0.1463 -0.0026 -0.0067 -0.0217 60  ASP A N   
444 C CA  . ASP A 60  ? 0.1433 0.1582 0.1589 -0.0022 -0.0081 -0.0231 60  ASP A CA  
445 C C   . ASP A 60  ? 0.1547 0.1690 0.1726 -0.0043 -0.0079 -0.0245 60  ASP A C   
446 O O   . ASP A 60  ? 0.1673 0.1829 0.1878 -0.0058 -0.0069 -0.0251 60  ASP A O   
447 C CB  . ASP A 60  ? 0.1455 0.1647 0.1623 -0.0006 -0.0094 -0.0240 60  ASP A CB  
448 C CG  . ASP A 60  ? 0.1573 0.1782 0.1740 0.0000  -0.0110 -0.0256 60  ASP A CG  
449 O OD1 . ASP A 60  ? 0.2078 0.2310 0.2273 -0.0013 -0.0117 -0.0279 60  ASP A OD1 
450 O OD2 . ASP A 60  ? 0.1731 0.1932 0.1866 0.0015  -0.0115 -0.0249 60  ASP A OD2 
451 N N   . LEU A 61  ? 0.1514 0.1637 0.1685 -0.0045 -0.0085 -0.0252 61  LEU A N   
452 C CA  . LEU A 61  ? 0.1670 0.1772 0.1857 -0.0065 -0.0080 -0.0265 61  LEU A CA  
453 C C   . LEU A 61  ? 0.1839 0.1973 0.2050 -0.0069 -0.0095 -0.0295 61  LEU A C   
454 O O   . LEU A 61  ? 0.1973 0.2086 0.2178 -0.0071 -0.0100 -0.0309 61  LEU A O   
455 C CB  . LEU A 61  ? 0.1597 0.1650 0.1762 -0.0064 -0.0077 -0.0256 61  LEU A CB  
456 C CG  . LEU A 61  ? 0.1524 0.1550 0.1669 -0.0062 -0.0068 -0.0227 61  LEU A CG  
457 C CD1 . LEU A 61  ? 0.1643 0.1631 0.1770 -0.0053 -0.0069 -0.0218 61  LEU A CD1 
458 C CD2 . LEU A 61  ? 0.1770 0.1781 0.1923 -0.0084 -0.0052 -0.0221 61  LEU A CD2 
459 N N   . ASN A 62  ? 0.1971 0.2156 0.2206 -0.0067 -0.0102 -0.0305 62  ASN A N   
460 C CA  . ASN A 62  ? 0.2179 0.2406 0.2437 -0.0070 -0.0121 -0.0335 62  ASN A CA  
461 C C   . ASN A 62  ? 0.2117 0.2335 0.2339 -0.0051 -0.0135 -0.0343 62  ASN A C   
462 O O   . ASN A 62  ? 0.2170 0.2385 0.2393 -0.0059 -0.0145 -0.0370 62  ASN A O   
463 C CB  . ASN A 62  ? 0.2317 0.2533 0.2611 -0.0103 -0.0116 -0.0356 62  ASN A CB  
464 C CG  . ASN A 62  ? 0.2820 0.3087 0.3146 -0.0112 -0.0136 -0.0391 62  ASN A CG  
465 O OD1 . ASN A 62  ? 0.3362 0.3687 0.3695 -0.0093 -0.0154 -0.0395 62  ASN A OD1 
466 N ND2 . ASN A 62  ? 0.3482 0.3732 0.3831 -0.0140 -0.0136 -0.0416 62  ASN A ND2 
467 N N   . SER A 63  ? 0.2005 0.2219 0.2191 -0.0026 -0.0135 -0.0322 63  SER A N   
468 C CA  . SER A 63  ? 0.1981 0.2187 0.2131 -0.0008 -0.0142 -0.0325 63  SER A CA  
469 C C   . SER A 63  ? 0.1943 0.2194 0.2087 0.0003  -0.0164 -0.0347 63  SER A C   
470 O O   . SER A 63  ? 0.2077 0.2371 0.2243 0.0005  -0.0176 -0.0352 63  SER A O   
471 C CB  . SER A 63  ? 0.1952 0.2145 0.2071 0.0011  -0.0133 -0.0294 63  SER A CB  
472 O OG  . SER A 63  ? 0.1775 0.1998 0.1888 0.0026  -0.0139 -0.0284 63  SER A OG  
473 N N   . THR A 64  ? 0.1935 0.2181 0.2049 0.0014  -0.0170 -0.0362 64  THR A N   
474 C CA  . THR A 64  ? 0.2042 0.2327 0.2138 0.0025  -0.0193 -0.0385 64  THR A CA  
475 C C   . THR A 64  ? 0.1962 0.2279 0.2035 0.0051  -0.0201 -0.0361 64  THR A C   
476 O O   . THR A 64  ? 0.2000 0.2362 0.2082 0.0059  -0.0221 -0.0371 64  THR A O   
477 C CB  . THR A 64  ? 0.2050 0.2314 0.2107 0.0032  -0.0193 -0.0405 64  THR A CB  
478 O OG1 . THR A 64  ? 0.2363 0.2591 0.2445 0.0009  -0.0188 -0.0429 64  THR A OG1 
479 C CG2 . THR A 64  ? 0.2360 0.2665 0.2388 0.0047  -0.0218 -0.0429 64  THR A CG2 
480 N N   . ASN A 65  ? 0.1816 0.2107 0.1860 0.0065  -0.0184 -0.0330 65  ASN A N   
481 C CA  . ASN A 65  ? 0.1755 0.2063 0.1769 0.0091  -0.0187 -0.0305 65  ASN A CA  
482 C C   . ASN A 65  ? 0.1598 0.1900 0.1632 0.0092  -0.0178 -0.0277 65  ASN A C   
483 O O   . ASN A 65  ? 0.1813 0.2120 0.1822 0.0114  -0.0180 -0.0256 65  ASN A O   
484 C CB  . ASN A 65  ? 0.1797 0.2081 0.1759 0.0105  -0.0174 -0.0290 65  ASN A CB  
485 C CG  . ASN A 65  ? 0.1948 0.2246 0.1879 0.0112  -0.0185 -0.0318 65  ASN A CG  
486 O OD1 . ASN A 65  ? 0.2539 0.2872 0.2465 0.0118  -0.0209 -0.0340 65  ASN A OD1 
487 N ND2 . ASN A 65  ? 0.2117 0.2391 0.2024 0.0114  -0.0169 -0.0319 65  ASN A ND2 
488 N N   . GLY A 66  ? 0.1550 0.1836 0.1621 0.0071  -0.0167 -0.0278 66  GLY A N   
489 C CA  . GLY A 66  ? 0.1386 0.1662 0.1473 0.0072  -0.0156 -0.0257 66  GLY A CA  
490 C C   . GLY A 66  ? 0.1352 0.1587 0.1415 0.0073  -0.0137 -0.0230 66  GLY A C   
491 O O   . GLY A 66  ? 0.1349 0.1568 0.1385 0.0076  -0.0132 -0.0223 66  GLY A O   
492 N N   . THR A 67  ? 0.1407 0.1630 0.1482 0.0072  -0.0128 -0.0216 67  THR A N   
493 C CA  . THR A 67  ? 0.1381 0.1567 0.1438 0.0069  -0.0113 -0.0194 67  THR A CA  
494 C C   . THR A 67  ? 0.1421 0.1602 0.1471 0.0086  -0.0110 -0.0179 67  THR A C   
495 O O   . THR A 67  ? 0.1397 0.1600 0.1472 0.0092  -0.0115 -0.0187 67  THR A O   
496 C CB  . THR A 67  ? 0.1450 0.1612 0.1525 0.0046  -0.0102 -0.0195 67  THR A CB  
497 O OG1 . THR A 67  ? 0.1640 0.1800 0.1719 0.0035  -0.0104 -0.0207 67  THR A OG1 
498 C CG2 . THR A 67  ? 0.1566 0.1693 0.1622 0.0042  -0.0089 -0.0175 67  THR A CG2 
499 N N   . THR A 68  ? 0.1308 0.1459 0.1330 0.0092  -0.0102 -0.0157 68  THR A N   
500 C CA  . THR A 68  ? 0.1347 0.1474 0.1360 0.0105  -0.0095 -0.0143 68  THR A CA  
501 C C   . THR A 68  ? 0.1239 0.1324 0.1244 0.0087  -0.0080 -0.0132 68  THR A C   
502 O O   . THR A 68  ? 0.1259 0.1334 0.1257 0.0072  -0.0076 -0.0129 68  THR A O   
503 C CB  . THR A 68  ? 0.1431 0.1556 0.1416 0.0132  -0.0101 -0.0126 68  THR A CB  
504 O OG1 . THR A 68  ? 0.1616 0.1717 0.1568 0.0127  -0.0091 -0.0110 68  THR A OG1 
505 C CG2 . THR A 68  ? 0.1440 0.1613 0.1428 0.0150  -0.0120 -0.0137 68  THR A CG2 
506 N N   . VAL A 69  ? 0.1253 0.1316 0.1260 0.0092  -0.0072 -0.0129 69  VAL A N   
507 C CA  . VAL A 69  ? 0.1278 0.1294 0.1269 0.0078  -0.0060 -0.0121 69  VAL A CA  
508 C C   . VAL A 69  ? 0.1333 0.1315 0.1306 0.0097  -0.0053 -0.0107 69  VAL A C   
509 O O   . VAL A 69  ? 0.1402 0.1394 0.1384 0.0120  -0.0055 -0.0110 69  VAL A O   
510 C CB  . VAL A 69  ? 0.1272 0.1281 0.1275 0.0060  -0.0053 -0.0134 69  VAL A CB  
511 C CG1 . VAL A 69  ? 0.1397 0.1358 0.1380 0.0043  -0.0044 -0.0128 69  VAL A CG1 
512 C CG2 . VAL A 69  ? 0.1317 0.1351 0.1336 0.0044  -0.0059 -0.0144 69  VAL A CG2 
513 N N   . ASN A 70  ? 0.1409 0.1354 0.1357 0.0090  -0.0046 -0.0090 70  ASN A N   
514 C CA  . ASN A 70  ? 0.1597 0.1497 0.1521 0.0108  -0.0038 -0.0073 70  ASN A CA  
515 C C   . ASN A 70  ? 0.1602 0.1527 0.1520 0.0144  -0.0048 -0.0064 70  ASN A C   
516 O O   . ASN A 70  ? 0.1676 0.1581 0.1590 0.0170  -0.0047 -0.0059 70  ASN A O   
517 C CB  . ASN A 70  ? 0.1587 0.1446 0.1511 0.0105  -0.0028 -0.0081 70  ASN A CB  
518 C CG  . ASN A 70  ? 0.1515 0.1350 0.1437 0.0070  -0.0021 -0.0090 70  ASN A CG  
519 O OD1 . ASN A 70  ? 0.1609 0.1448 0.1531 0.0048  -0.0022 -0.0084 70  ASN A OD1 
520 N ND2 . ASN A 70  ? 0.1910 0.1724 0.1832 0.0065  -0.0016 -0.0106 70  ASN A ND2 
521 N N   . ASN A 71  ? 0.1622 0.1593 0.1542 0.0146  -0.0059 -0.0066 71  ASN A N   
522 C CA  . ASN A 71  ? 0.1819 0.1825 0.1732 0.0178  -0.0075 -0.0061 71  ASN A CA  
523 C C   . ASN A 71  ? 0.1903 0.1949 0.1848 0.0197  -0.0088 -0.0078 71  ASN A C   
524 O O   . ASN A 71  ? 0.2331 0.2401 0.2272 0.0229  -0.0102 -0.0072 71  ASN A O   
525 C CB  . ASN A 71  ? 0.1875 0.1839 0.1744 0.0200  -0.0070 -0.0030 71  ASN A CB  
526 C CG  . ASN A 71  ? 0.2204 0.2146 0.2044 0.0181  -0.0056 -0.0013 71  ASN A CG  
527 O OD1 . ASN A 71  ? 0.2078 0.2057 0.1919 0.0170  -0.0060 -0.0022 71  ASN A OD1 
528 N ND2 . ASN A 71  ? 0.2322 0.2203 0.2137 0.0178  -0.0038 0.0010  71  ASN A ND2 
529 N N   . ALA A 72  ? 0.1839 0.1896 0.1818 0.0179  -0.0083 -0.0098 72  ALA A N   
530 C CA  . ALA A 72  ? 0.1856 0.1958 0.1874 0.0191  -0.0091 -0.0117 72  ALA A CA  
531 C C   . ALA A 72  ? 0.1701 0.1851 0.1748 0.0168  -0.0099 -0.0138 72  ALA A C   
532 O O   . ALA A 72  ? 0.1603 0.1736 0.1646 0.0140  -0.0091 -0.0143 72  ALA A O   
533 C CB  . ALA A 72  ? 0.1965 0.2038 0.1997 0.0185  -0.0073 -0.0123 72  ALA A CB  
534 N N   . PRO A 73  ? 0.1729 0.1937 0.1804 0.0180  -0.0117 -0.0152 73  PRO A N   
535 C CA  . PRO A 73  ? 0.1711 0.1956 0.1814 0.0154  -0.0123 -0.0175 73  PRO A CA  
536 C C   . PRO A 73  ? 0.1609 0.1851 0.1744 0.0132  -0.0106 -0.0187 73  PRO A C   
537 O O   . PRO A 73  ? 0.1609 0.1861 0.1767 0.0143  -0.0098 -0.0189 73  PRO A O   
538 C CB  . PRO A 73  ? 0.1712 0.2021 0.1841 0.0174  -0.0146 -0.0188 73  PRO A CB  
539 C CG  . PRO A 73  ? 0.2020 0.2334 0.2153 0.0209  -0.0148 -0.0175 73  PRO A CG  
540 C CD  . PRO A 73  ? 0.1850 0.2095 0.1935 0.0217  -0.0134 -0.0149 73  PRO A CD  
541 N N   . VAL A 74  ? 0.1541 0.1773 0.1677 0.0102  -0.0101 -0.0194 74  VAL A N   
542 C CA  . VAL A 74  ? 0.1631 0.1851 0.1785 0.0079  -0.0084 -0.0202 74  VAL A CA  
543 C C   . VAL A 74  ? 0.1566 0.1813 0.1749 0.0055  -0.0086 -0.0219 74  VAL A C   
544 O O   . VAL A 74  ? 0.1631 0.1887 0.1812 0.0050  -0.0099 -0.0227 74  VAL A O   
545 C CB  . VAL A 74  ? 0.1616 0.1779 0.1735 0.0065  -0.0070 -0.0188 74  VAL A CB  
546 C CG1 . VAL A 74  ? 0.1721 0.1851 0.1812 0.0084  -0.0066 -0.0173 74  VAL A CG1 
547 C CG2 . VAL A 74  ? 0.1891 0.2040 0.1992 0.0053  -0.0077 -0.0186 74  VAL A CG2 
548 N N   . GLN A 75  ? 0.1581 0.1837 0.1793 0.0041  -0.0071 -0.0227 75  GLN A N   
549 C CA  . GLN A 75  ? 0.1681 0.1936 0.1911 0.0011  -0.0063 -0.0237 75  GLN A CA  
550 C C   . GLN A 75  ? 0.1591 0.1792 0.1785 -0.0002 -0.0047 -0.0222 75  GLN A C   
551 O O   . GLN A 75  ? 0.1601 0.1769 0.1767 -0.0007 -0.0053 -0.0214 75  GLN A O   
552 C CB  . GLN A 75  ? 0.1850 0.2154 0.2133 0.0001  -0.0055 -0.0252 75  GLN A CB  
553 C CG  . GLN A 75  ? 0.2292 0.2586 0.2592 -0.0033 -0.0044 -0.0260 75  GLN A CG  
554 C CD  . GLN A 75  ? 0.2608 0.2889 0.2899 -0.0044 -0.0061 -0.0267 75  GLN A CD  
555 O OE1 . GLN A 75  ? 0.3074 0.3391 0.3381 -0.0034 -0.0082 -0.0283 75  GLN A OE1 
556 N NE2 . GLN A 75  ? 0.2918 0.3147 0.3181 -0.0059 -0.0053 -0.0258 75  GLN A NE2 
557 N N   . GLU A 76  ? 0.1487 0.1679 0.1681 -0.0005 -0.0027 -0.0219 76  GLU A N   
558 C CA  . GLU A 76  ? 0.1462 0.1605 0.1614 -0.0012 -0.0015 -0.0206 76  GLU A CA  
559 C C   . GLU A 76  ? 0.1340 0.1462 0.1466 0.0007  -0.0012 -0.0200 76  GLU A C   
560 O O   . GLU A 76  ? 0.1394 0.1537 0.1535 0.0028  -0.0011 -0.0204 76  GLU A O   
561 C CB  . GLU A 76  ? 0.1583 0.1719 0.1735 -0.0032 0.0007  -0.0207 76  GLU A CB  
562 C CG  . GLU A 76  ? 0.1950 0.2091 0.2124 -0.0055 0.0007  -0.0210 76  GLU A CG  
563 C CD  . GLU A 76  ? 0.2447 0.2550 0.2593 -0.0076 0.0025  -0.0199 76  GLU A CD  
564 O OE1 . GLU A 76  ? 0.2826 0.2903 0.2935 -0.0074 0.0036  -0.0191 76  GLU A OE1 
565 O OE2 . GLU A 76  ? 0.2926 0.3022 0.3086 -0.0095 0.0027  -0.0200 76  GLU A OE2 
566 N N   . TRP A 77  ? 0.1219 0.1297 0.1304 0.0001  -0.0014 -0.0190 77  TRP A N   
567 C CA  . TRP A 77  ? 0.1335 0.1383 0.1392 0.0014  -0.0013 -0.0185 77  TRP A CA  
568 C C   . TRP A 77  ? 0.1409 0.1415 0.1427 -0.0002 -0.0008 -0.0180 77  TRP A C   
569 O O   . TRP A 77  ? 0.1607 0.1608 0.1617 -0.0017 -0.0016 -0.0174 77  TRP A O   
570 C CB  . TRP A 77  ? 0.1273 0.1320 0.1328 0.0026  -0.0029 -0.0177 77  TRP A CB  
571 C CG  . TRP A 77  ? 0.1344 0.1355 0.1372 0.0035  -0.0027 -0.0169 77  TRP A CG  
572 C CD1 . TRP A 77  ? 0.1383 0.1357 0.1382 0.0021  -0.0028 -0.0163 77  TRP A CD1 
573 C CD2 . TRP A 77  ? 0.1281 0.1288 0.1311 0.0061  -0.0025 -0.0166 77  TRP A CD2 
574 N NE1 . TRP A 77  ? 0.1582 0.1525 0.1566 0.0033  -0.0024 -0.0158 77  TRP A NE1 
575 C CE2 . TRP A 77  ? 0.1494 0.1451 0.1492 0.0058  -0.0022 -0.0158 77  TRP A CE2 
576 C CE3 . TRP A 77  ? 0.1503 0.1544 0.1559 0.0086  -0.0027 -0.0169 77  TRP A CE3 
577 C CZ2 . TRP A 77  ? 0.1604 0.1535 0.1592 0.0081  -0.0018 -0.0151 77  TRP A CZ2 
578 C CZ3 . TRP A 77  ? 0.1568 0.1590 0.1615 0.0112  -0.0026 -0.0161 77  TRP A CZ3 
579 C CH2 . TRP A 77  ? 0.1719 0.1680 0.1729 0.0109  -0.0020 -0.0151 77  TRP A CH2 
580 N N   . GLN A 78  ? 0.1414 0.1393 0.1408 0.0001  0.0004  -0.0184 78  GLN A N   
581 C CA  . GLN A 78  ? 0.1476 0.1416 0.1429 -0.0014 0.0004  -0.0183 78  GLN A CA  
582 C C   . GLN A 78  ? 0.1418 0.1334 0.1358 -0.0013 -0.0009 -0.0178 78  GLN A C   
583 O O   . GLN A 78  ? 0.1462 0.1361 0.1400 0.0001  -0.0003 -0.0180 78  GLN A O   
584 C CB  . GLN A 78  ? 0.1548 0.1470 0.1478 -0.0013 0.0024  -0.0194 78  GLN A CB  
585 C CG  . GLN A 78  ? 0.1656 0.1539 0.1535 -0.0030 0.0021  -0.0196 78  GLN A CG  
586 C CD  . GLN A 78  ? 0.1878 0.1744 0.1725 -0.0030 0.0042  -0.0208 78  GLN A CD  
587 O OE1 . GLN A 78  ? 0.2117 0.2006 0.1975 -0.0028 0.0060  -0.0210 78  GLN A OE1 
588 N NE2 . GLN A 78  ? 0.2323 0.2147 0.2126 -0.0036 0.0040  -0.0218 78  GLN A NE2 
589 N N   . LEU A 79  ? 0.1391 0.1303 0.1323 -0.0028 -0.0023 -0.0171 79  LEU A N   
590 C CA  . LEU A 79  ? 0.1393 0.1293 0.1322 -0.0032 -0.0033 -0.0164 79  LEU A CA  
591 C C   . LEU A 79  ? 0.1484 0.1342 0.1381 -0.0042 -0.0031 -0.0172 79  LEU A C   
592 O O   . LEU A 79  ? 0.1736 0.1579 0.1607 -0.0052 -0.0028 -0.0181 79  LEU A O   
593 C CB  . LEU A 79  ? 0.1511 0.1429 0.1451 -0.0043 -0.0048 -0.0155 79  LEU A CB  
594 C CG  . LEU A 79  ? 0.1477 0.1428 0.1445 -0.0032 -0.0052 -0.0150 79  LEU A CG  
595 C CD1 . LEU A 79  ? 0.1521 0.1488 0.1496 -0.0041 -0.0064 -0.0144 79  LEU A CD1 
596 C CD2 . LEU A 79  ? 0.1483 0.1441 0.1462 -0.0019 -0.0052 -0.0144 79  LEU A CD2 
597 N N   . ALA A 80  ? 0.1611 0.1447 0.1509 -0.0041 -0.0031 -0.0169 80  ALA A N   
598 C CA  . ALA A 80  ? 0.1609 0.1401 0.1480 -0.0056 -0.0030 -0.0177 80  ALA A CA  
599 C C   . ALA A 80  ? 0.1701 0.1492 0.1586 -0.0072 -0.0040 -0.0166 80  ALA A C   
600 O O   . ALA A 80  ? 0.1620 0.1437 0.1529 -0.0064 -0.0041 -0.0152 80  ALA A O   
601 C CB  . ALA A 80  ? 0.1884 0.1633 0.1743 -0.0039 -0.0014 -0.0184 80  ALA A CB  
602 N N   . ASP A 81  ? 0.1773 0.1536 0.1640 -0.0096 -0.0046 -0.0176 81  ASP A N   
603 C CA  . ASP A 81  ? 0.1684 0.1450 0.1570 -0.0116 -0.0052 -0.0168 81  ASP A CA  
604 C C   . ASP A 81  ? 0.1638 0.1385 0.1534 -0.0103 -0.0038 -0.0153 81  ASP A C   
605 O O   . ASP A 81  ? 0.1791 0.1494 0.1668 -0.0088 -0.0025 -0.0155 81  ASP A O   
606 C CB  . ASP A 81  ? 0.1842 0.1573 0.1708 -0.0144 -0.0059 -0.0186 81  ASP A CB  
607 C CG  . ASP A 81  ? 0.2201 0.1938 0.2091 -0.0172 -0.0066 -0.0181 81  ASP A CG  
608 O OD1 . ASP A 81  ? 0.2118 0.1909 0.2039 -0.0179 -0.0078 -0.0171 81  ASP A OD1 
609 O OD2 . ASP A 81  ? 0.2976 0.2665 0.2858 -0.0188 -0.0058 -0.0187 81  ASP A OD2 
610 N N   . GLY A 82  ? 0.1536 0.1316 0.1456 -0.0105 -0.0040 -0.0136 82  GLY A N   
611 C CA  . GLY A 82  ? 0.1537 0.1301 0.1462 -0.0095 -0.0027 -0.0117 82  GLY A CA  
612 C C   . GLY A 82  ? 0.1550 0.1340 0.1478 -0.0062 -0.0023 -0.0106 82  GLY A C   
613 O O   . GLY A 82  ? 0.1787 0.1568 0.1710 -0.0049 -0.0015 -0.0089 82  GLY A O   
614 N N   . ASP A 83  ? 0.1516 0.1336 0.1447 -0.0049 -0.0031 -0.0117 83  ASP A N   
615 C CA  . ASP A 83  ? 0.1505 0.1356 0.1445 -0.0022 -0.0032 -0.0111 83  ASP A CA  
616 C C   . ASP A 83  ? 0.1533 0.1420 0.1486 -0.0022 -0.0034 -0.0099 83  ASP A C   
617 O O   . ASP A 83  ? 0.1562 0.1467 0.1529 -0.0041 -0.0039 -0.0099 83  ASP A O   
618 C CB  . ASP A 83  ? 0.1507 0.1382 0.1453 -0.0015 -0.0037 -0.0124 83  ASP A CB  
619 C CG  . ASP A 83  ? 0.1691 0.1539 0.1624 -0.0003 -0.0028 -0.0136 83  ASP A CG  
620 O OD1 . ASP A 83  ? 0.2345 0.2151 0.2264 0.0004  -0.0019 -0.0133 83  ASP A OD1 
621 O OD2 . ASP A 83  ? 0.2152 0.2021 0.2090 -0.0001 -0.0028 -0.0146 83  ASP A OD2 
622 N N   . VAL A 84  ? 0.1451 0.1347 0.1399 0.0001  -0.0032 -0.0089 84  VAL A N   
623 C CA  . VAL A 84  ? 0.1499 0.1429 0.1452 0.0005  -0.0033 -0.0080 84  VAL A CA  
624 C C   . VAL A 84  ? 0.1405 0.1373 0.1367 0.0025  -0.0043 -0.0090 84  VAL A C   
625 O O   . VAL A 84  ? 0.1460 0.1429 0.1414 0.0046  -0.0046 -0.0090 84  VAL A O   
626 C CB  . VAL A 84  ? 0.1556 0.1465 0.1491 0.0012  -0.0021 -0.0058 84  VAL A CB  
627 C CG1 . VAL A 84  ? 0.1700 0.1646 0.1636 0.0017  -0.0019 -0.0051 84  VAL A CG1 
628 C CG2 . VAL A 84  ? 0.1667 0.1537 0.1600 -0.0014 -0.0010 -0.0051 84  VAL A CG2 
629 N N   . ILE A 85  ? 0.1258 0.1257 0.1238 0.0016  -0.0049 -0.0099 85  ILE A N   
630 C CA  . ILE A 85  ? 0.1192 0.1222 0.1180 0.0029  -0.0058 -0.0111 85  ILE A CA  
631 C C   . ILE A 85  ? 0.1316 0.1369 0.1296 0.0041  -0.0058 -0.0106 85  ILE A C   
632 O O   . ILE A 85  ? 0.1360 0.1417 0.1339 0.0034  -0.0051 -0.0098 85  ILE A O   
633 C CB  . ILE A 85  ? 0.1139 0.1181 0.1146 0.0015  -0.0064 -0.0123 85  ILE A CB  
634 C CG1 . ILE A 85  ? 0.1337 0.1359 0.1345 0.0002  -0.0063 -0.0126 85  ILE A CG1 
635 C CG2 . ILE A 85  ? 0.1230 0.1299 0.1249 0.0025  -0.0072 -0.0137 85  ILE A CG2 
636 C CD1 . ILE A 85  ? 0.1555 0.1579 0.1572 -0.0013 -0.0069 -0.0129 85  ILE A CD1 
637 N N   . ARG A 86  ? 0.1356 0.1427 0.1329 0.0061  -0.0066 -0.0111 86  ARG A N   
638 C CA  . ARG A 86  ? 0.1404 0.1497 0.1359 0.0074  -0.0068 -0.0111 86  ARG A CA  
639 C C   . ARG A 86  ? 0.1374 0.1497 0.1343 0.0077  -0.0081 -0.0135 86  ARG A C   
640 O O   . ARG A 86  ? 0.1399 0.1533 0.1384 0.0080  -0.0091 -0.0147 86  ARG A O   
641 C CB  . ARG A 86  ? 0.1449 0.1536 0.1373 0.0095  -0.0068 -0.0096 86  ARG A CB  
642 C CG  . ARG A 86  ? 0.1887 0.1938 0.1794 0.0088  -0.0050 -0.0070 86  ARG A CG  
643 C CD  . ARG A 86  ? 0.2256 0.2288 0.2126 0.0111  -0.0048 -0.0049 86  ARG A CD  
644 N NE  . ARG A 86  ? 0.2574 0.2564 0.2429 0.0100  -0.0028 -0.0026 86  ARG A NE  
645 C CZ  . ARG A 86  ? 0.2738 0.2684 0.2598 0.0090  -0.0022 -0.0018 86  ARG A CZ  
646 N NH1 . ARG A 86  ? 0.2544 0.2484 0.2420 0.0096  -0.0031 -0.0032 86  ARG A NH1 
647 N NH2 . ARG A 86  ? 0.3175 0.3082 0.3022 0.0076  -0.0003 0.0002  86  ARG A NH2 
648 N N   . LEU A 87  ? 0.1391 0.1527 0.1356 0.0077  -0.0078 -0.0142 87  LEU A N   
649 C CA  . LEU A 87  ? 0.1391 0.1547 0.1365 0.0078  -0.0090 -0.0167 87  LEU A CA  
650 C C   . LEU A 87  ? 0.1466 0.1635 0.1417 0.0089  -0.0084 -0.0171 87  LEU A C   
651 O O   . LEU A 87  ? 0.1442 0.1607 0.1391 0.0086  -0.0069 -0.0157 87  LEU A O   
652 C CB  . LEU A 87  ? 0.1409 0.1555 0.1415 0.0060  -0.0089 -0.0177 87  LEU A CB  
653 C CG  . LEU A 87  ? 0.1512 0.1648 0.1527 0.0053  -0.0078 -0.0170 87  LEU A CG  
654 C CD1 . LEU A 87  ? 0.1795 0.1920 0.1834 0.0042  -0.0082 -0.0181 87  LEU A CD1 
655 C CD2 . LEU A 87  ? 0.1760 0.1884 0.1775 0.0044  -0.0070 -0.0147 87  LEU A CD2 
656 N N   . GLY A 88  ? 0.1675 0.1864 0.1612 0.0100  -0.0096 -0.0190 88  GLY A N   
657 C CA  . GLY A 88  ? 0.1832 0.2033 0.1736 0.0113  -0.0091 -0.0195 88  GLY A CA  
658 C C   . GLY A 88  ? 0.1922 0.2118 0.1791 0.0123  -0.0077 -0.0165 88  GLY A C   
659 O O   . GLY A 88  ? 0.2112 0.2303 0.1965 0.0131  -0.0083 -0.0149 88  GLY A O   
660 N N   . HIS A 89  ? 0.2067 0.2264 0.1927 0.0122  -0.0056 -0.0158 89  HIS A N   
661 C CA  . HIS A 89  ? 0.2359 0.2548 0.2191 0.0126  -0.0036 -0.0128 89  HIS A CA  
662 C C   . HIS A 89  ? 0.2296 0.2470 0.2162 0.0105  -0.0021 -0.0109 89  HIS A C   
663 O O   . HIS A 89  ? 0.2517 0.2686 0.2374 0.0100  0.0000  -0.0086 89  HIS A O   
664 C CB  . HIS A 89  ? 0.2498 0.2706 0.2300 0.0137  -0.0019 -0.0135 89  HIS A CB  
665 C CG  . HIS A 89  ? 0.3137 0.3362 0.2906 0.0154  -0.0036 -0.0163 89  HIS A CG  
666 N ND1 . HIS A 89  ? 0.3782 0.4014 0.3494 0.0173  -0.0044 -0.0156 89  HIS A ND1 
667 C CD2 . HIS A 89  ? 0.3479 0.3712 0.3260 0.0155  -0.0047 -0.0198 89  HIS A CD2 
668 C CE1 . HIS A 89  ? 0.3842 0.4091 0.3534 0.0183  -0.0061 -0.0190 89  HIS A CE1 
669 N NE2 . HIS A 89  ? 0.3910 0.4157 0.3647 0.0170  -0.0063 -0.0216 89  HIS A NE2 
670 N N   . SER A 90  ? 0.2063 0.2229 0.1971 0.0092  -0.0032 -0.0120 90  SER A N   
671 C CA  . SER A 90  ? 0.2037 0.2195 0.1979 0.0072  -0.0024 -0.0108 90  SER A CA  
672 C C   . SER A 90  ? 0.1878 0.2007 0.1824 0.0061  -0.0029 -0.0095 90  SER A C   
673 O O   . SER A 90  ? 0.1938 0.2059 0.1876 0.0069  -0.0043 -0.0101 90  SER A O   
674 C CB  . SER A 90  ? 0.2028 0.2192 0.2006 0.0065  -0.0031 -0.0128 90  SER A CB  
675 O OG  . SER A 90  ? 0.2249 0.2435 0.2228 0.0076  -0.0024 -0.0141 90  SER A OG  
676 N N   . GLU A 91  ? 0.1781 0.1898 0.1742 0.0043  -0.0018 -0.0080 91  GLU A N   
677 C CA  . GLU A 91  ? 0.1850 0.1935 0.1813 0.0031  -0.0020 -0.0072 91  GLU A CA  
678 C C   . GLU A 91  ? 0.1647 0.1734 0.1645 0.0009  -0.0022 -0.0076 91  GLU A C   
679 O O   . GLU A 91  ? 0.1797 0.1903 0.1815 -0.0002 -0.0012 -0.0071 91  GLU A O   
680 C CB  . GLU A 91  ? 0.2035 0.2094 0.1973 0.0030  -0.0004 -0.0047 91  GLU A CB  
681 C CG  . GLU A 91  ? 0.2721 0.2780 0.2617 0.0054  -0.0002 -0.0037 91  GLU A CG  
682 C CD  . GLU A 91  ? 0.3330 0.3346 0.3195 0.0055  0.0013  -0.0009 91  GLU A CD  
683 O OE1 . GLU A 91  ? 0.4075 0.4068 0.3957 0.0031  0.0026  0.0002  91  GLU A OE1 
684 O OE2 . GLU A 91  ? 0.3982 0.3990 0.3808 0.0080  0.0011  0.0002  91  GLU A OE2 
685 N N   . ILE A 92  ? 0.1524 0.1593 0.1529 0.0003  -0.0034 -0.0085 92  ILE A N   
686 C CA  . ILE A 92  ? 0.1488 0.1556 0.1516 -0.0016 -0.0041 -0.0089 92  ILE A CA  
687 C C   . ILE A 92  ? 0.1452 0.1484 0.1471 -0.0030 -0.0041 -0.0086 92  ILE A C   
688 O O   . ILE A 92  ? 0.1547 0.1556 0.1549 -0.0021 -0.0044 -0.0090 92  ILE A O   
689 C CB  . ILE A 92  ? 0.1467 0.1546 0.1506 -0.0011 -0.0055 -0.0104 92  ILE A CB  
690 C CG1 . ILE A 92  ? 0.1751 0.1860 0.1803 0.0001  -0.0054 -0.0110 92  ILE A CG1 
691 C CG2 . ILE A 92  ? 0.1672 0.1744 0.1724 -0.0028 -0.0063 -0.0106 92  ILE A CG2 
692 C CD1 . ILE A 92  ? 0.1903 0.2012 0.1961 0.0007  -0.0065 -0.0124 92  ILE A CD1 
693 N N   . ILE A 93  ? 0.1455 0.1483 0.1486 -0.0052 -0.0038 -0.0081 93  ILE A N   
694 C CA  . ILE A 93  ? 0.1589 0.1578 0.1611 -0.0070 -0.0038 -0.0083 93  ILE A CA  
695 C C   . ILE A 93  ? 0.1439 0.1432 0.1469 -0.0080 -0.0055 -0.0096 93  ILE A C   
696 O O   . ILE A 93  ? 0.1449 0.1473 0.1500 -0.0088 -0.0064 -0.0100 93  ILE A O   
697 C CB  . ILE A 93  ? 0.1682 0.1662 0.1714 -0.0093 -0.0026 -0.0072 93  ILE A CB  
698 C CG1 . ILE A 93  ? 0.2103 0.2079 0.2122 -0.0082 -0.0006 -0.0053 93  ILE A CG1 
699 C CG2 . ILE A 93  ? 0.2004 0.1934 0.2022 -0.0112 -0.0026 -0.0077 93  ILE A CG2 
700 C CD1 . ILE A 93  ? 0.2518 0.2500 0.2555 -0.0107 0.0010  -0.0040 93  ILE A CD1 
701 N N   . VAL A 94  ? 0.1396 0.1355 0.1402 -0.0078 -0.0057 -0.0104 94  VAL A N   
702 C CA  . VAL A 94  ? 0.1493 0.1450 0.1493 -0.0086 -0.0070 -0.0117 94  VAL A CA  
703 C C   . VAL A 94  ? 0.1582 0.1509 0.1571 -0.0110 -0.0072 -0.0124 94  VAL A C   
704 O O   . VAL A 94  ? 0.1754 0.1641 0.1727 -0.0112 -0.0061 -0.0125 94  VAL A O   
705 C CB  . VAL A 94  ? 0.1447 0.1388 0.1428 -0.0070 -0.0068 -0.0125 94  VAL A CB  
706 C CG1 . VAL A 94  ? 0.1779 0.1712 0.1745 -0.0080 -0.0076 -0.0135 94  VAL A CG1 
707 C CG2 . VAL A 94  ? 0.1582 0.1550 0.1574 -0.0051 -0.0066 -0.0122 94  VAL A CG2 
708 N N   . ARG A 95  ? 0.1575 0.1520 0.1575 -0.0129 -0.0088 -0.0131 95  ARG A N   
709 C CA  . ARG A 95  ? 0.1766 0.1685 0.1752 -0.0154 -0.0094 -0.0142 95  ARG A CA  
710 C C   . ARG A 95  ? 0.1848 0.1771 0.1814 -0.0158 -0.0113 -0.0155 95  ARG A C   
711 O O   . ARG A 95  ? 0.1715 0.1674 0.1692 -0.0149 -0.0125 -0.0149 95  ARG A O   
712 C CB  . ARG A 95  ? 0.1823 0.1768 0.1845 -0.0178 -0.0098 -0.0138 95  ARG A CB  
713 C CG  . ARG A 95  ? 0.2252 0.2181 0.2284 -0.0182 -0.0076 -0.0126 95  ARG A CG  
714 C CD  . ARG A 95  ? 0.2914 0.2877 0.2989 -0.0210 -0.0076 -0.0122 95  ARG A CD  
715 N NE  . ARG A 95  ? 0.3259 0.3215 0.3345 -0.0210 -0.0052 -0.0104 95  ARG A NE  
716 C CZ  . ARG A 95  ? 0.3182 0.3178 0.3288 -0.0194 -0.0041 -0.0089 95  ARG A CZ  
717 N NH1 . ARG A 95  ? 0.2449 0.2496 0.2572 -0.0176 -0.0053 -0.0091 95  ARG A NH1 
718 N NH2 . ARG A 95  ? 0.3668 0.3652 0.3774 -0.0196 -0.0016 -0.0072 95  ARG A NH2 
719 N N   . MET A 96  ? 0.1980 0.1862 0.1911 -0.0170 -0.0114 -0.0171 96  MET A N   
720 C CA  . MET A 96  ? 0.2281 0.2166 0.2183 -0.0177 -0.0133 -0.0183 96  MET A CA  
721 C C   . MET A 96  ? 0.2376 0.2267 0.2285 -0.0208 -0.0152 -0.0196 96  MET A C   
722 O O   . MET A 96  ? 0.2554 0.2419 0.2469 -0.0227 -0.0144 -0.0203 96  MET A O   
723 C CB  . MET A 96  ? 0.2378 0.2215 0.2232 -0.0169 -0.0120 -0.0196 96  MET A CB  
724 C CG  . MET A 96  ? 0.2606 0.2445 0.2452 -0.0143 -0.0106 -0.0188 96  MET A CG  
725 S SD  . MET A 96  ? 0.2769 0.2626 0.2656 -0.0122 -0.0090 -0.0171 96  MET A SD  
726 C CE  . MET A 96  ? 0.2332 0.2185 0.2203 -0.0099 -0.0075 -0.0171 96  MET A CE  
727 N N   . HIS A 97  ? 0.2329 0.2252 0.2231 -0.0214 -0.0178 -0.0199 97  HIS A N   
728 C CA  . HIS A 97  ? 0.2397 0.2331 0.2302 -0.0244 -0.0202 -0.0216 97  HIS A CA  
729 C C   . HIS A 97  ? 0.2346 0.2281 0.2200 -0.0241 -0.0225 -0.0226 97  HIS A C   
730 O O   . HIS A 97  ? 0.2094 0.2042 0.1934 -0.0218 -0.0227 -0.0212 97  HIS A O   
731 C CB  . HIS A 97  ? 0.2443 0.2442 0.2415 -0.0256 -0.0215 -0.0207 97  HIS A CB  
732 C CG  . HIS A 97  ? 0.2603 0.2656 0.2593 -0.0233 -0.0233 -0.0190 97  HIS A CG  
733 N ND1 . HIS A 97  ? 0.2759 0.2832 0.2778 -0.0207 -0.0216 -0.0170 97  HIS A ND1 
734 C CD2 . HIS A 97  ? 0.2694 0.2791 0.2687 -0.0232 -0.0265 -0.0191 97  HIS A CD2 
735 C CE1 . HIS A 97  ? 0.2554 0.2671 0.2588 -0.0191 -0.0236 -0.0159 97  HIS A CE1 
736 N NE2 . HIS A 97  ? 0.2947 0.3078 0.2964 -0.0204 -0.0266 -0.0170 97  HIS A NE2 
737 N N   . PRO A 98  ? 0.2308 0.2225 0.2134 -0.0267 -0.0242 -0.0251 98  PRO A N   
738 C CA  . PRO A 98  ? 0.2411 0.2329 0.2180 -0.0266 -0.0266 -0.0262 98  PRO A CA  
739 C C   . PRO A 98  ? 0.2456 0.2444 0.2253 -0.0266 -0.0304 -0.0251 98  PRO A C   
740 O O   . PRO A 98  ? 0.2458 0.2496 0.2321 -0.0278 -0.0315 -0.0247 98  PRO A O   
741 C CB  . PRO A 98  ? 0.2471 0.2348 0.2206 -0.0298 -0.0273 -0.0296 98  PRO A CB  
742 C CG  . PRO A 98  ? 0.2408 0.2292 0.2205 -0.0322 -0.0266 -0.0300 98  PRO A CG  
743 C CD  . PRO A 98  ? 0.2383 0.2269 0.2219 -0.0299 -0.0237 -0.0272 98  PRO A CD  
744 N N   . LEU A 99  ? 0.2596 0.2588 0.2342 -0.0249 -0.0321 -0.0245 99  LEU A N   
745 C CA  . LEU A 99  ? 0.2693 0.2747 0.2455 -0.0241 -0.0358 -0.0232 99  LEU A CA  
746 C C   . LEU A 99  ? 0.2916 0.2983 0.2638 -0.0261 -0.0398 -0.0255 99  LEU A C   
747 O O   . LEU A 99  ? 0.2906 0.2924 0.2555 -0.0272 -0.0396 -0.0277 99  LEU A O   
748 C CB  . LEU A 99  ? 0.2723 0.2769 0.2449 -0.0206 -0.0353 -0.0205 99  LEU A CB  
749 C CG  . LEU A 99  ? 0.2576 0.2620 0.2346 -0.0184 -0.0322 -0.0182 99  LEU A CG  
750 C CD1 . LEU A 99  ? 0.2835 0.2863 0.2566 -0.0156 -0.0317 -0.0158 99  LEU A CD1 
751 C CD2 . LEU A 99  ? 0.2835 0.2940 0.2688 -0.0183 -0.0334 -0.0173 99  LEU A CD2 
752 N N   . THR A 100 ? 0.3155 0.3295 0.2929 -0.0265 -0.0435 -0.0251 100 THR A N   
753 C CA  . THR A 100 ? 0.3465 0.3643 0.3207 -0.0268 -0.0484 -0.0259 100 THR A CA  
754 C C   . THR A 100 ? 0.3543 0.3764 0.3335 -0.0309 -0.0511 -0.0289 100 THR A C   
755 O O   . THR A 100 ? 0.3547 0.3821 0.3431 -0.0317 -0.0510 -0.0282 100 THR A O   
756 C CB  . THR A 100 ? 0.3604 0.3730 0.3234 -0.0260 -0.0489 -0.0265 100 THR A CB  
757 O OG1 . THR A 100 ? 0.3954 0.4062 0.3552 -0.0221 -0.0472 -0.0230 100 THR A OG1 
758 C CG2 . THR A 100 ? 0.3686 0.3851 0.3281 -0.0271 -0.0542 -0.0282 100 THR A CG2 
# 
